data_3WID
#
_entry.id   3WID
#
_cell.length_a   79.172
_cell.length_b   90.346
_cell.length_c   120.370
_cell.angle_alpha   90.000
_cell.angle_beta   90.840
_cell.angle_gamma   90.000
#
_symmetry.space_group_name_H-M   'P 1 21 1'
#
loop_
_entity.id
_entity.type
_entity.pdbx_description
1 polymer 'Glucose 1-dehydrogenase'
2 non-polymer 'ZINC ION'
3 non-polymer 'NADP NICOTINAMIDE-ADENINE-DINUCLEOTIDE PHOSPHATE'
4 non-polymer S-1,2-PROPANEDIOL
5 non-polymer 'PENTAETHYLENE GLYCOL'
6 water water
#
_entity_poly.entity_id   1
_entity_poly.type   'polypeptide(L)'
_entity_poly.pdbx_seq_one_letter_code
;MSTINAIVTDAPKGGVKYTKIDMPEPEKYEAKLKPVYIGICGTDRGEVAGALSFTYNPEGENFLVLGHEALLQVLDVSDN
NYIKRGDFVVPLVRRPGKCVNCRIGRQDNCSIGDPDKHEAGITGLHGFMRDVIYDDIQNLVKVNDPDLGKIAVLTEPLKN
VMKAFEVFDVVSKRSIFQNDDSTFIGKKMVVIGSGSEAFLYSFVGKDRGFDVTMVNRHDETENKMKMMDDFGVGFSNYLK
DMPDKIDLLVDTSGDPSTIFKFVKKVNNNGVVILFGFNGKAPGYPVNGEDIDYIVERNITIAGSVDAAKIHYVQALDSLS
NWYHRHPQTIKDIITYEAKPEETNIFFQKPKGEIKTVIKWPLEHHHHHH
;
_entity_poly.pdbx_strand_id   A,B,C,D
#
loop_
_chem_comp.id
_chem_comp.type
_chem_comp.name
_chem_comp.formula
1PE non-polymer 'PENTAETHYLENE GLYCOL' 'C10 H22 O6'
NAP non-polymer 'NADP NICOTINAMIDE-ADENINE-DINUCLEOTIDE PHOSPHATE' 'C21 H28 N7 O17 P3'
PGO non-polymer S-1,2-PROPANEDIOL 'C3 H8 O2'
ZN non-polymer 'ZINC ION' 'Zn 2'
#
# COMPACT_ATOMS: atom_id res chain seq x y z
N SER A 2 -40.79 18.59 21.55
CA SER A 2 -40.44 19.43 22.70
C SER A 2 -39.73 20.73 22.24
N THR A 3 -39.79 21.78 23.06
CA THR A 3 -39.27 23.11 22.66
C THR A 3 -37.86 23.37 23.20
N ILE A 4 -36.94 23.70 22.31
CA ILE A 4 -35.53 23.95 22.74
C ILE A 4 -34.98 25.19 22.09
N ASN A 5 -33.93 25.74 22.69
CA ASN A 5 -33.15 26.79 22.01
C ASN A 5 -32.19 26.19 20.97
N ALA A 6 -32.00 26.93 19.88
CA ALA A 6 -31.17 26.48 18.78
C ALA A 6 -30.76 27.65 17.94
N ILE A 7 -29.56 27.55 17.32
CA ILE A 7 -29.13 28.50 16.32
C ILE A 7 -29.39 27.90 14.93
N VAL A 8 -30.18 28.60 14.10
CA VAL A 8 -30.62 28.07 12.82
C VAL A 8 -30.45 29.01 11.64
N THR A 9 -30.67 28.43 10.45
CA THR A 9 -30.61 29.13 9.19
C THR A 9 -31.65 28.54 8.27
N ASP A 10 -31.70 29.09 7.08
CA ASP A 10 -32.60 28.60 6.09
C ASP A 10 -31.72 28.26 4.92
N ALA A 11 -31.32 27.00 4.82
CA ALA A 11 -30.37 26.67 3.77
C ALA A 11 -31.13 26.33 2.49
N PRO A 12 -30.63 26.77 1.35
CA PRO A 12 -29.42 27.50 1.13
C PRO A 12 -29.53 29.00 1.13
N LYS A 13 -30.72 29.54 1.46
CA LYS A 13 -31.00 30.99 1.36
C LYS A 13 -30.07 31.78 2.27
N GLY A 14 -30.12 31.51 3.56
CA GLY A 14 -29.14 32.11 4.43
C GLY A 14 -29.64 32.61 5.74
N GLY A 15 -28.92 33.56 6.32
CA GLY A 15 -29.36 34.21 7.53
C GLY A 15 -29.20 33.28 8.68
N VAL A 16 -29.33 33.82 9.89
CA VAL A 16 -29.09 33.06 11.10
C VAL A 16 -29.98 33.61 12.21
N LYS A 17 -30.48 32.77 13.11
CA LYS A 17 -31.06 33.31 14.32
C LYS A 17 -30.94 32.38 15.49
N TYR A 18 -30.79 32.95 16.67
CA TYR A 18 -30.89 32.19 17.87
C TYR A 18 -32.33 32.25 18.25
N THR A 19 -32.90 31.10 18.62
CA THR A 19 -34.34 30.99 18.73
C THR A 19 -34.87 29.71 19.40
N LYS A 20 -36.17 29.70 19.63
CA LYS A 20 -36.87 28.50 20.09
C LYS A 20 -37.27 27.72 18.83
N ILE A 21 -37.21 26.38 18.91
CA ILE A 21 -37.66 25.48 17.82
C ILE A 21 -38.31 24.23 18.41
N ASP A 22 -39.10 23.53 17.60
CA ASP A 22 -39.63 22.24 18.07
C ASP A 22 -38.91 21.04 17.50
N MET A 23 -38.37 20.21 18.38
CA MET A 23 -37.65 19.02 17.97
C MET A 23 -38.25 17.82 18.64
N PRO A 24 -38.21 16.67 17.95
CA PRO A 24 -38.72 15.48 18.59
C PRO A 24 -37.99 15.07 19.83
N GLU A 25 -38.69 14.36 20.70
CA GLU A 25 -38.12 13.89 21.93
C GLU A 25 -38.37 12.38 22.02
N PRO A 26 -37.55 11.58 21.32
CA PRO A 26 -37.75 10.16 21.31
C PRO A 26 -37.50 9.59 22.66
N GLU A 27 -38.39 8.73 23.09
CA GLU A 27 -38.18 7.98 24.30
C GLU A 27 -37.12 6.91 24.01
N LYS A 28 -37.05 6.44 22.77
CA LYS A 28 -36.11 5.39 22.38
C LYS A 28 -34.88 6.03 21.70
N TYR A 29 -33.72 5.86 22.32
CA TYR A 29 -32.48 6.39 21.72
C TYR A 29 -31.30 5.70 22.35
N GLU A 30 -30.19 5.72 21.64
CA GLU A 30 -28.94 5.24 22.20
C GLU A 30 -28.26 6.28 23.05
N ALA A 31 -28.20 7.52 22.57
CA ALA A 31 -27.56 8.59 23.32
C ALA A 31 -28.27 9.92 23.18
N LYS A 32 -28.22 10.68 24.28
CA LYS A 32 -28.82 11.95 24.43
C LYS A 32 -27.75 12.87 25.01
N LEU A 33 -27.58 14.03 24.42
CA LEU A 33 -26.43 14.87 24.72
C LEU A 33 -26.83 16.32 24.69
N LYS A 34 -25.99 17.15 25.31
CA LYS A 34 -26.05 18.60 25.13
C LYS A 34 -24.71 19.11 24.64
N PRO A 35 -24.73 20.25 23.94
CA PRO A 35 -23.49 20.88 23.52
C PRO A 35 -22.83 21.62 24.67
N VAL A 36 -21.51 21.54 24.71
CA VAL A 36 -20.66 22.28 25.69
C VAL A 36 -19.95 23.45 24.98
N TYR A 37 -19.35 23.17 23.81
CA TYR A 37 -18.75 24.14 22.94
C TYR A 37 -19.00 23.72 21.53
N ILE A 38 -19.17 24.70 20.65
CA ILE A 38 -19.28 24.50 19.21
C ILE A 38 -18.45 25.57 18.47
N GLY A 39 -17.42 25.10 17.72
CA GLY A 39 -16.63 25.93 16.82
C GLY A 39 -17.37 26.45 15.60
N ILE A 40 -16.91 27.56 15.07
CA ILE A 40 -17.36 28.02 13.74
C ILE A 40 -16.19 28.17 12.75
N CYS A 41 -16.50 28.01 11.48
CA CYS A 41 -15.49 28.07 10.42
C CYS A 41 -16.12 28.85 9.29
N GLY A 42 -15.39 28.99 8.19
CA GLY A 42 -15.88 29.75 7.04
C GLY A 42 -17.12 29.14 6.40
N THR A 43 -17.32 27.83 6.55
CA THR A 43 -18.53 27.21 6.00
C THR A 43 -19.80 27.70 6.75
N ASP A 44 -19.72 27.80 8.05
CA ASP A 44 -20.83 28.37 8.82
C ASP A 44 -21.17 29.77 8.23
N ARG A 45 -20.14 30.64 8.14
CA ARG A 45 -20.30 32.03 7.66
C ARG A 45 -20.81 32.08 6.24
N GLY A 46 -20.34 31.17 5.40
CA GLY A 46 -20.88 31.08 4.04
C GLY A 46 -22.29 30.53 3.96
N GLU A 47 -22.64 29.60 4.86
CA GLU A 47 -24.03 29.16 4.96
C GLU A 47 -24.92 30.39 5.24
N VAL A 48 -24.60 31.09 6.32
CA VAL A 48 -25.37 32.23 6.80
C VAL A 48 -25.42 33.40 5.80
N ALA A 49 -24.38 33.56 4.99
CA ALA A 49 -24.38 34.60 3.97
C ALA A 49 -25.04 34.18 2.68
N GLY A 50 -25.64 33.01 2.60
CA GLY A 50 -26.25 32.58 1.36
C GLY A 50 -25.26 32.24 0.27
N ALA A 51 -23.97 32.12 0.61
CA ALA A 51 -22.95 31.85 -0.39
C ALA A 51 -22.87 30.40 -0.89
N LEU A 52 -23.45 29.46 -0.14
CA LEU A 52 -23.35 28.06 -0.51
C LEU A 52 -24.68 27.59 -1.09
N SER A 53 -24.68 27.11 -2.32
CA SER A 53 -25.94 26.71 -2.96
C SER A 53 -26.27 25.21 -2.80
N PHE A 54 -25.27 24.38 -2.47
CA PHE A 54 -25.48 22.92 -2.30
C PHE A 54 -26.05 22.48 -0.93
N THR A 55 -26.04 23.38 0.05
CA THR A 55 -26.64 23.16 1.35
C THR A 55 -28.18 23.19 1.28
N TYR A 56 -28.83 22.44 2.17
CA TYR A 56 -30.29 22.38 2.23
C TYR A 56 -30.77 21.95 3.60
N ASN A 57 -32.05 22.20 3.87
CA ASN A 57 -32.65 21.86 5.16
C ASN A 57 -33.03 20.40 5.13
N PRO A 58 -33.21 19.80 6.30
CA PRO A 58 -33.61 18.43 6.32
C PRO A 58 -34.98 18.29 5.70
N GLU A 59 -35.23 17.15 5.09
CA GLU A 59 -36.45 16.89 4.39
C GLU A 59 -37.70 17.36 5.17
N GLY A 60 -38.57 18.09 4.47
CA GLY A 60 -39.83 18.59 5.02
C GLY A 60 -39.71 19.63 6.13
N GLU A 61 -38.57 20.32 6.20
CA GLU A 61 -38.37 21.35 7.23
C GLU A 61 -37.91 22.66 6.65
N ASN A 62 -38.08 23.74 7.41
CA ASN A 62 -37.80 25.06 6.86
C ASN A 62 -36.77 25.77 7.68
N PHE A 63 -35.99 25.01 8.41
CA PHE A 63 -34.73 25.52 8.93
C PHE A 63 -33.68 24.39 9.05
N LEU A 64 -32.44 24.78 9.27
CA LEU A 64 -31.33 23.85 9.47
C LEU A 64 -30.58 24.36 10.65
N VAL A 65 -30.50 23.58 11.72
CA VAL A 65 -29.68 23.94 12.88
C VAL A 65 -28.19 23.94 12.47
N LEU A 66 -27.45 25.02 12.82
CA LEU A 66 -26.07 25.20 12.45
C LEU A 66 -25.14 24.46 13.38
N GLY A 67 -23.94 24.23 12.87
CA GLY A 67 -22.84 23.87 13.73
C GLY A 67 -22.41 22.42 13.51
N HIS A 68 -21.15 22.23 13.09
CA HIS A 68 -20.56 20.91 12.89
C HIS A 68 -19.31 20.65 13.71
N GLU A 69 -18.79 21.67 14.42
CA GLU A 69 -17.61 21.49 15.29
C GLU A 69 -17.93 21.47 16.76
N ALA A 70 -18.28 20.31 17.29
CA ALA A 70 -18.95 20.28 18.57
C ALA A 70 -18.15 19.51 19.49
N LEU A 71 -18.33 19.85 20.75
CA LEU A 71 -17.87 19.10 21.87
C LEU A 71 -19.15 18.96 22.68
N LEU A 72 -19.56 17.74 23.01
CA LEU A 72 -20.86 17.48 23.60
C LEU A 72 -20.64 16.71 24.85
N GLN A 73 -21.63 16.73 25.75
CA GLN A 73 -21.59 15.90 26.96
C GLN A 73 -22.76 14.93 26.97
N VAL A 74 -22.53 13.70 27.36
CA VAL A 74 -23.56 12.71 27.35
C VAL A 74 -24.50 12.94 28.55
N LEU A 75 -25.79 13.21 28.27
CA LEU A 75 -26.79 13.30 29.34
C LEU A 75 -27.24 11.93 29.74
N ASP A 76 -27.32 11.02 28.79
CA ASP A 76 -27.95 9.72 29.05
C ASP A 76 -27.63 8.77 27.92
N VAL A 77 -27.48 7.48 28.19
CA VAL A 77 -27.08 6.57 27.16
C VAL A 77 -27.42 5.16 27.56
N SER A 78 -27.88 4.34 26.61
CA SER A 78 -28.18 2.93 26.92
C SER A 78 -26.91 2.17 27.30
N ASP A 79 -27.08 1.05 27.97
CA ASP A 79 -25.94 0.32 28.45
C ASP A 79 -25.00 0.07 27.31
N ASN A 80 -23.75 0.45 27.47
CA ASN A 80 -22.76 0.02 26.51
C ASN A 80 -21.40 0.01 27.14
N ASN A 81 -20.46 -0.50 26.40
CA ASN A 81 -19.13 -0.61 26.93
C ASN A 81 -18.23 0.57 26.70
N TYR A 82 -18.71 1.63 26.06
CA TYR A 82 -17.82 2.70 25.67
C TYR A 82 -17.99 3.99 26.40
N ILE A 83 -19.24 4.51 26.51
CA ILE A 83 -19.45 5.81 27.14
C ILE A 83 -20.60 5.77 28.13
N LYS A 84 -20.62 6.75 29.01
CA LYS A 84 -21.62 6.81 30.05
C LYS A 84 -22.01 8.25 30.37
N ARG A 85 -23.09 8.42 31.15
CA ARG A 85 -23.52 9.75 31.50
C ARG A 85 -22.33 10.55 31.95
N GLY A 86 -22.21 11.76 31.47
CA GLY A 86 -21.17 12.65 31.92
C GLY A 86 -19.92 12.72 31.03
N ASP A 87 -19.59 11.63 30.35
CA ASP A 87 -18.48 11.64 29.40
C ASP A 87 -18.68 12.77 28.40
N PHE A 88 -17.54 13.18 27.82
CA PHE A 88 -17.48 14.15 26.70
C PHE A 88 -17.17 13.46 25.38
N VAL A 89 -17.81 13.93 24.32
CA VAL A 89 -17.68 13.23 23.06
C VAL A 89 -17.67 14.27 22.00
N VAL A 90 -17.13 13.90 20.82
CA VAL A 90 -17.13 14.71 19.63
C VAL A 90 -17.99 13.93 18.62
N PRO A 91 -19.02 14.56 18.05
CA PRO A 91 -19.86 13.84 17.11
C PRO A 91 -19.33 13.93 15.67
N LEU A 92 -19.58 12.90 14.90
CA LEU A 92 -19.20 12.85 13.48
C LEU A 92 -20.04 13.84 12.78
N VAL A 93 -19.42 14.56 11.85
CA VAL A 93 -20.15 15.41 10.96
C VAL A 93 -20.84 14.63 9.84
N ARG A 94 -20.03 13.88 9.10
CA ARG A 94 -20.55 13.22 7.89
C ARG A 94 -21.12 11.89 8.29
N ARG A 95 -22.32 11.58 7.80
CA ARG A 95 -23.03 10.32 8.06
C ARG A 95 -23.10 9.49 6.79
N PRO A 96 -23.01 8.16 6.92
CA PRO A 96 -22.87 7.27 5.80
C PRO A 96 -24.14 7.14 4.97
N GLY A 97 -23.98 7.06 3.65
CA GLY A 97 -25.04 6.64 2.75
C GLY A 97 -24.91 5.16 2.57
N LYS A 98 -25.10 4.68 1.34
CA LYS A 98 -25.07 3.25 1.09
C LYS A 98 -23.90 2.75 0.22
N CYS A 99 -23.24 3.61 -0.53
CA CYS A 99 -22.09 3.17 -1.42
C CYS A 99 -21.02 2.30 -0.75
N VAL A 100 -20.12 1.78 -1.57
CA VAL A 100 -19.07 0.86 -1.15
C VAL A 100 -18.19 1.51 -0.09
N ASN A 101 -18.01 2.82 -0.16
CA ASN A 101 -17.15 3.50 0.77
C ASN A 101 -17.86 3.89 2.07
N CYS A 102 -19.09 4.36 1.99
CA CYS A 102 -19.90 4.66 3.14
C CYS A 102 -20.20 3.48 4.04
N ARG A 103 -20.42 2.32 3.47
CA ARG A 103 -20.73 1.14 4.25
C ARG A 103 -19.61 0.58 5.11
N ILE A 104 -18.37 0.93 4.82
CA ILE A 104 -17.24 0.57 5.66
C ILE A 104 -16.79 1.68 6.66
N GLY A 105 -17.57 2.74 6.78
CA GLY A 105 -17.22 3.89 7.62
C GLY A 105 -16.26 4.85 6.93
N ARG A 106 -16.25 4.81 5.60
CA ARG A 106 -15.48 5.75 4.86
C ARG A 106 -16.37 6.58 3.98
N GLN A 107 -17.41 7.11 4.58
CA GLN A 107 -18.23 8.15 3.91
C GLN A 107 -17.46 9.41 3.55
N ASP A 108 -16.35 9.68 4.27
CA ASP A 108 -15.49 10.78 3.84
C ASP A 108 -15.04 10.58 2.40
N ASN A 109 -15.08 9.34 1.96
CA ASN A 109 -14.70 9.00 0.58
C ASN A 109 -15.91 8.51 -0.20
N CYS A 110 -17.10 9.07 0.07
CA CYS A 110 -18.31 8.66 -0.61
C CYS A 110 -18.13 8.63 -2.14
N SER A 111 -18.53 7.54 -2.77
CA SER A 111 -18.41 7.42 -4.24
C SER A 111 -19.52 8.13 -5.03
N ILE A 112 -20.62 8.51 -4.35
CA ILE A 112 -21.75 9.21 -4.98
C ILE A 112 -21.73 10.69 -4.66
N GLY A 113 -21.38 11.06 -3.43
CA GLY A 113 -21.65 12.41 -2.98
C GLY A 113 -23.09 12.57 -2.51
N ASP A 114 -23.53 13.80 -2.46
CA ASP A 114 -24.94 14.06 -2.21
C ASP A 114 -25.82 13.32 -3.24
N PRO A 115 -26.85 12.60 -2.81
CA PRO A 115 -27.42 12.45 -1.46
C PRO A 115 -27.14 11.16 -0.77
N ASP A 116 -26.10 10.45 -1.18
CA ASP A 116 -25.69 9.28 -0.43
C ASP A 116 -25.21 9.66 0.99
N LYS A 117 -24.20 10.49 1.11
CA LYS A 117 -23.77 11.00 2.41
C LYS A 117 -24.48 12.29 2.78
N HIS A 118 -24.49 12.61 4.08
CA HIS A 118 -25.00 13.87 4.59
C HIS A 118 -24.17 14.42 5.70
N GLU A 119 -24.14 15.75 5.83
CA GLU A 119 -23.35 16.36 6.88
C GLU A 119 -24.11 17.22 7.84
N ALA A 120 -23.93 16.92 9.11
CA ALA A 120 -24.57 17.65 10.15
C ALA A 120 -24.29 19.12 10.01
N GLY A 121 -25.41 19.87 9.97
CA GLY A 121 -25.43 21.32 9.95
C GLY A 121 -25.10 21.88 8.60
N ILE A 122 -25.10 21.03 7.58
CA ILE A 122 -24.67 21.44 6.27
C ILE A 122 -25.62 20.92 5.23
N THR A 123 -25.82 19.61 5.14
CA THR A 123 -26.69 19.09 4.10
C THR A 123 -27.74 18.10 4.61
N GLY A 124 -28.96 18.60 4.81
CA GLY A 124 -30.10 17.71 5.11
C GLY A 124 -30.15 17.10 6.50
N LEU A 125 -29.30 17.59 7.39
CA LEU A 125 -29.21 17.05 8.72
C LEU A 125 -28.89 18.15 9.72
N HIS A 126 -29.65 18.18 10.81
CA HIS A 126 -29.47 19.21 11.79
C HIS A 126 -28.13 19.08 12.45
N GLY A 127 -27.56 20.24 12.68
CA GLY A 127 -26.29 20.39 13.39
C GLY A 127 -26.41 20.47 14.88
N PHE A 128 -25.39 20.99 15.55
CA PHE A 128 -25.27 20.73 17.00
C PHE A 128 -25.44 21.96 17.90
N MET A 129 -25.83 23.08 17.31
CA MET A 129 -26.09 24.30 18.07
C MET A 129 -27.55 24.30 18.54
N ARG A 130 -27.85 23.44 19.51
CA ARG A 130 -29.20 23.34 20.02
C ARG A 130 -29.06 22.69 21.35
N ASP A 131 -30.08 22.81 22.20
CA ASP A 131 -29.93 22.36 23.61
C ASP A 131 -29.76 20.90 23.78
N VAL A 132 -30.45 20.12 22.95
CA VAL A 132 -30.44 18.69 23.15
C VAL A 132 -30.22 18.06 21.80
N ILE A 133 -29.54 16.91 21.83
CA ILE A 133 -29.11 16.12 20.62
C ILE A 133 -29.17 14.60 20.96
N TYR A 134 -29.76 13.82 20.06
CA TYR A 134 -29.88 12.41 20.19
C TYR A 134 -29.04 11.85 19.08
N ASP A 135 -28.36 10.73 19.34
CA ASP A 135 -27.53 10.10 18.32
C ASP A 135 -27.30 8.67 18.68
N ASP A 136 -26.82 7.92 17.72
CA ASP A 136 -26.26 6.58 17.99
C ASP A 136 -24.83 6.64 18.53
N ILE A 137 -24.48 5.72 19.41
CA ILE A 137 -23.15 5.70 20.05
C ILE A 137 -21.98 5.65 19.04
N GLN A 138 -22.23 4.89 17.99
CA GLN A 138 -21.30 4.66 16.92
C GLN A 138 -20.88 5.97 16.28
N ASN A 139 -21.70 6.98 16.38
CA ASN A 139 -21.40 8.29 15.75
C ASN A 139 -20.75 9.27 16.66
N LEU A 140 -20.43 8.80 17.89
CA LEU A 140 -19.73 9.65 18.89
C LEU A 140 -18.26 9.19 19.15
N VAL A 141 -17.34 10.14 19.27
CA VAL A 141 -15.94 9.82 19.60
C VAL A 141 -15.62 10.32 21.00
N LYS A 142 -15.21 9.42 21.85
CA LYS A 142 -15.07 9.73 23.26
C LYS A 142 -13.77 10.47 23.49
N VAL A 143 -13.86 11.58 24.21
CA VAL A 143 -12.65 12.17 24.66
C VAL A 143 -12.17 11.50 25.88
N ASN A 144 -10.99 10.90 25.76
CA ASN A 144 -10.44 10.10 26.82
C ASN A 144 -9.47 10.88 27.68
N ASP A 145 -9.18 12.13 27.35
CA ASP A 145 -8.25 12.96 28.15
C ASP A 145 -9.05 13.95 28.97
N PRO A 146 -9.15 13.75 30.29
CA PRO A 146 -9.96 14.67 31.14
C PRO A 146 -9.42 16.08 31.17
N ASP A 147 -8.11 16.22 30.96
CA ASP A 147 -7.51 17.54 31.07
C ASP A 147 -7.80 18.40 29.89
N LEU A 148 -8.27 17.81 28.79
CA LEU A 148 -8.30 18.60 27.57
C LEU A 148 -9.30 19.74 27.67
N GLY A 149 -10.42 19.53 28.39
CA GLY A 149 -11.46 20.55 28.41
C GLY A 149 -11.88 21.01 27.04
N LYS A 150 -12.07 22.30 26.89
CA LYS A 150 -12.57 22.90 25.63
C LYS A 150 -11.66 22.70 24.40
N ILE A 151 -10.39 22.44 24.62
CA ILE A 151 -9.49 22.15 23.52
C ILE A 151 -10.06 21.08 22.61
N ALA A 152 -10.83 20.17 23.18
CA ALA A 152 -11.34 19.05 22.41
C ALA A 152 -12.29 19.49 21.34
N VAL A 153 -12.77 20.73 21.40
CA VAL A 153 -13.65 21.28 20.34
C VAL A 153 -12.90 21.48 19.01
N LEU A 154 -11.60 21.43 19.10
CA LEU A 154 -10.76 21.51 17.93
C LEU A 154 -10.68 20.16 17.17
N THR A 155 -11.30 19.14 17.69
CA THR A 155 -11.24 17.83 17.08
C THR A 155 -11.72 17.83 15.66
N GLU A 156 -12.84 18.48 15.38
CA GLU A 156 -13.37 18.45 14.01
C GLU A 156 -12.42 19.10 12.96
N PRO A 157 -11.95 20.32 13.21
CA PRO A 157 -11.13 20.87 12.14
C PRO A 157 -9.80 20.09 12.02
N LEU A 158 -9.30 19.56 13.13
CA LEU A 158 -8.09 18.75 13.08
C LEU A 158 -8.27 17.39 12.35
N LYS A 159 -9.42 16.75 12.47
CA LYS A 159 -9.57 15.46 11.74
C LYS A 159 -9.45 15.60 10.23
N ASN A 160 -9.82 16.75 9.68
CA ASN A 160 -9.60 16.96 8.27
C ASN A 160 -8.13 16.82 7.91
N VAL A 161 -7.29 17.29 8.83
CA VAL A 161 -5.83 17.29 8.67
C VAL A 161 -5.37 15.85 8.70
N MET A 162 -5.95 15.03 9.59
CA MET A 162 -5.48 13.67 9.72
C MET A 162 -5.77 12.83 8.46
N LYS A 163 -6.93 13.02 7.89
CA LYS A 163 -7.27 12.38 6.65
C LYS A 163 -6.41 12.85 5.51
N ALA A 164 -6.24 14.16 5.36
CA ALA A 164 -5.28 14.65 4.40
C ALA A 164 -3.89 13.99 4.53
N PHE A 165 -3.38 13.81 5.72
CA PHE A 165 -2.08 13.19 5.85
C PHE A 165 -2.16 11.69 5.49
N GLU A 166 -3.34 11.10 5.63
CA GLU A 166 -3.54 9.74 5.25
C GLU A 166 -3.38 9.71 3.74
N VAL A 167 -3.96 10.70 3.08
CA VAL A 167 -3.91 10.81 1.63
C VAL A 167 -2.46 10.92 1.19
N PHE A 168 -1.70 11.68 1.95
CA PHE A 168 -0.30 11.85 1.70
C PHE A 168 0.43 10.51 1.84
N ASP A 169 0.15 9.79 2.92
CA ASP A 169 0.82 8.51 3.15
C ASP A 169 0.54 7.54 1.99
N VAL A 170 -0.69 7.51 1.49
CA VAL A 170 -1.10 6.63 0.43
C VAL A 170 -0.36 7.02 -0.86
N VAL A 171 -0.49 8.28 -1.31
CA VAL A 171 -0.01 8.64 -2.64
C VAL A 171 1.51 8.74 -2.72
N SER A 172 2.14 9.09 -1.62
CA SER A 172 3.61 9.16 -1.58
C SER A 172 4.27 7.79 -1.61
N LYS A 173 3.47 6.70 -1.53
CA LYS A 173 4.05 5.37 -1.80
C LYS A 173 4.44 5.13 -3.31
N ARG A 174 4.21 6.13 -4.17
CA ARG A 174 4.57 5.97 -5.56
C ARG A 174 6.07 5.99 -5.84
N SER A 175 6.88 6.44 -4.89
CA SER A 175 8.31 6.37 -5.00
C SER A 175 8.87 6.41 -3.59
N ILE A 176 10.17 6.32 -3.41
CA ILE A 176 10.78 6.64 -2.11
C ILE A 176 10.78 8.20 -1.89
N PHE A 177 9.93 8.65 -0.97
CA PHE A 177 9.77 10.05 -0.62
C PHE A 177 10.82 10.44 0.41
N GLN A 178 11.21 9.48 1.24
CA GLN A 178 12.12 9.73 2.38
C GLN A 178 13.56 9.92 1.89
N ASN A 179 14.42 10.45 2.78
CA ASN A 179 15.88 10.45 2.56
C ASN A 179 16.43 9.00 2.52
N ASP A 180 17.67 8.90 2.09
CA ASP A 180 18.33 7.63 2.10
C ASP A 180 18.75 7.17 3.48
N ASP A 181 18.36 7.92 4.50
CA ASP A 181 18.52 7.39 5.87
C ASP A 181 17.20 6.89 6.49
N SER A 182 16.15 6.89 5.68
CA SER A 182 14.78 6.44 6.01
C SER A 182 13.88 7.50 6.61
N THR A 183 14.36 8.74 6.82
CA THR A 183 13.62 9.75 7.61
C THR A 183 13.07 10.81 6.74
N PHE A 184 12.26 11.67 7.37
CA PHE A 184 11.80 12.90 6.77
C PHE A 184 12.66 14.13 7.12
N ILE A 185 13.82 13.91 7.71
CA ILE A 185 14.61 15.09 8.24
C ILE A 185 14.99 16.05 7.08
N GLY A 186 14.68 17.34 7.19
CA GLY A 186 15.01 18.25 6.12
C GLY A 186 13.97 18.34 5.05
N LYS A 187 12.96 17.45 5.06
CA LYS A 187 11.94 17.57 4.04
C LYS A 187 11.09 18.76 4.33
N LYS A 188 10.66 19.44 3.30
CA LYS A 188 10.12 20.75 3.50
C LYS A 188 8.63 20.77 3.21
N MET A 189 7.87 21.26 4.19
CA MET A 189 6.41 21.46 4.03
C MET A 189 6.09 22.95 4.08
N VAL A 190 5.27 23.38 3.14
CA VAL A 190 4.80 24.69 3.07
C VAL A 190 3.31 24.63 3.08
N VAL A 191 2.72 25.48 3.90
CA VAL A 191 1.26 25.56 4.09
C VAL A 191 0.79 26.95 3.72
N ILE A 192 -0.01 27.02 2.66
CA ILE A 192 -0.46 28.29 2.23
C ILE A 192 -1.59 28.67 3.23
N GLY A 193 -1.49 29.85 3.81
CA GLY A 193 -2.41 30.32 4.81
C GLY A 193 -1.86 30.30 6.21
N SER A 194 -2.48 31.05 7.10
CA SER A 194 -2.07 31.10 8.49
C SER A 194 -3.25 31.12 9.47
N GLY A 195 -4.36 30.55 9.04
CA GLY A 195 -5.55 30.38 9.84
C GLY A 195 -5.52 29.10 10.64
N SER A 196 -6.62 28.77 11.30
CA SER A 196 -6.64 27.67 12.18
C SER A 196 -6.32 26.32 11.44
N GLU A 197 -6.88 26.08 10.30
CA GLU A 197 -6.56 24.87 9.54
C GLU A 197 -5.04 24.80 9.21
N ALA A 198 -4.51 25.92 8.76
CA ALA A 198 -3.06 25.97 8.48
C ALA A 198 -2.22 25.71 9.71
N PHE A 199 -2.68 26.21 10.88
CA PHE A 199 -1.94 25.93 12.11
C PHE A 199 -1.96 24.42 12.39
N LEU A 200 -3.14 23.83 12.23
CA LEU A 200 -3.28 22.41 12.54
C LEU A 200 -2.44 21.51 11.55
N TYR A 201 -2.47 21.84 10.29
CA TYR A 201 -1.63 21.17 9.32
C TYR A 201 -0.19 21.28 9.71
N SER A 202 0.21 22.50 10.06
CA SER A 202 1.61 22.78 10.39
C SER A 202 2.05 21.97 11.54
N PHE A 203 1.20 21.84 12.53
CA PHE A 203 1.61 21.07 13.73
C PHE A 203 1.73 19.56 13.50
N VAL A 204 0.78 19.01 12.74
CA VAL A 204 0.87 17.58 12.35
C VAL A 204 2.12 17.42 11.48
N GLY A 205 2.38 18.39 10.61
CA GLY A 205 3.62 18.35 9.83
C GLY A 205 4.89 18.13 10.59
N LYS A 206 5.01 18.84 11.72
CA LYS A 206 6.18 18.75 12.55
C LYS A 206 6.25 17.43 13.24
N ASP A 207 5.11 16.94 13.71
CA ASP A 207 5.08 15.62 14.32
C ASP A 207 5.54 14.64 13.30
N ARG A 208 5.19 14.79 12.02
CA ARG A 208 5.66 13.87 10.97
C ARG A 208 7.16 13.99 10.59
N GLY A 209 7.89 14.91 11.24
CA GLY A 209 9.30 15.14 10.98
C GLY A 209 9.63 16.18 9.88
N PHE A 210 8.64 16.84 9.29
CA PHE A 210 8.93 17.88 8.26
C PHE A 210 9.47 19.18 8.93
N ASP A 211 10.23 19.99 8.16
CA ASP A 211 10.51 21.41 8.43
C ASP A 211 9.35 22.13 7.82
N VAL A 212 8.63 22.88 8.64
CA VAL A 212 7.39 23.45 8.20
C VAL A 212 7.41 24.97 8.16
N THR A 213 6.75 25.57 7.17
CA THR A 213 6.62 27.01 7.10
C THR A 213 5.18 27.37 6.62
N MET A 214 4.44 28.15 7.42
CA MET A 214 3.18 28.73 6.93
C MET A 214 3.46 30.04 6.15
N VAL A 215 2.62 30.37 5.19
CA VAL A 215 2.86 31.52 4.43
C VAL A 215 1.57 32.22 4.13
N ASN A 216 1.69 33.54 4.01
CA ASN A 216 0.56 34.39 3.61
C ASN A 216 1.08 35.62 2.84
N ARG A 217 0.14 36.34 2.22
CA ARG A 217 0.44 37.54 1.40
C ARG A 217 0.50 38.85 2.22
N HIS A 218 0.85 38.74 3.49
CA HIS A 218 0.89 39.85 4.41
C HIS A 218 1.53 39.31 5.67
N ASP A 219 2.09 40.21 6.47
CA ASP A 219 2.72 39.85 7.73
C ASP A 219 1.71 39.36 8.74
N GLU A 220 2.19 38.68 9.75
CA GLU A 220 1.25 38.14 10.74
C GLU A 220 1.38 38.84 12.10
N THR A 221 0.37 38.64 12.95
CA THR A 221 0.36 39.21 14.31
C THR A 221 1.48 38.58 15.10
N GLU A 222 1.88 39.26 16.16
CA GLU A 222 2.99 38.73 16.92
C GLU A 222 2.51 37.54 17.72
N ASN A 223 1.21 37.45 17.95
CA ASN A 223 0.72 36.32 18.74
C ASN A 223 0.84 35.04 17.88
N LYS A 224 0.31 35.08 16.68
CA LYS A 224 0.50 34.00 15.74
C LYS A 224 1.95 33.61 15.59
N MET A 225 2.80 34.59 15.40
CA MET A 225 4.22 34.35 15.27
C MET A 225 4.76 33.60 16.45
N LYS A 226 4.31 33.92 17.65
CA LYS A 226 4.92 33.31 18.83
C LYS A 226 4.34 31.91 19.01
N MET A 227 3.13 31.73 18.49
CA MET A 227 2.51 30.41 18.48
C MET A 227 3.32 29.50 17.52
N MET A 228 3.55 29.99 16.32
CA MET A 228 4.35 29.25 15.33
C MET A 228 5.66 28.92 15.97
N ASP A 229 6.30 29.91 16.58
CA ASP A 229 7.62 29.72 17.19
C ASP A 229 7.64 28.71 18.32
N ASP A 230 6.55 28.62 19.10
CA ASP A 230 6.53 27.58 20.14
C ASP A 230 6.58 26.12 19.60
N PHE A 231 6.02 25.93 18.40
CA PHE A 231 5.92 24.61 17.77
C PHE A 231 7.02 24.34 16.71
N GLY A 232 7.95 25.27 16.52
CA GLY A 232 9.05 25.06 15.54
C GLY A 232 8.63 25.35 14.10
N VAL A 233 7.54 26.10 13.90
CA VAL A 233 7.01 26.43 12.63
C VAL A 233 7.35 27.88 12.18
N GLY A 234 7.82 27.99 10.93
CA GLY A 234 8.36 29.21 10.45
C GLY A 234 7.25 29.88 9.77
N PHE A 235 7.44 31.13 9.45
CA PHE A 235 6.45 31.86 8.69
C PHE A 235 7.10 32.67 7.60
N SER A 236 6.36 32.97 6.55
CA SER A 236 6.91 33.83 5.59
C SER A 236 5.82 34.50 4.83
N ASN A 237 5.82 35.83 4.92
CA ASN A 237 5.12 36.69 3.97
C ASN A 237 5.76 36.47 2.62
N TYR A 238 5.02 35.84 1.71
CA TYR A 238 5.67 35.31 0.51
C TYR A 238 5.95 36.37 -0.52
N LEU A 239 5.25 37.49 -0.43
CA LEU A 239 5.59 38.71 -1.22
C LEU A 239 6.93 39.36 -0.86
N LYS A 240 7.57 38.90 0.19
CA LYS A 240 8.90 39.36 0.55
C LYS A 240 9.97 38.29 0.45
N ASP A 241 9.59 37.01 0.61
CA ASP A 241 10.48 35.88 0.30
C ASP A 241 9.72 34.60 0.07
N MET A 242 9.63 34.26 -1.20
CA MET A 242 9.00 33.09 -1.71
C MET A 242 9.77 31.84 -1.32
N PRO A 243 9.15 30.92 -0.53
CA PRO A 243 9.81 29.62 -0.28
C PRO A 243 10.05 28.82 -1.56
N ASP A 244 11.15 28.11 -1.61
CA ASP A 244 11.40 27.28 -2.80
C ASP A 244 11.71 25.81 -2.42
N LYS A 245 11.74 24.93 -3.42
CA LYS A 245 12.15 23.52 -3.17
C LYS A 245 11.29 22.80 -2.12
N ILE A 246 10.01 22.71 -2.43
CA ILE A 246 9.01 22.23 -1.50
C ILE A 246 8.66 20.75 -1.73
N ASP A 247 8.69 19.95 -0.68
CA ASP A 247 8.36 18.52 -0.82
C ASP A 247 6.89 18.20 -0.62
N LEU A 248 6.25 18.92 0.28
CA LEU A 248 4.84 18.71 0.59
C LEU A 248 4.25 20.07 0.67
N LEU A 249 3.28 20.33 -0.16
CA LEU A 249 2.62 21.61 -0.17
C LEU A 249 1.18 21.44 0.14
N VAL A 250 0.65 22.21 1.08
CA VAL A 250 -0.79 22.15 1.38
C VAL A 250 -1.39 23.52 1.24
N ASP A 251 -2.54 23.60 0.59
CA ASP A 251 -3.25 24.82 0.48
C ASP A 251 -4.56 24.96 1.30
N THR A 252 -4.60 26.01 2.09
CA THR A 252 -5.84 26.36 2.80
C THR A 252 -6.52 27.60 2.27
N SER A 253 -6.01 28.19 1.19
CA SER A 253 -6.60 29.45 0.61
C SER A 253 -7.77 29.22 -0.34
N GLY A 254 -7.64 28.27 -1.23
CA GLY A 254 -8.68 28.03 -2.19
C GLY A 254 -8.39 28.88 -3.40
N ASP A 255 -7.22 29.51 -3.41
CA ASP A 255 -6.90 30.49 -4.47
C ASP A 255 -5.93 29.95 -5.51
N PRO A 256 -6.39 29.80 -6.77
CA PRO A 256 -5.66 29.25 -7.90
C PRO A 256 -4.30 29.84 -8.14
N SER A 257 -4.26 31.16 -8.23
CA SER A 257 -3.01 31.86 -8.49
C SER A 257 -1.96 31.48 -7.46
N THR A 258 -2.34 31.52 -6.20
CA THR A 258 -1.42 31.17 -5.13
C THR A 258 -1.07 29.66 -5.21
N ILE A 259 -2.07 28.83 -5.51
CA ILE A 259 -1.80 27.38 -5.57
C ILE A 259 -0.71 27.10 -6.63
N PHE A 260 -0.99 27.53 -7.84
CA PHE A 260 -0.15 27.17 -8.96
C PHE A 260 1.19 27.89 -8.87
N LYS A 261 1.24 29.00 -8.18
CA LYS A 261 2.52 29.66 -7.99
C LYS A 261 3.46 28.84 -7.10
N PHE A 262 2.91 28.26 -6.06
CA PHE A 262 3.72 27.41 -5.20
C PHE A 262 3.96 26.02 -5.82
N VAL A 263 3.04 25.51 -6.62
CA VAL A 263 3.27 24.25 -7.34
C VAL A 263 4.63 24.34 -8.08
N LYS A 264 4.87 25.47 -8.73
CA LYS A 264 6.13 25.58 -9.50
C LYS A 264 7.37 25.50 -8.66
N LYS A 265 7.26 25.54 -7.35
CA LYS A 265 8.45 25.31 -6.45
C LYS A 265 8.54 23.88 -5.86
N VAL A 266 7.64 23.00 -6.29
CA VAL A 266 7.62 21.65 -5.68
C VAL A 266 8.74 20.77 -6.25
N ASN A 267 9.45 20.06 -5.41
CA ASN A 267 10.43 19.13 -5.89
C ASN A 267 9.86 17.93 -6.66
N ASN A 268 10.81 17.16 -7.21
CA ASN A 268 10.55 15.87 -7.78
C ASN A 268 9.96 14.97 -6.63
N ASN A 269 8.96 14.22 -7.05
CA ASN A 269 8.13 13.37 -6.19
C ASN A 269 7.35 14.18 -5.16
N GLY A 270 7.07 15.46 -5.42
CA GLY A 270 6.50 16.22 -4.33
C GLY A 270 5.03 15.99 -4.31
N VAL A 271 4.41 16.37 -3.21
CA VAL A 271 2.94 16.18 -3.04
C VAL A 271 2.31 17.47 -2.69
N VAL A 272 1.22 17.75 -3.38
CA VAL A 272 0.42 18.89 -3.15
C VAL A 272 -0.96 18.47 -2.73
N ILE A 273 -1.40 19.02 -1.59
CA ILE A 273 -2.74 18.71 -1.08
C ILE A 273 -3.62 19.93 -1.26
N LEU A 274 -4.74 19.77 -1.95
CA LEU A 274 -5.67 20.84 -2.09
C LEU A 274 -6.75 20.59 -1.08
N PHE A 275 -6.91 21.55 -0.19
CA PHE A 275 -7.84 21.43 0.90
C PHE A 275 -8.77 22.62 0.99
N GLY A 276 -8.23 23.81 0.77
CA GLY A 276 -9.02 25.00 0.81
C GLY A 276 -9.93 25.11 -0.38
N PHE A 277 -11.06 25.75 -0.22
CA PHE A 277 -11.84 26.15 -1.35
C PHE A 277 -12.59 27.47 -1.16
N ASN A 278 -12.70 28.18 -2.28
CA ASN A 278 -13.37 29.44 -2.37
C ASN A 278 -13.90 29.61 -3.80
N GLY A 279 -15.20 29.40 -3.96
CA GLY A 279 -15.85 29.42 -5.28
C GLY A 279 -15.73 30.76 -5.98
N LYS A 280 -15.54 31.82 -5.21
CA LYS A 280 -15.40 33.16 -5.77
C LYS A 280 -13.99 33.45 -6.25
N ALA A 281 -13.09 32.48 -6.17
CA ALA A 281 -11.67 32.81 -6.36
C ALA A 281 -11.42 33.03 -7.83
N PRO A 282 -10.64 34.08 -8.17
CA PRO A 282 -10.41 34.48 -9.54
C PRO A 282 -9.58 33.42 -10.28
N GLY A 283 -9.77 33.35 -11.60
CA GLY A 283 -9.15 32.38 -12.47
C GLY A 283 -7.69 32.63 -12.60
N TYR A 284 -6.90 31.57 -12.79
CA TYR A 284 -5.49 31.74 -13.08
C TYR A 284 -5.07 30.89 -14.25
N PRO A 285 -4.38 31.50 -15.23
CA PRO A 285 -4.08 30.79 -16.45
C PRO A 285 -3.00 29.79 -16.16
N VAL A 286 -3.38 28.52 -16.26
CA VAL A 286 -2.43 27.40 -16.18
C VAL A 286 -2.06 27.04 -17.62
N ASN A 287 -0.78 27.09 -17.95
CA ASN A 287 -0.34 26.81 -19.33
C ASN A 287 0.44 25.48 -19.45
N GLY A 288 0.78 25.14 -20.71
CA GLY A 288 1.44 23.87 -21.07
C GLY A 288 2.72 23.64 -20.29
N GLU A 289 3.38 24.75 -19.98
CA GLU A 289 4.60 24.76 -19.21
C GLU A 289 4.37 24.30 -17.74
N ASP A 290 3.23 24.68 -17.16
CA ASP A 290 2.89 24.29 -15.79
C ASP A 290 2.56 22.78 -15.71
N ILE A 291 1.87 22.27 -16.73
CA ILE A 291 1.55 20.85 -16.88
C ILE A 291 2.84 20.05 -16.97
N ASP A 292 3.70 20.43 -17.91
CA ASP A 292 4.95 19.74 -18.09
C ASP A 292 5.75 19.62 -16.79
N TYR A 293 5.75 20.71 -16.01
CA TYR A 293 6.52 20.81 -14.82
C TYR A 293 6.05 19.68 -13.85
N ILE A 294 4.74 19.46 -13.79
CA ILE A 294 4.08 18.51 -12.88
C ILE A 294 4.45 17.13 -13.35
N VAL A 295 4.26 16.92 -14.65
CA VAL A 295 4.66 15.66 -15.29
C VAL A 295 6.10 15.26 -15.10
N GLU A 296 7.04 16.09 -15.51
CA GLU A 296 8.43 15.67 -15.46
C GLU A 296 8.93 15.44 -14.04
N ARG A 297 8.16 15.85 -13.02
CA ARG A 297 8.59 15.74 -11.65
C ARG A 297 7.88 14.63 -10.88
N ASN A 298 6.96 13.93 -11.54
CA ASN A 298 6.21 12.84 -10.90
C ASN A 298 5.45 13.31 -9.67
N ILE A 299 4.98 14.54 -9.79
CA ILE A 299 4.18 15.22 -8.78
C ILE A 299 2.78 14.70 -8.75
N THR A 300 2.19 14.71 -7.55
CA THR A 300 0.85 14.33 -7.34
C THR A 300 0.07 15.48 -6.67
N ILE A 301 -1.14 15.71 -7.17
CA ILE A 301 -1.95 16.80 -6.68
C ILE A 301 -3.20 16.17 -6.25
N ALA A 302 -3.47 16.16 -4.94
CA ALA A 302 -4.63 15.47 -4.42
C ALA A 302 -5.62 16.35 -3.63
N GLY A 303 -6.90 16.30 -4.03
CA GLY A 303 -7.93 16.96 -3.25
C GLY A 303 -8.29 16.04 -2.09
N SER A 304 -8.59 16.65 -0.94
CA SER A 304 -8.98 15.93 0.26
C SER A 304 -10.13 16.61 0.95
N VAL A 305 -11.22 15.90 1.22
CA VAL A 305 -12.33 16.47 1.99
C VAL A 305 -12.70 15.55 3.16
N ASP A 306 -12.95 16.17 4.32
CA ASP A 306 -13.57 15.51 5.49
C ASP A 306 -12.64 14.41 6.00
N ALA A 307 -13.16 13.49 6.78
CA ALA A 307 -12.33 12.46 7.37
C ALA A 307 -13.22 11.40 7.95
N ALA A 308 -12.61 10.26 8.26
CA ALA A 308 -13.29 9.15 8.90
C ALA A 308 -13.21 9.20 10.41
N LYS A 309 -14.00 8.37 11.09
CA LYS A 309 -14.03 8.40 12.54
C LYS A 309 -12.62 8.13 13.14
N ILE A 310 -11.83 7.25 12.52
CA ILE A 310 -10.49 6.99 12.98
C ILE A 310 -9.64 8.25 13.05
N HIS A 311 -9.84 9.15 12.10
CA HIS A 311 -9.19 10.45 12.11
C HIS A 311 -9.61 11.40 13.25
N TYR A 312 -10.88 11.31 13.67
CA TYR A 312 -11.32 11.93 14.91
C TYR A 312 -10.57 11.37 16.10
N VAL A 313 -10.39 10.07 16.23
CA VAL A 313 -9.64 9.55 17.36
C VAL A 313 -8.19 10.07 17.26
N GLN A 314 -7.58 10.03 16.09
CA GLN A 314 -6.18 10.47 15.95
C GLN A 314 -6.05 11.93 16.31
N ALA A 315 -7.04 12.71 15.92
CA ALA A 315 -7.09 14.12 16.26
C ALA A 315 -7.08 14.36 17.75
N LEU A 316 -7.92 13.66 18.48
CA LEU A 316 -7.93 13.81 19.92
C LEU A 316 -6.58 13.41 20.52
N ASP A 317 -5.93 12.42 19.95
CA ASP A 317 -4.71 11.95 20.59
C ASP A 317 -3.66 13.06 20.40
N SER A 318 -3.62 13.63 19.21
CA SER A 318 -2.73 14.75 18.97
C SER A 318 -2.95 15.98 19.79
N LEU A 319 -4.20 16.44 19.92
CA LEU A 319 -4.55 17.61 20.74
C LEU A 319 -4.07 17.39 22.16
N SER A 320 -4.27 16.22 22.68
CA SER A 320 -3.79 15.88 23.98
C SER A 320 -2.24 15.87 24.04
N ASN A 321 -1.55 15.24 23.06
CA ASN A 321 -0.08 15.29 23.06
C ASN A 321 0.37 16.76 23.00
N TRP A 322 -0.28 17.60 22.19
CA TRP A 322 0.14 18.95 22.07
C TRP A 322 -0.07 19.72 23.38
N TYR A 323 -1.25 19.53 23.98
CA TYR A 323 -1.64 20.29 25.16
C TYR A 323 -0.72 20.03 26.38
N HIS A 324 -0.33 18.79 26.57
CA HIS A 324 0.62 18.43 27.58
C HIS A 324 2.08 18.80 27.26
N ARG A 325 2.35 19.45 26.14
CA ARG A 325 3.68 19.94 25.85
C ARG A 325 3.66 21.47 25.76
N HIS A 326 2.63 22.02 25.17
CA HIS A 326 2.59 23.42 24.88
C HIS A 326 1.21 23.97 25.22
N PRO A 327 0.80 23.86 26.49
CA PRO A 327 -0.56 24.20 26.90
C PRO A 327 -1.03 25.57 26.54
N GLN A 328 -0.12 26.53 26.47
CA GLN A 328 -0.56 27.92 26.30
C GLN A 328 -0.91 28.21 24.90
N THR A 329 -0.02 27.80 24.01
CA THR A 329 -0.21 28.09 22.59
C THR A 329 -1.45 27.33 22.09
N ILE A 330 -1.67 26.12 22.59
CA ILE A 330 -2.91 25.38 22.26
C ILE A 330 -4.14 26.17 22.71
N LYS A 331 -4.17 26.63 23.98
CA LYS A 331 -5.29 27.49 24.45
C LYS A 331 -5.48 28.69 23.59
N ASP A 332 -4.39 29.29 23.17
CA ASP A 332 -4.48 30.48 22.34
C ASP A 332 -5.03 30.22 20.94
N ILE A 333 -5.31 28.94 20.59
CA ILE A 333 -5.99 28.70 19.29
C ILE A 333 -7.45 29.23 19.42
N ILE A 334 -8.01 29.09 20.59
CA ILE A 334 -9.41 29.46 20.78
C ILE A 334 -9.34 30.96 21.14
N THR A 335 -9.72 31.82 20.23
CA THR A 335 -9.49 33.22 20.45
C THR A 335 -10.69 33.99 20.96
N TYR A 336 -11.88 33.38 20.97
CA TYR A 336 -13.07 34.05 21.47
C TYR A 336 -14.13 33.05 21.83
N GLU A 337 -14.69 33.15 23.04
CA GLU A 337 -15.82 32.30 23.46
C GLU A 337 -17.08 33.16 23.47
N ALA A 338 -17.87 33.05 22.41
CA ALA A 338 -19.13 33.79 22.24
C ALA A 338 -20.28 33.13 22.97
N LYS A 339 -21.35 33.90 23.15
CA LYS A 339 -22.61 33.36 23.61
C LYS A 339 -23.52 33.16 22.42
N PRO A 340 -24.51 32.24 22.55
CA PRO A 340 -25.29 31.97 21.36
C PRO A 340 -26.04 33.14 20.79
N GLU A 341 -26.34 34.12 21.65
CA GLU A 341 -26.98 35.37 21.20
C GLU A 341 -26.13 36.21 20.26
N GLU A 342 -24.79 36.00 20.23
CA GLU A 342 -23.89 36.89 19.47
C GLU A 342 -23.75 36.39 18.08
N THR A 343 -24.88 36.34 17.38
CA THR A 343 -24.99 35.72 16.09
C THR A 343 -24.27 36.54 15.03
N ASN A 344 -23.84 37.73 15.40
CA ASN A 344 -23.05 38.56 14.50
C ASN A 344 -21.64 37.95 14.24
N ILE A 345 -21.13 37.09 15.13
CA ILE A 345 -19.91 36.32 14.83
C ILE A 345 -20.01 35.52 13.52
N PHE A 346 -21.22 35.28 13.01
CA PHE A 346 -21.38 34.63 11.72
C PHE A 346 -21.16 35.61 10.58
N PHE A 347 -21.10 36.90 10.93
CA PHE A 347 -21.01 37.98 9.93
C PHE A 347 -19.68 38.67 10.02
N GLN A 348 -19.27 38.96 11.24
CA GLN A 348 -18.09 39.75 11.48
C GLN A 348 -17.15 38.89 12.26
N LYS A 349 -15.90 38.85 11.82
CA LYS A 349 -14.88 38.03 12.45
C LYS A 349 -14.32 38.82 13.59
N PRO A 350 -14.27 38.24 14.79
CA PRO A 350 -13.59 38.98 15.82
C PRO A 350 -12.16 39.32 15.43
N LYS A 351 -11.62 40.38 16.04
CA LYS A 351 -10.24 40.84 15.85
C LYS A 351 -9.30 39.79 16.33
N GLY A 352 -8.28 39.48 15.54
CA GLY A 352 -7.31 38.45 15.97
C GLY A 352 -7.90 37.03 16.05
N GLU A 353 -8.94 36.78 15.27
CA GLU A 353 -9.55 35.45 15.26
C GLU A 353 -8.57 34.37 14.74
N ILE A 354 -8.40 33.31 15.49
CA ILE A 354 -7.86 32.07 14.97
C ILE A 354 -9.07 31.11 14.93
N LYS A 355 -9.49 30.67 16.12
CA LYS A 355 -10.73 29.91 16.23
C LYS A 355 -11.75 30.53 17.22
N THR A 356 -12.87 30.96 16.68
CA THR A 356 -13.95 31.41 17.52
C THR A 356 -14.87 30.24 17.86
N VAL A 357 -15.31 30.15 19.10
CA VAL A 357 -16.27 29.11 19.51
C VAL A 357 -17.51 29.71 20.20
N ILE A 358 -18.55 28.90 20.34
CA ILE A 358 -19.71 29.27 21.12
C ILE A 358 -19.70 28.44 22.42
N LYS A 359 -19.70 29.10 23.59
CA LYS A 359 -19.90 28.43 24.86
C LYS A 359 -21.39 28.34 25.12
N TRP A 360 -21.94 27.15 24.98
CA TRP A 360 -23.40 26.97 25.07
C TRP A 360 -23.88 27.12 26.51
N PRO A 361 -25.05 27.77 26.74
CA PRO A 361 -25.61 27.72 28.08
C PRO A 361 -25.76 26.29 28.56
N SER B 2 43.68 6.03 22.74
CA SER B 2 44.12 6.22 24.12
C SER B 2 43.23 5.42 25.08
N THR B 3 43.67 5.29 26.32
CA THR B 3 43.05 4.38 27.28
C THR B 3 41.62 4.86 27.69
N ILE B 4 40.67 3.96 27.73
CA ILE B 4 39.31 4.33 28.21
C ILE B 4 38.72 3.15 28.91
N ASN B 5 37.63 3.37 29.67
CA ASN B 5 36.97 2.24 30.32
C ASN B 5 36.00 1.66 29.35
N ALA B 6 35.82 0.33 29.42
CA ALA B 6 34.79 -0.35 28.65
C ALA B 6 34.30 -1.64 29.29
N ILE B 7 33.08 -2.05 28.91
CA ILE B 7 32.62 -3.40 29.21
C ILE B 7 32.68 -4.21 27.92
N VAL B 8 33.33 -5.38 27.98
CA VAL B 8 33.66 -6.19 26.80
C VAL B 8 33.28 -7.68 26.99
N THR B 9 33.11 -8.37 25.89
CA THR B 9 32.96 -9.82 25.88
C THR B 9 33.99 -10.33 24.88
N ASP B 10 34.04 -11.64 24.69
CA ASP B 10 34.82 -12.30 23.62
C ASP B 10 33.80 -13.05 22.76
N ALA B 11 33.33 -12.39 21.72
CA ALA B 11 32.22 -12.95 20.97
C ALA B 11 32.82 -13.94 19.98
N PRO B 12 32.17 -15.10 19.79
CA PRO B 12 30.95 -15.60 20.43
C PRO B 12 31.17 -16.50 21.65
N LYS B 13 32.41 -16.57 22.11
CA LYS B 13 32.84 -17.37 23.26
C LYS B 13 32.09 -16.98 24.53
N GLY B 14 32.08 -15.68 24.82
CA GLY B 14 31.35 -15.24 25.95
C GLY B 14 32.18 -14.56 26.98
N GLY B 15 31.68 -14.56 28.21
CA GLY B 15 32.34 -13.83 29.30
C GLY B 15 31.97 -12.36 29.28
N VAL B 16 32.24 -11.69 30.40
CA VAL B 16 32.14 -10.22 30.45
C VAL B 16 33.18 -9.61 31.36
N LYS B 17 33.69 -8.44 31.02
CA LYS B 17 34.57 -7.77 31.93
C LYS B 17 34.51 -6.32 31.70
N TYR B 18 34.51 -5.58 32.81
CA TYR B 18 34.69 -4.14 32.88
C TYR B 18 36.19 -3.89 33.00
N THR B 19 36.78 -3.25 31.98
CA THR B 19 38.23 -3.13 31.86
C THR B 19 38.71 -1.94 31.07
N LYS B 20 39.99 -1.89 30.75
CA LYS B 20 40.55 -0.73 30.00
C LYS B 20 40.83 -1.17 28.61
N ILE B 21 40.60 -0.32 27.60
CA ILE B 21 40.92 -0.70 26.22
C ILE B 21 41.56 0.51 25.61
N ASP B 22 42.26 0.33 24.49
CA ASP B 22 42.71 1.51 23.74
C ASP B 22 41.66 1.89 22.74
N MET B 23 41.34 3.17 22.73
CA MET B 23 40.46 3.75 21.75
C MET B 23 41.18 4.86 20.98
N PRO B 24 41.81 4.54 19.87
CA PRO B 24 42.45 5.63 19.09
C PRO B 24 41.44 6.64 18.49
N GLU B 25 41.82 7.91 18.44
CA GLU B 25 41.02 8.91 17.78
C GLU B 25 41.20 8.81 16.26
N PRO B 26 40.25 8.19 15.52
CA PRO B 26 40.39 8.01 14.06
C PRO B 26 40.61 9.30 13.31
N GLU B 27 41.11 9.21 12.09
CA GLU B 27 41.63 10.40 11.41
C GLU B 27 40.53 11.47 11.25
N LYS B 28 39.45 11.08 10.59
CA LYS B 28 38.34 11.99 10.39
C LYS B 28 37.03 11.33 10.88
N TYR B 29 36.28 12.08 11.67
CA TYR B 29 35.01 11.61 12.19
C TYR B 29 34.16 12.83 12.33
N GLU B 30 32.85 12.64 12.33
CA GLU B 30 32.01 13.75 12.45
C GLU B 30 31.63 14.07 13.89
N ALA B 31 31.72 13.12 14.79
CA ALA B 31 31.13 13.26 16.10
C ALA B 31 31.83 12.40 17.10
N LYS B 32 32.01 12.97 18.28
CA LYS B 32 32.60 12.31 19.41
C LYS B 32 31.60 12.40 20.53
N LEU B 33 31.38 11.26 21.21
CA LEU B 33 30.33 11.13 22.21
C LEU B 33 30.74 10.33 23.38
N LYS B 34 30.06 10.57 24.51
CA LYS B 34 30.15 9.64 25.66
C LYS B 34 28.74 9.06 25.93
N PRO B 35 28.70 7.90 26.56
CA PRO B 35 27.40 7.40 27.02
C PRO B 35 26.94 8.01 28.38
N VAL B 36 25.64 8.24 28.52
CA VAL B 36 24.97 8.64 29.78
C VAL B 36 24.37 7.39 30.41
N TYR B 37 23.57 6.66 29.64
CA TYR B 37 22.94 5.40 30.09
C TYR B 37 23.01 4.39 28.99
N ILE B 38 23.12 3.12 29.37
CA ILE B 38 23.01 1.98 28.49
C ILE B 38 22.12 0.85 29.04
N GLY B 39 21.16 0.43 28.24
CA GLY B 39 20.21 -0.59 28.67
C GLY B 39 20.83 -1.94 28.42
N ILE B 40 20.39 -2.95 29.15
CA ILE B 40 20.71 -4.33 28.76
C ILE B 40 19.50 -5.15 28.42
N CYS B 41 19.66 -6.09 27.49
CA CYS B 41 18.57 -7.00 27.13
C CYS B 41 19.02 -8.48 27.16
N GLY B 42 18.10 -9.39 26.79
CA GLY B 42 18.38 -10.82 26.71
C GLY B 42 19.56 -11.08 25.81
N THR B 43 19.67 -10.32 24.73
CA THR B 43 20.81 -10.48 23.82
C THR B 43 22.14 -10.26 24.55
N ASP B 44 22.28 -9.21 25.35
CA ASP B 44 23.56 -9.01 26.06
C ASP B 44 23.92 -10.21 26.97
N ARG B 45 22.91 -10.72 27.65
CA ARG B 45 23.04 -11.84 28.54
C ARG B 45 23.42 -13.08 27.78
N GLY B 46 22.75 -13.28 26.64
CA GLY B 46 23.12 -14.35 25.72
C GLY B 46 24.56 -14.28 25.27
N GLU B 47 25.01 -13.06 24.92
CA GLU B 47 26.36 -12.86 24.43
C GLU B 47 27.35 -13.31 25.47
N VAL B 48 27.17 -12.78 26.68
CA VAL B 48 28.04 -13.03 27.86
C VAL B 48 28.05 -14.51 28.26
N ALA B 49 26.86 -15.10 28.26
CA ALA B 49 26.65 -16.52 28.42
C ALA B 49 27.26 -17.35 27.30
N GLY B 50 27.75 -16.73 26.21
CA GLY B 50 28.24 -17.48 25.04
C GLY B 50 27.18 -18.32 24.32
N ALA B 51 25.92 -17.94 24.41
CA ALA B 51 24.87 -18.74 23.83
C ALA B 51 24.56 -18.35 22.35
N LEU B 52 25.25 -17.34 21.82
CA LEU B 52 24.92 -16.80 20.50
C LEU B 52 26.08 -16.98 19.51
N SER B 53 25.92 -17.89 18.56
CA SER B 53 27.04 -18.31 17.70
C SER B 53 27.22 -17.43 16.47
N PHE B 54 26.35 -16.47 16.27
CA PHE B 54 26.44 -15.62 15.10
C PHE B 54 27.16 -14.28 15.43
N THR B 55 27.51 -14.10 16.70
CA THR B 55 28.17 -12.89 17.16
C THR B 55 29.68 -13.00 16.96
N TYR B 56 30.33 -11.87 16.70
CA TYR B 56 31.78 -11.90 16.50
C TYR B 56 32.43 -10.54 16.79
N ASN B 57 33.69 -10.59 17.16
CA ASN B 57 34.44 -9.38 17.44
C ASN B 57 34.72 -8.65 16.15
N PRO B 58 35.05 -7.37 16.21
CA PRO B 58 35.45 -6.70 14.98
C PRO B 58 36.74 -7.30 14.42
N GLU B 59 36.85 -7.28 13.10
CA GLU B 59 37.96 -7.89 12.39
C GLU B 59 39.32 -7.52 13.00
N GLY B 60 40.16 -8.54 13.22
CA GLY B 60 41.46 -8.38 13.89
C GLY B 60 41.43 -7.64 15.21
N GLU B 61 40.51 -8.05 16.09
CA GLU B 61 40.48 -7.59 17.49
C GLU B 61 40.05 -8.79 18.34
N ASN B 62 40.50 -8.85 19.60
CA ASN B 62 40.23 -10.03 20.45
C ASN B 62 39.04 -9.81 21.43
N PHE B 63 38.37 -8.66 21.33
CA PHE B 63 37.26 -8.38 22.21
C PHE B 63 36.17 -7.61 21.45
N LEU B 64 35.00 -7.46 22.08
CA LEU B 64 33.83 -6.78 21.53
C LEU B 64 33.20 -5.95 22.63
N VAL B 65 33.12 -4.64 22.42
CA VAL B 65 32.56 -3.76 23.41
C VAL B 65 31.04 -4.04 23.32
N LEU B 66 30.47 -4.30 24.49
CA LEU B 66 29.06 -4.58 24.64
C LEU B 66 28.19 -3.35 24.61
N GLY B 67 26.89 -3.56 24.35
CA GLY B 67 25.89 -2.54 24.63
C GLY B 67 25.33 -1.92 23.37
N HIS B 68 24.02 -2.08 23.13
CA HIS B 68 23.35 -1.53 21.95
C HIS B 68 22.19 -0.59 22.21
N GLU B 69 21.75 -0.52 23.46
CA GLU B 69 20.63 0.36 23.85
C GLU B 69 21.23 1.56 24.51
N ALA B 70 21.45 2.62 23.75
CA ALA B 70 22.28 3.70 24.32
C ALA B 70 21.66 5.02 24.30
N LEU B 71 22.07 5.85 25.25
CA LEU B 71 21.76 7.24 25.24
C LEU B 71 23.10 7.94 25.46
N LEU B 72 23.47 8.82 24.56
CA LEU B 72 24.79 9.41 24.53
C LEU B 72 24.62 10.90 24.49
N GLN B 73 25.69 11.56 24.86
CA GLN B 73 25.75 13.03 24.75
C GLN B 73 26.89 13.41 23.76
N VAL B 74 26.67 14.48 23.00
CA VAL B 74 27.65 14.98 22.06
C VAL B 74 28.74 15.79 22.78
N LEU B 75 29.96 15.29 22.75
CA LEU B 75 31.14 16.05 23.23
C LEU B 75 31.66 17.03 22.18
N ASP B 76 31.80 16.59 20.94
CA ASP B 76 32.23 17.46 19.86
C ASP B 76 31.60 16.98 18.57
N VAL B 77 31.23 17.89 17.68
CA VAL B 77 30.73 17.52 16.35
C VAL B 77 31.10 18.56 15.30
N SER B 78 31.42 18.11 14.08
CA SER B 78 31.53 19.03 12.92
C SER B 78 30.28 19.84 12.81
N ASP B 79 30.38 21.07 12.31
CA ASP B 79 29.26 22.01 12.27
C ASP B 79 28.25 21.43 11.38
N ASN B 80 27.01 21.47 11.80
CA ASN B 80 25.94 20.96 10.95
C ASN B 80 24.70 21.54 11.49
N ASN B 81 23.61 21.36 10.79
CA ASN B 81 22.38 22.01 11.23
C ASN B 81 21.52 21.18 12.14
N TYR B 82 22.02 20.08 12.68
CA TYR B 82 21.10 19.16 13.35
C TYR B 82 21.45 18.99 14.79
N ILE B 83 22.70 18.68 15.06
CA ILE B 83 23.06 18.47 16.42
C ILE B 83 24.28 19.28 16.73
N LYS B 84 24.51 19.49 18.03
CA LYS B 84 25.60 20.25 18.52
C LYS B 84 26.05 19.71 19.85
N ARG B 85 27.15 20.25 20.33
CA ARG B 85 27.78 19.73 21.51
C ARG B 85 26.82 19.88 22.65
N GLY B 86 26.70 18.86 23.49
CA GLY B 86 25.79 18.89 24.62
C GLY B 86 24.41 18.28 24.32
N ASP B 87 24.06 18.15 23.05
CA ASP B 87 22.85 17.46 22.63
C ASP B 87 22.88 15.98 23.01
N PHE B 88 21.73 15.46 23.37
CA PHE B 88 21.66 14.04 23.64
C PHE B 88 21.19 13.27 22.37
N VAL B 89 21.74 12.09 22.15
CA VAL B 89 21.34 11.31 20.98
C VAL B 89 21.23 9.81 21.28
N VAL B 90 20.49 9.10 20.41
CA VAL B 90 20.47 7.67 20.43
C VAL B 90 21.14 7.20 19.18
N PRO B 91 22.18 6.35 19.28
CA PRO B 91 22.83 5.91 18.09
C PRO B 91 22.17 4.64 17.49
N LEU B 92 22.23 4.54 16.17
CA LEU B 92 21.78 3.35 15.41
C LEU B 92 22.53 2.14 15.80
N VAL B 93 21.82 1.03 16.02
CA VAL B 93 22.49 -0.19 16.25
C VAL B 93 22.93 -0.81 14.94
N ARG B 94 21.96 -1.04 14.08
CA ARG B 94 22.25 -1.67 12.77
C ARG B 94 22.82 -0.64 11.76
N ARG B 95 23.96 -0.97 11.16
CA ARG B 95 24.62 -0.09 10.17
C ARG B 95 24.56 -0.79 8.84
N PRO B 96 24.37 -0.04 7.77
CA PRO B 96 24.03 -0.56 6.47
C PRO B 96 25.18 -1.17 5.73
N GLY B 97 24.87 -2.20 4.90
CA GLY B 97 25.78 -2.72 3.89
C GLY B 97 25.45 -2.13 2.53
N LYS B 98 25.36 -2.98 1.51
CA LYS B 98 25.23 -2.46 0.11
C LYS B 98 23.99 -2.90 -0.67
N CYS B 99 23.24 -3.88 -0.15
CA CYS B 99 22.07 -4.43 -0.82
C CYS B 99 21.02 -3.35 -1.01
N VAL B 100 20.01 -3.67 -1.76
CA VAL B 100 19.02 -2.73 -2.20
C VAL B 100 18.24 -2.09 -1.00
N ASN B 101 18.10 -2.84 0.10
CA ASN B 101 17.49 -2.31 1.32
C ASN B 101 18.40 -1.46 2.24
N CYS B 102 19.62 -1.91 2.50
CA CYS B 102 20.64 -1.15 3.19
C CYS B 102 20.94 0.25 2.62
N ARG B 103 20.98 0.36 1.30
CA ARG B 103 21.40 1.57 0.71
C ARG B 103 20.38 2.67 0.75
N ILE B 104 19.14 2.33 1.14
CA ILE B 104 18.09 3.33 1.30
C ILE B 104 17.78 3.58 2.76
N GLY B 105 18.63 3.14 3.65
CA GLY B 105 18.39 3.27 5.07
C GLY B 105 17.45 2.27 5.70
N ARG B 106 17.30 1.12 5.06
CA ARG B 106 16.43 0.06 5.50
C ARG B 106 17.20 -1.21 5.74
N GLN B 107 18.34 -1.05 6.38
CA GLN B 107 19.23 -2.13 6.72
C GLN B 107 18.51 -3.12 7.61
N ASP B 108 17.49 -2.66 8.29
CA ASP B 108 16.67 -3.55 9.10
C ASP B 108 15.97 -4.59 8.23
N ASN B 109 15.85 -4.31 6.95
CA ASN B 109 15.37 -5.34 6.02
C ASN B 109 16.43 -5.82 5.03
N CYS B 110 17.68 -5.88 5.46
CA CYS B 110 18.80 -6.31 4.62
C CYS B 110 18.38 -7.61 3.91
N SER B 111 18.50 -7.62 2.60
CA SER B 111 18.28 -8.79 1.77
C SER B 111 19.37 -9.86 1.91
N ILE B 112 20.46 -9.58 2.62
CA ILE B 112 21.59 -10.54 2.68
C ILE B 112 21.82 -11.06 4.08
N GLY B 113 21.67 -10.21 5.07
CA GLY B 113 21.99 -10.60 6.41
C GLY B 113 23.47 -10.38 6.56
N ASP B 114 24.05 -11.04 7.54
CA ASP B 114 25.46 -10.94 7.74
C ASP B 114 26.12 -11.45 6.49
N PRO B 115 27.23 -10.84 6.08
CA PRO B 115 27.94 -9.74 6.71
C PRO B 115 27.75 -8.46 5.90
N ASP B 116 26.59 -8.30 5.29
CA ASP B 116 26.28 -7.06 4.65
C ASP B 116 25.98 -5.98 5.74
N LYS B 117 25.01 -6.27 6.60
CA LYS B 117 24.63 -5.37 7.69
C LYS B 117 25.51 -5.73 8.86
N HIS B 118 25.80 -4.78 9.74
CA HIS B 118 26.46 -5.04 11.03
C HIS B 118 25.71 -4.36 12.20
N GLU B 119 25.82 -4.95 13.38
CA GLU B 119 25.13 -4.43 14.55
C GLU B 119 26.04 -4.07 15.75
N ALA B 120 25.97 -2.83 16.18
CA ALA B 120 26.82 -2.40 17.27
C ALA B 120 26.62 -3.33 18.47
N GLY B 121 27.72 -3.89 18.95
CA GLY B 121 27.74 -4.61 20.17
C GLY B 121 27.47 -6.06 20.04
N ILE B 122 27.17 -6.47 18.82
CA ILE B 122 26.71 -7.81 18.54
C ILE B 122 27.55 -8.37 17.41
N THR B 123 27.59 -7.67 16.28
CA THR B 123 28.25 -8.29 15.11
C THR B 123 29.37 -7.46 14.45
N GLY B 124 30.57 -7.61 14.98
CA GLY B 124 31.75 -7.07 14.33
C GLY B 124 31.89 -5.55 14.37
N LEU B 125 31.12 -4.93 15.22
CA LEU B 125 31.18 -3.53 15.46
C LEU B 125 31.06 -3.33 16.95
N HIS B 126 31.91 -2.47 17.50
CA HIS B 126 31.93 -2.23 18.94
C HIS B 126 30.69 -1.52 19.48
N GLY B 127 30.18 -1.99 20.59
CA GLY B 127 29.07 -1.34 21.27
C GLY B 127 29.39 -0.08 22.07
N PHE B 128 28.48 0.24 22.96
CA PHE B 128 28.38 1.59 23.49
C PHE B 128 28.83 1.71 24.97
N MET B 129 29.16 0.59 25.59
CA MET B 129 29.63 0.60 26.99
C MET B 129 31.11 0.93 27.05
N ARG B 130 31.39 2.17 26.70
CA ARG B 130 32.76 2.66 26.78
C ARG B 130 32.78 4.15 26.92
N ASP B 131 33.89 4.71 27.37
CA ASP B 131 33.89 6.14 27.63
C ASP B 131 33.77 6.97 26.44
N VAL B 132 34.31 6.51 25.33
CA VAL B 132 34.34 7.40 24.17
C VAL B 132 33.88 6.67 22.96
N ILE B 133 33.12 7.38 22.13
CA ILE B 133 32.51 6.79 20.93
C ILE B 133 32.56 7.82 19.80
N TYR B 134 32.94 7.34 18.61
CA TYR B 134 33.06 8.17 17.42
C TYR B 134 32.06 7.67 16.40
N ASP B 135 31.36 8.61 15.81
CA ASP B 135 30.39 8.25 14.82
C ASP B 135 30.19 9.29 13.75
N ASP B 136 29.40 8.92 12.76
CA ASP B 136 28.84 9.87 11.84
C ASP B 136 27.45 10.36 12.29
N ILE B 137 27.18 11.60 11.98
CA ILE B 137 26.01 12.29 12.35
C ILE B 137 24.70 11.58 11.97
N GLN B 138 24.72 11.02 10.76
CA GLN B 138 23.52 10.44 10.12
C GLN B 138 23.10 9.27 10.98
N ASN B 139 24.05 8.62 11.62
CA ASN B 139 23.83 7.51 12.50
C ASN B 139 23.37 7.87 13.94
N LEU B 140 23.01 9.12 14.19
CA LEU B 140 22.62 9.55 15.53
C LEU B 140 21.21 10.12 15.46
N VAL B 141 20.39 9.77 16.44
CA VAL B 141 19.03 10.27 16.46
C VAL B 141 18.94 11.17 17.64
N LYS B 142 18.58 12.40 17.36
CA LYS B 142 18.58 13.44 18.31
C LYS B 142 17.35 13.34 19.19
N VAL B 143 17.57 13.46 20.50
CA VAL B 143 16.50 13.54 21.49
C VAL B 143 16.06 14.97 21.60
N ASN B 144 14.85 15.26 21.15
CA ASN B 144 14.38 16.66 21.10
C ASN B 144 13.62 17.10 22.32
N ASP B 145 13.30 16.19 23.22
CA ASP B 145 12.51 16.54 24.38
C ASP B 145 13.46 16.49 25.58
N PRO B 146 13.75 17.61 26.21
CA PRO B 146 14.76 17.66 27.30
C PRO B 146 14.33 17.07 28.64
N ASP B 147 13.04 16.93 28.84
CA ASP B 147 12.47 16.44 30.09
C ASP B 147 12.52 14.97 30.14
N LEU B 148 12.81 14.34 29.03
CA LEU B 148 12.83 12.88 28.99
C LEU B 148 13.88 12.26 29.93
N GLY B 149 15.10 12.83 29.89
CA GLY B 149 16.24 12.30 30.64
C GLY B 149 16.52 10.85 30.33
N LYS B 150 16.82 10.09 31.38
CA LYS B 150 17.22 8.72 31.23
C LYS B 150 16.18 7.86 30.44
N ILE B 151 14.90 8.20 30.52
CA ILE B 151 13.84 7.47 29.85
C ILE B 151 14.17 7.30 28.35
N ALA B 152 14.92 8.27 27.80
CA ALA B 152 15.30 8.22 26.44
C ALA B 152 16.17 6.99 26.10
N VAL B 153 16.66 6.30 27.10
CA VAL B 153 17.42 5.09 26.82
C VAL B 153 16.53 3.89 26.39
N LEU B 154 15.21 4.06 26.48
CA LEU B 154 14.27 3.02 26.06
C LEU B 154 14.01 3.09 24.54
N THR B 155 14.56 4.11 23.88
CA THR B 155 14.39 4.24 22.46
C THR B 155 14.69 2.96 21.68
N GLU B 156 15.84 2.37 21.91
CA GLU B 156 16.28 1.22 21.15
C GLU B 156 15.31 0.01 21.30
N PRO B 157 14.92 -0.35 22.53
CA PRO B 157 13.95 -1.43 22.59
C PRO B 157 12.64 -0.99 21.93
N LEU B 158 12.28 0.30 22.07
CA LEU B 158 10.98 0.72 21.49
C LEU B 158 11.00 0.83 19.93
N LYS B 159 12.14 1.12 19.32
CA LYS B 159 12.16 1.23 17.87
C LYS B 159 11.85 -0.18 17.27
N ASN B 160 12.20 -1.26 17.94
CA ASN B 160 11.86 -2.64 17.43
C ASN B 160 10.34 -2.84 17.35
N VAL B 161 9.67 -2.29 18.33
CA VAL B 161 8.24 -2.30 18.36
C VAL B 161 7.62 -1.46 17.25
N MET B 162 8.21 -0.28 16.96
CA MET B 162 7.66 0.58 15.96
C MET B 162 7.79 0.00 14.55
N LYS B 163 8.91 -0.68 14.28
CA LYS B 163 9.03 -1.36 12.99
C LYS B 163 8.03 -2.52 12.86
N ALA B 164 7.84 -3.29 13.92
CA ALA B 164 6.86 -4.36 13.90
C ALA B 164 5.45 -3.84 13.68
N PHE B 165 5.10 -2.69 14.24
CA PHE B 165 3.81 -2.06 13.88
C PHE B 165 3.75 -1.60 12.45
N GLU B 166 4.86 -1.18 11.86
CA GLU B 166 4.93 -0.90 10.39
C GLU B 166 4.65 -2.22 9.57
N VAL B 167 5.25 -3.32 9.99
CA VAL B 167 5.00 -4.63 9.37
C VAL B 167 3.53 -4.96 9.47
N PHE B 168 2.97 -4.83 10.66
CA PHE B 168 1.52 -4.98 10.80
C PHE B 168 0.73 -4.11 9.84
N ASP B 169 1.09 -2.83 9.74
CA ASP B 169 0.36 -1.91 8.88
C ASP B 169 0.43 -2.35 7.40
N VAL B 170 1.59 -2.90 7.00
CA VAL B 170 1.73 -3.33 5.65
C VAL B 170 0.86 -4.54 5.36
N VAL B 171 0.89 -5.52 6.24
CA VAL B 171 0.31 -6.85 5.97
C VAL B 171 -1.18 -6.82 6.17
N SER B 172 -1.65 -5.97 7.05
CA SER B 172 -3.06 -5.92 7.36
C SER B 172 -3.79 -5.18 6.23
N LYS B 173 -3.11 -4.70 5.21
CA LYS B 173 -3.76 -4.11 4.04
C LYS B 173 -4.43 -5.19 3.13
N ARG B 174 -4.16 -6.44 3.42
CA ARG B 174 -4.68 -7.52 2.63
C ARG B 174 -6.20 -7.61 2.64
N SER B 175 -6.81 -7.12 3.70
CA SER B 175 -8.24 -7.05 3.85
C SER B 175 -8.60 -5.82 4.65
N ILE B 176 -9.87 -5.55 4.85
CA ILE B 176 -10.28 -4.57 5.82
C ILE B 176 -10.17 -5.17 7.21
N PHE B 177 -9.19 -4.66 7.94
CA PHE B 177 -8.89 -5.15 9.25
C PHE B 177 -9.74 -4.42 10.29
N GLN B 178 -10.25 -3.24 9.96
CA GLN B 178 -10.98 -2.40 10.87
C GLN B 178 -12.47 -2.78 11.02
N ASN B 179 -13.09 -2.25 12.07
CA ASN B 179 -14.53 -2.26 12.17
C ASN B 179 -15.13 -1.45 11.04
N ASP B 180 -16.43 -1.67 10.81
CA ASP B 180 -17.15 -0.93 9.78
C ASP B 180 -17.38 0.51 10.13
N ASP B 181 -16.80 0.99 11.22
CA ASP B 181 -16.81 2.45 11.51
C ASP B 181 -15.43 3.11 11.29
N SER B 182 -14.53 2.35 10.65
CA SER B 182 -13.12 2.71 10.29
C SER B 182 -12.10 2.56 11.40
N THR B 183 -12.56 2.25 12.62
CA THR B 183 -11.70 2.25 13.85
C THR B 183 -11.16 0.87 14.24
N PHE B 184 -10.34 0.87 15.26
CA PHE B 184 -9.79 -0.32 15.87
C PHE B 184 -10.47 -0.62 17.22
N ILE B 185 -11.56 0.06 17.52
CA ILE B 185 -12.26 -0.13 18.78
C ILE B 185 -12.75 -1.55 18.99
N GLY B 186 -12.42 -2.12 20.13
CA GLY B 186 -12.72 -3.50 20.39
C GLY B 186 -11.76 -4.46 19.78
N LYS B 187 -10.89 -4.06 18.83
CA LYS B 187 -9.92 -5.05 18.31
C LYS B 187 -9.03 -5.51 19.40
N LYS B 188 -8.73 -6.80 19.40
CA LYS B 188 -8.01 -7.40 20.52
C LYS B 188 -6.58 -7.72 20.19
N MET B 189 -5.69 -7.18 21.03
CA MET B 189 -4.26 -7.42 21.01
C MET B 189 -3.83 -8.31 22.19
N VAL B 190 -3.14 -9.39 21.92
CA VAL B 190 -2.54 -10.14 22.97
C VAL B 190 -1.03 -10.19 22.79
N VAL B 191 -0.32 -9.99 23.89
CA VAL B 191 1.10 -9.94 23.84
C VAL B 191 1.63 -11.04 24.77
N ILE B 192 2.39 -11.96 24.20
CA ILE B 192 2.97 -13.04 24.95
C ILE B 192 4.27 -12.53 25.53
N GLY B 193 4.32 -12.57 26.85
CA GLY B 193 5.42 -12.07 27.65
C GLY B 193 5.03 -10.89 28.52
N SER B 194 5.85 -10.60 29.50
CA SER B 194 5.57 -9.49 30.39
C SER B 194 6.76 -8.61 30.74
N GLY B 195 7.80 -8.68 29.92
CA GLY B 195 9.04 -7.96 30.05
C GLY B 195 9.03 -6.61 29.39
N SER B 196 10.19 -6.02 29.16
CA SER B 196 10.30 -4.66 28.57
C SER B 196 9.65 -4.59 27.22
N GLU B 197 10.02 -5.50 26.33
CA GLU B 197 9.43 -5.52 24.97
C GLU B 197 7.87 -5.70 24.96
N ALA B 198 7.34 -6.60 25.79
CA ALA B 198 5.85 -6.78 25.89
C ALA B 198 5.17 -5.57 26.35
N PHE B 199 5.77 -4.87 27.33
CA PHE B 199 5.17 -3.61 27.85
C PHE B 199 5.16 -2.57 26.73
N LEU B 200 6.28 -2.42 26.04
CA LEU B 200 6.37 -1.35 24.98
C LEU B 200 5.44 -1.69 23.80
N TYR B 201 5.35 -2.99 23.47
CA TYR B 201 4.34 -3.47 22.49
C TYR B 201 2.92 -3.09 22.93
N SER B 202 2.60 -3.30 24.21
CA SER B 202 1.23 -2.96 24.71
C SER B 202 0.93 -1.51 24.70
N PHE B 203 1.91 -0.67 25.05
CA PHE B 203 1.69 0.78 25.07
C PHE B 203 1.42 1.29 23.68
N VAL B 204 2.22 0.83 22.73
CA VAL B 204 1.96 1.18 21.33
C VAL B 204 0.61 0.67 20.89
N GLY B 205 0.33 -0.60 21.28
CA GLY B 205 -0.97 -1.21 21.06
C GLY B 205 -2.13 -0.36 21.49
N LYS B 206 -2.02 0.21 22.69
CA LYS B 206 -3.08 1.07 23.18
C LYS B 206 -3.18 2.34 22.39
N ASP B 207 -2.05 2.95 22.08
CA ASP B 207 -2.09 4.18 21.23
C ASP B 207 -2.69 3.88 19.87
N ARG B 208 -2.53 2.67 19.30
CA ARG B 208 -3.19 2.36 18.04
C ARG B 208 -4.71 2.09 18.20
N GLY B 209 -5.20 2.07 19.42
CA GLY B 209 -6.67 1.86 19.71
C GLY B 209 -7.11 0.40 19.99
N PHE B 210 -6.15 -0.52 20.08
CA PHE B 210 -6.49 -1.89 20.50
C PHE B 210 -6.89 -1.99 21.99
N ASP B 211 -7.70 -2.97 22.37
CA ASP B 211 -7.72 -3.54 23.72
C ASP B 211 -6.59 -4.50 23.92
N VAL B 212 -5.75 -4.25 24.90
CA VAL B 212 -4.49 -4.96 24.98
C VAL B 212 -4.44 -5.82 26.23
N THR B 213 -3.92 -7.03 26.13
CA THR B 213 -3.72 -7.90 27.25
C THR B 213 -2.38 -8.55 27.10
N MET B 214 -1.48 -8.34 28.08
CA MET B 214 -0.27 -9.16 28.18
C MET B 214 -0.59 -10.52 28.85
N VAL B 215 0.16 -11.55 28.54
CA VAL B 215 -0.03 -12.83 29.10
C VAL B 215 1.29 -13.46 29.42
N ASN B 216 1.31 -14.24 30.50
CA ASN B 216 2.50 -15.04 30.87
C ASN B 216 2.02 -16.33 31.54
N ARG B 217 2.91 -17.24 31.85
CA ARG B 217 2.49 -18.48 32.51
C ARG B 217 2.76 -18.49 34.03
N HIS B 218 2.62 -17.34 34.67
CA HIS B 218 2.67 -17.22 36.13
C HIS B 218 2.00 -15.89 36.39
N ASP B 219 1.54 -15.63 37.61
CA ASP B 219 0.99 -14.27 37.91
C ASP B 219 2.15 -13.27 37.88
N GLU B 220 1.83 -12.00 37.92
CA GLU B 220 2.87 -10.99 37.84
C GLU B 220 2.91 -10.18 39.14
N THR B 221 4.11 -9.68 39.46
CA THR B 221 4.30 -8.77 40.60
C THR B 221 3.37 -7.57 40.46
N GLU B 222 2.93 -7.01 41.58
CA GLU B 222 2.03 -5.85 41.58
C GLU B 222 2.66 -4.57 41.05
N ASN B 223 3.99 -4.52 40.95
CA ASN B 223 4.68 -3.42 40.29
C ASN B 223 4.20 -3.44 38.85
N LYS B 224 4.43 -4.57 38.19
CA LYS B 224 4.05 -4.71 36.81
C LYS B 224 2.55 -4.49 36.61
N MET B 225 1.73 -5.13 37.42
CA MET B 225 0.26 -5.02 37.29
C MET B 225 -0.23 -3.59 37.42
N LYS B 226 0.32 -2.88 38.38
CA LYS B 226 -0.02 -1.49 38.56
C LYS B 226 0.31 -0.67 37.28
N MET B 227 1.49 -0.91 36.76
CA MET B 227 1.90 -0.18 35.54
C MET B 227 0.94 -0.43 34.35
N MET B 228 0.55 -1.71 34.19
CA MET B 228 -0.43 -2.11 33.17
C MET B 228 -1.67 -1.34 33.38
N ASP B 229 -2.11 -1.33 34.62
CA ASP B 229 -3.31 -0.66 34.93
C ASP B 229 -3.23 0.77 34.59
N ASP B 230 -2.11 1.44 34.84
CA ASP B 230 -2.06 2.89 34.49
C ASP B 230 -2.18 3.18 33.04
N PHE B 231 -1.86 2.22 32.20
CA PHE B 231 -1.95 2.43 30.77
C PHE B 231 -3.18 1.71 30.17
N GLY B 232 -4.02 1.17 31.04
CA GLY B 232 -5.22 0.47 30.62
C GLY B 232 -4.94 -0.78 29.85
N VAL B 233 -3.87 -1.46 30.25
CA VAL B 233 -3.52 -2.70 29.70
C VAL B 233 -3.85 -3.79 30.75
N GLY B 234 -4.36 -4.90 30.28
CA GLY B 234 -4.73 -6.02 31.15
C GLY B 234 -3.67 -7.09 31.12
N PHE B 235 -3.78 -8.00 32.09
CA PHE B 235 -2.90 -9.12 32.23
C PHE B 235 -3.64 -10.44 32.41
N SER B 236 -3.10 -11.56 31.94
CA SER B 236 -3.65 -12.83 32.34
C SER B 236 -2.57 -13.87 32.41
N ASN B 237 -2.59 -14.64 33.50
CA ASN B 237 -1.83 -15.89 33.57
C ASN B 237 -2.59 -16.86 32.73
N TYR B 238 -2.04 -17.26 31.59
CA TYR B 238 -2.86 -18.08 30.65
C TYR B 238 -2.99 -19.53 31.14
N LEU B 239 -2.24 -19.92 32.19
CA LEU B 239 -2.42 -21.26 32.81
C LEU B 239 -3.80 -21.34 33.39
N LYS B 240 -4.19 -20.32 34.11
CA LYS B 240 -5.53 -20.07 34.55
C LYS B 240 -6.58 -19.64 33.54
N ASP B 241 -6.22 -18.75 32.64
CA ASP B 241 -7.17 -18.20 31.69
C ASP B 241 -6.55 -17.70 30.36
N MET B 242 -6.88 -18.30 29.22
CA MET B 242 -6.32 -17.89 27.94
C MET B 242 -7.21 -16.96 27.17
N PRO B 243 -6.73 -15.80 26.78
CA PRO B 243 -7.58 -14.95 25.96
C PRO B 243 -7.94 -15.69 24.67
N ASP B 244 -9.14 -15.47 24.19
CA ASP B 244 -9.48 -15.93 22.84
C ASP B 244 -9.85 -14.76 21.92
N LYS B 245 -10.20 -15.06 20.68
CA LYS B 245 -10.67 -14.07 19.77
C LYS B 245 -9.61 -12.92 19.59
N ILE B 246 -8.43 -13.30 19.12
CA ILE B 246 -7.31 -12.36 19.09
C ILE B 246 -7.18 -11.86 17.68
N ASP B 247 -7.04 -10.55 17.53
CA ASP B 247 -6.92 -9.96 16.19
C ASP B 247 -5.45 -9.66 15.87
N LEU B 248 -4.68 -9.22 16.88
CA LEU B 248 -3.25 -9.03 16.72
C LEU B 248 -2.52 -9.80 17.84
N LEU B 249 -1.65 -10.70 17.43
CA LEU B 249 -0.86 -11.49 18.42
C LEU B 249 0.60 -11.20 18.28
N VAL B 250 1.22 -10.72 19.36
CA VAL B 250 2.64 -10.49 19.36
C VAL B 250 3.35 -11.43 20.33
N ASP B 251 4.34 -12.17 19.85
CA ASP B 251 5.16 -12.97 20.73
C ASP B 251 6.57 -12.45 20.99
N THR B 252 6.87 -12.31 22.29
CA THR B 252 8.19 -11.97 22.83
C THR B 252 8.89 -13.15 23.56
N SER B 253 8.29 -14.36 23.59
CA SER B 253 8.88 -15.53 24.24
C SER B 253 9.93 -16.26 23.35
N GLY B 254 9.63 -16.43 22.08
CA GLY B 254 10.41 -17.30 21.28
C GLY B 254 10.02 -18.77 21.44
N ASP B 255 8.99 -19.04 22.24
CA ASP B 255 8.54 -20.38 22.57
C ASP B 255 7.42 -20.95 21.66
N PRO B 256 7.73 -21.96 20.83
CA PRO B 256 6.82 -22.44 19.82
C PRO B 256 5.46 -22.89 20.34
N SER B 257 5.49 -23.53 21.50
CA SER B 257 4.33 -24.17 22.00
C SER B 257 3.36 -23.09 22.47
N THR B 258 3.88 -22.07 23.10
CA THR B 258 3.05 -20.90 23.47
C THR B 258 2.61 -20.17 22.26
N ILE B 259 3.48 -20.06 21.28
CA ILE B 259 3.10 -19.37 20.03
C ILE B 259 1.96 -20.03 19.31
N PHE B 260 2.15 -21.31 18.97
CA PHE B 260 1.11 -22.01 18.21
C PHE B 260 -0.20 -22.22 18.97
N LYS B 261 -0.13 -22.36 20.30
CA LYS B 261 -1.36 -22.41 21.08
C LYS B 261 -2.15 -21.10 21.01
N PHE B 262 -1.44 -19.97 20.96
CA PHE B 262 -2.16 -18.70 20.75
C PHE B 262 -2.58 -18.47 19.30
N VAL B 263 -1.86 -18.99 18.34
CA VAL B 263 -2.28 -18.92 16.93
C VAL B 263 -3.69 -19.50 16.71
N LYS B 264 -4.03 -20.59 17.41
CA LYS B 264 -5.36 -21.23 17.30
C LYS B 264 -6.44 -20.41 17.96
N LYS B 265 -6.08 -19.31 18.64
CA LYS B 265 -7.08 -18.31 19.11
C LYS B 265 -7.27 -17.09 18.18
N VAL B 266 -6.57 -17.06 17.06
CA VAL B 266 -6.56 -15.86 16.23
C VAL B 266 -7.70 -15.82 15.28
N ASN B 267 -8.29 -14.61 15.15
CA ASN B 267 -9.47 -14.44 14.34
C ASN B 267 -9.11 -14.48 12.88
N ASN B 268 -10.14 -14.55 12.05
CA ASN B 268 -10.01 -14.28 10.62
C ASN B 268 -9.37 -12.88 10.36
N ASN B 269 -8.42 -12.85 9.42
CA ASN B 269 -7.61 -11.68 9.00
C ASN B 269 -6.66 -11.19 10.09
N GLY B 270 -6.45 -12.09 11.07
CA GLY B 270 -5.65 -11.82 12.22
C GLY B 270 -4.22 -11.79 11.84
N VAL B 271 -3.43 -11.07 12.65
CA VAL B 271 -2.04 -10.97 12.39
C VAL B 271 -1.21 -11.42 13.54
N VAL B 272 -0.19 -12.18 13.25
CA VAL B 272 0.73 -12.65 14.30
C VAL B 272 2.08 -12.10 14.01
N ILE B 273 2.73 -11.49 15.02
CA ILE B 273 4.08 -10.98 14.88
C ILE B 273 4.98 -11.89 15.68
N LEU B 274 5.93 -12.46 14.97
CA LEU B 274 6.96 -13.21 15.64
C LEU B 274 8.12 -12.24 15.89
N PHE B 275 8.55 -12.13 17.15
CA PHE B 275 9.57 -11.17 17.52
C PHE B 275 10.57 -11.77 18.52
N GLY B 276 10.06 -12.39 19.57
CA GLY B 276 10.90 -13.13 20.49
C GLY B 276 11.64 -14.24 19.82
N PHE B 277 12.88 -14.51 20.23
CA PHE B 277 13.53 -15.72 19.75
C PHE B 277 14.39 -16.44 20.81
N ASN B 278 14.38 -17.76 20.78
CA ASN B 278 15.21 -18.55 21.69
C ASN B 278 15.49 -19.91 21.05
N GLY B 279 16.72 -20.04 20.55
CA GLY B 279 17.17 -21.29 19.92
C GLY B 279 17.13 -22.53 20.80
N LYS B 280 17.08 -22.35 22.12
CA LYS B 280 16.98 -23.46 23.10
C LYS B 280 15.53 -23.87 23.40
N ALA B 281 14.54 -23.26 22.73
CA ALA B 281 13.16 -23.50 23.10
C ALA B 281 12.74 -24.77 22.45
N PRO B 282 12.02 -25.63 23.19
CA PRO B 282 11.78 -26.97 22.67
C PRO B 282 10.76 -27.01 21.57
N GLY B 283 10.79 -28.10 20.81
CA GLY B 283 9.90 -28.32 19.67
C GLY B 283 8.46 -28.49 20.12
N TYR B 284 7.50 -28.09 19.28
CA TYR B 284 6.06 -28.29 19.54
C TYR B 284 5.38 -28.71 18.25
N PRO B 285 4.60 -29.80 18.32
CA PRO B 285 4.06 -30.34 17.11
C PRO B 285 2.98 -29.47 16.48
N VAL B 286 3.17 -29.24 15.17
CA VAL B 286 2.21 -28.53 14.36
C VAL B 286 1.74 -29.47 13.32
N ASN B 287 0.43 -29.58 13.22
CA ASN B 287 -0.20 -30.57 12.32
C ASN B 287 -1.03 -29.97 11.16
N GLY B 288 -1.53 -30.86 10.32
CA GLY B 288 -2.30 -30.49 9.13
C GLY B 288 -3.48 -29.58 9.45
N GLU B 289 -4.13 -29.87 10.57
CA GLU B 289 -5.24 -29.07 11.02
C GLU B 289 -4.83 -27.64 11.55
N ASP B 290 -3.58 -27.48 11.99
CA ASP B 290 -3.06 -26.19 12.45
C ASP B 290 -2.82 -25.28 11.24
N ILE B 291 -2.16 -25.84 10.21
CA ILE B 291 -1.98 -25.21 8.96
C ILE B 291 -3.30 -24.82 8.34
N ASP B 292 -4.21 -25.77 8.35
CA ASP B 292 -5.51 -25.51 7.81
C ASP B 292 -6.25 -24.31 8.50
N TYR B 293 -6.08 -24.22 9.80
CA TYR B 293 -6.71 -23.15 10.58
C TYR B 293 -6.15 -21.77 10.09
N ILE B 294 -4.85 -21.71 9.82
CA ILE B 294 -4.17 -20.50 9.32
C ILE B 294 -4.64 -20.18 7.93
N VAL B 295 -4.63 -21.17 7.06
CA VAL B 295 -5.11 -20.97 5.71
C VAL B 295 -6.55 -20.44 5.68
N GLU B 296 -7.44 -21.13 6.37
CA GLU B 296 -8.85 -20.79 6.22
C GLU B 296 -9.23 -19.45 6.80
N ARG B 297 -8.38 -18.92 7.66
CA ARG B 297 -8.64 -17.65 8.26
C ARG B 297 -7.89 -16.46 7.62
N ASN B 298 -7.13 -16.71 6.56
CA ASN B 298 -6.31 -15.68 5.92
C ASN B 298 -5.41 -14.98 6.95
N ILE B 299 -4.81 -15.75 7.82
CA ILE B 299 -3.96 -15.23 8.86
C ILE B 299 -2.60 -14.99 8.28
N THR B 300 -1.87 -14.06 8.88
CA THR B 300 -0.53 -13.76 8.39
C THR B 300 0.37 -13.84 9.58
N ILE B 301 1.52 -14.47 9.40
CA ILE B 301 2.47 -14.64 10.50
C ILE B 301 3.75 -14.04 10.00
N ALA B 302 4.13 -12.91 10.58
CA ALA B 302 5.29 -12.17 10.12
C ALA B 302 6.39 -12.04 11.20
N GLY B 303 7.58 -12.48 10.88
CA GLY B 303 8.73 -12.24 11.72
C GLY B 303 9.28 -10.87 11.45
N SER B 304 9.73 -10.22 12.51
CA SER B 304 10.21 -8.83 12.46
C SER B 304 11.42 -8.66 13.33
N VAL B 305 12.46 -8.09 12.76
CA VAL B 305 13.68 -7.83 13.44
C VAL B 305 14.12 -6.43 13.11
N ASP B 306 14.60 -5.75 14.14
CA ASP B 306 15.30 -4.50 14.12
C ASP B 306 14.37 -3.39 13.71
N ALA B 307 14.92 -2.27 13.29
CA ALA B 307 14.12 -1.15 12.83
C ALA B 307 14.96 -0.21 12.04
N ALA B 308 14.32 0.69 11.32
CA ALA B 308 15.01 1.79 10.67
C ALA B 308 15.06 3.05 11.55
N LYS B 309 15.91 3.97 11.12
CA LYS B 309 16.17 5.21 11.79
C LYS B 309 14.85 5.94 12.00
N ILE B 310 13.98 5.90 11.03
CA ILE B 310 12.67 6.61 11.25
C ILE B 310 11.90 6.08 12.51
N HIS B 311 12.07 4.79 12.76
CA HIS B 311 11.46 4.14 13.89
C HIS B 311 12.11 4.52 15.22
N TYR B 312 13.41 4.84 15.23
CA TYR B 312 14.03 5.49 16.41
C TYR B 312 13.38 6.89 16.70
N VAL B 313 13.16 7.67 15.66
CA VAL B 313 12.53 8.98 15.75
C VAL B 313 11.07 8.81 16.26
N GLN B 314 10.37 7.82 15.73
CA GLN B 314 9.01 7.52 16.23
C GLN B 314 8.99 7.08 17.66
N ALA B 315 9.94 6.27 18.03
CA ALA B 315 10.05 5.82 19.39
C ALA B 315 10.20 7.01 20.34
N LEU B 316 11.16 7.91 20.05
CA LEU B 316 11.34 9.10 20.88
C LEU B 316 10.06 9.94 20.97
N ASP B 317 9.31 10.06 19.91
CA ASP B 317 8.09 10.85 19.97
C ASP B 317 7.09 10.21 20.89
N SER B 318 7.01 8.89 20.87
CA SER B 318 6.05 8.23 21.79
C SER B 318 6.47 8.23 23.28
N LEU B 319 7.71 8.00 23.54
CA LEU B 319 8.24 8.13 24.86
C LEU B 319 7.93 9.53 25.42
N SER B 320 8.08 10.62 24.64
CA SER B 320 7.61 11.96 25.09
C SER B 320 6.15 12.01 25.43
N ASN B 321 5.32 11.56 24.50
CA ASN B 321 3.87 11.60 24.69
C ASN B 321 3.50 10.83 25.92
N TRP B 322 4.09 9.63 26.08
CA TRP B 322 3.86 8.79 27.25
C TRP B 322 4.37 9.47 28.55
N TYR B 323 5.59 10.01 28.53
CA TYR B 323 6.13 10.75 29.68
C TYR B 323 5.31 11.96 30.18
N HIS B 324 4.81 12.80 29.32
CA HIS B 324 3.92 13.89 29.76
C HIS B 324 2.47 13.48 30.14
N ARG B 325 2.12 12.21 30.08
CA ARG B 325 0.82 11.82 30.52
C ARG B 325 0.94 11.02 31.79
N HIS B 326 1.96 10.20 31.89
CA HIS B 326 2.13 9.22 32.96
C HIS B 326 3.61 9.18 33.41
N PRO B 327 4.15 10.32 33.85
CA PRO B 327 5.59 10.41 34.20
C PRO B 327 6.09 9.36 35.15
N GLN B 328 5.37 9.17 36.26
CA GLN B 328 5.84 8.24 37.28
C GLN B 328 5.95 6.82 36.77
N THR B 329 4.93 6.43 36.01
CA THR B 329 4.79 5.07 35.49
C THR B 329 5.79 4.75 34.39
N ILE B 330 6.06 5.74 33.52
CA ILE B 330 7.18 5.53 32.59
C ILE B 330 8.51 5.29 33.34
N LYS B 331 8.85 6.17 34.29
CA LYS B 331 10.05 5.96 35.14
C LYS B 331 10.18 4.58 35.72
N ASP B 332 9.05 4.00 36.09
CA ASP B 332 9.05 2.67 36.68
C ASP B 332 9.43 1.53 35.73
N ILE B 333 9.46 1.76 34.42
CA ILE B 333 9.96 0.72 33.47
C ILE B 333 11.41 0.46 33.77
N ILE B 334 12.14 1.49 34.18
CA ILE B 334 13.53 1.31 34.63
C ILE B 334 13.56 0.78 36.05
N THR B 335 13.94 -0.48 36.22
CA THR B 335 13.77 -1.15 37.49
C THR B 335 15.04 -1.38 38.27
N TYR B 336 16.16 -1.07 37.65
CA TYR B 336 17.44 -1.19 38.29
C TYR B 336 18.45 -0.28 37.57
N GLU B 337 19.14 0.56 38.32
CA GLU B 337 20.28 1.33 37.81
C GLU B 337 21.59 0.84 38.37
N ALA B 338 22.48 0.44 37.48
CA ALA B 338 23.72 -0.15 37.85
C ALA B 338 24.91 0.69 37.47
N LYS B 339 25.96 0.46 38.25
CA LYS B 339 27.28 0.92 37.96
C LYS B 339 27.98 -0.06 37.05
N PRO B 340 28.91 0.43 36.22
CA PRO B 340 29.61 -0.49 35.29
C PRO B 340 30.29 -1.68 35.92
N GLU B 341 30.82 -1.53 37.12
CA GLU B 341 31.47 -2.65 37.80
C GLU B 341 30.47 -3.74 38.21
N GLU B 342 29.18 -3.43 38.26
CA GLU B 342 28.26 -4.52 38.62
C GLU B 342 27.95 -5.44 37.43
N THR B 343 28.94 -6.25 37.03
CA THR B 343 28.84 -7.09 35.80
C THR B 343 27.91 -8.29 36.03
N ASN B 344 27.63 -8.51 37.29
CA ASN B 344 26.58 -9.41 37.74
C ASN B 344 25.24 -9.29 37.03
N ILE B 345 24.84 -8.06 36.70
CA ILE B 345 23.60 -7.86 35.98
C ILE B 345 23.53 -8.65 34.65
N PHE B 346 24.66 -9.05 34.10
CA PHE B 346 24.65 -9.82 32.85
C PHE B 346 24.35 -11.31 33.04
N PHE B 347 24.58 -11.80 34.27
CA PHE B 347 24.43 -13.19 34.66
C PHE B 347 23.17 -13.41 35.46
N GLN B 348 22.84 -12.47 36.33
CA GLN B 348 21.64 -12.61 37.16
C GLN B 348 20.85 -11.35 37.02
N LYS B 349 19.55 -11.50 36.78
CA LYS B 349 18.70 -10.37 36.57
C LYS B 349 18.04 -10.01 37.88
N PRO B 350 18.38 -8.84 38.48
CA PRO B 350 17.80 -8.52 39.80
C PRO B 350 16.28 -8.49 39.70
N LYS B 351 15.61 -9.29 40.53
CA LYS B 351 14.20 -9.69 40.24
C LYS B 351 13.21 -8.53 40.35
N GLY B 352 12.02 -8.77 39.82
CA GLY B 352 11.12 -7.68 39.50
C GLY B 352 11.52 -6.89 38.25
N GLU B 353 12.67 -7.24 37.63
CA GLU B 353 13.20 -6.60 36.41
C GLU B 353 12.21 -6.37 35.31
N ILE B 354 12.20 -5.15 34.82
CA ILE B 354 11.58 -4.83 33.55
C ILE B 354 12.75 -4.43 32.60
N LYS B 355 13.28 -3.23 32.80
CA LYS B 355 14.54 -2.78 32.19
C LYS B 355 15.64 -2.46 33.18
N THR B 356 16.71 -3.23 33.16
CA THR B 356 17.93 -2.84 33.84
C THR B 356 18.82 -1.95 32.91
N VAL B 357 19.34 -0.85 33.46
CA VAL B 357 20.27 0.05 32.74
C VAL B 357 21.59 0.28 33.52
N ILE B 358 22.63 0.70 32.80
CA ILE B 358 23.84 1.09 33.40
C ILE B 358 23.87 2.58 33.32
N LYS B 359 24.16 3.25 34.44
CA LYS B 359 24.49 4.67 34.41
C LYS B 359 25.96 4.77 34.23
N TRP B 360 26.40 5.46 33.20
CA TRP B 360 27.81 5.55 32.87
C TRP B 360 28.40 6.71 33.68
N PRO B 361 29.46 6.49 34.44
CA PRO B 361 29.94 7.51 35.44
C PRO B 361 30.73 8.63 34.84
N SER C 2 36.73 3.58 -34.31
CA SER C 2 36.05 2.90 -35.45
C SER C 2 35.00 3.80 -36.06
N THR C 3 34.83 3.71 -37.37
CA THR C 3 33.92 4.58 -38.06
C THR C 3 32.67 3.79 -38.30
N ILE C 4 31.52 4.44 -38.09
CA ILE C 4 30.20 3.80 -38.22
C ILE C 4 29.25 4.86 -38.73
N ASN C 5 28.09 4.39 -39.15
CA ASN C 5 26.97 5.19 -39.62
C ASN C 5 26.00 5.45 -38.42
N ALA C 6 25.36 6.62 -38.41
CA ALA C 6 24.53 7.13 -37.29
C ALA C 6 23.69 8.33 -37.67
N ILE C 7 22.50 8.43 -37.06
CA ILE C 7 21.62 9.59 -37.20
C ILE C 7 21.86 10.47 -35.97
N VAL C 8 22.43 11.67 -36.17
CA VAL C 8 22.82 12.55 -35.08
C VAL C 8 22.12 13.88 -35.09
N THR C 9 22.05 14.51 -33.90
CA THR C 9 21.65 15.91 -33.76
C THR C 9 22.74 16.62 -33.02
N ASP C 10 22.56 17.92 -32.86
CA ASP C 10 23.50 18.79 -32.14
C ASP C 10 22.59 19.42 -31.04
N ALA C 11 22.55 18.73 -29.93
CA ALA C 11 21.53 19.07 -28.98
C ALA C 11 22.09 20.16 -28.11
N PRO C 12 21.27 21.13 -27.72
CA PRO C 12 19.88 21.29 -28.06
C PRO C 12 19.62 22.14 -29.29
N LYS C 13 20.66 22.57 -29.98
CA LYS C 13 20.58 23.50 -31.11
C LYS C 13 19.69 22.94 -32.21
N GLY C 14 19.71 21.63 -32.42
CA GLY C 14 18.73 21.04 -33.35
C GLY C 14 19.35 20.39 -34.56
N GLY C 15 18.58 20.20 -35.62
CA GLY C 15 19.10 19.57 -36.83
C GLY C 15 19.24 18.05 -36.73
N VAL C 16 19.15 17.42 -37.90
CA VAL C 16 19.37 15.99 -38.04
C VAL C 16 20.20 15.67 -39.30
N LYS C 17 21.26 14.86 -39.17
CA LYS C 17 21.96 14.24 -40.30
C LYS C 17 22.28 12.75 -40.11
N TYR C 18 21.92 11.96 -41.13
CA TYR C 18 22.44 10.59 -41.26
C TYR C 18 23.88 10.69 -41.76
N THR C 19 24.84 10.11 -41.06
CA THR C 19 26.20 10.43 -41.37
C THR C 19 27.12 9.45 -40.77
N LYS C 20 28.42 9.73 -40.89
CA LYS C 20 29.48 8.84 -40.38
C LYS C 20 30.04 9.49 -39.16
N ILE C 21 30.43 8.70 -38.18
CA ILE C 21 31.00 9.24 -36.95
C ILE C 21 32.02 8.23 -36.49
N ASP C 22 32.87 8.64 -35.55
CA ASP C 22 33.88 7.74 -35.00
C ASP C 22 33.49 7.27 -33.58
N MET C 23 32.92 6.06 -33.49
CA MET C 23 32.58 5.43 -32.20
C MET C 23 33.62 4.34 -31.85
N PRO C 24 34.58 4.64 -30.95
CA PRO C 24 35.50 3.62 -30.46
C PRO C 24 34.87 2.79 -29.32
N GLU C 25 35.34 1.56 -29.08
CA GLU C 25 34.86 0.71 -27.96
C GLU C 25 35.66 0.99 -26.69
N PRO C 26 35.11 0.63 -25.50
CA PRO C 26 35.83 0.64 -24.21
C PRO C 26 36.27 -0.78 -23.76
N TYR C 29 32.82 -2.51 -21.33
CA TYR C 29 31.50 -2.98 -21.82
C TYR C 29 31.31 -4.50 -21.74
N GLU C 30 30.04 -4.88 -21.69
CA GLU C 30 29.66 -6.24 -21.46
C GLU C 30 28.92 -6.77 -22.62
N ALA C 31 28.54 -5.88 -23.52
CA ALA C 31 27.69 -6.26 -24.61
C ALA C 31 27.83 -5.27 -25.74
N LYS C 32 27.66 -5.78 -26.96
CA LYS C 32 27.77 -5.03 -28.21
C LYS C 32 26.60 -5.44 -29.03
N LEU C 33 25.94 -4.46 -29.64
CA LEU C 33 24.63 -4.68 -30.20
C LEU C 33 24.49 -3.94 -31.48
N LYS C 34 23.42 -4.21 -32.19
CA LYS C 34 23.12 -3.37 -33.28
C LYS C 34 21.62 -3.22 -33.34
N PRO C 35 21.18 -2.09 -33.90
CA PRO C 35 19.76 -1.87 -34.10
C PRO C 35 19.09 -2.68 -35.20
N VAL C 36 17.80 -2.92 -35.02
CA VAL C 36 16.94 -3.56 -36.00
C VAL C 36 15.86 -2.57 -36.35
N TYR C 37 15.25 -1.99 -35.33
CA TYR C 37 14.25 -0.94 -35.47
C TYR C 37 14.43 0.12 -34.35
N ILE C 38 13.98 1.34 -34.65
CA ILE C 38 14.00 2.43 -33.72
C ILE C 38 12.81 3.29 -34.06
N GLY C 39 11.86 3.38 -33.13
CA GLY C 39 10.68 4.24 -33.30
C GLY C 39 11.06 5.70 -33.12
N ILE C 40 10.16 6.62 -33.42
CA ILE C 40 10.39 8.03 -33.19
C ILE C 40 9.12 8.55 -32.59
N CYS C 41 9.24 9.60 -31.75
CA CYS C 41 8.05 10.23 -31.16
C CYS C 41 8.22 11.72 -31.17
N GLY C 42 7.25 12.41 -30.62
CA GLY C 42 7.24 13.88 -30.59
C GLY C 42 8.58 14.42 -30.13
N THR C 43 9.19 13.72 -29.18
CA THR C 43 10.43 14.20 -28.57
C THR C 43 11.57 14.23 -29.54
N ASP C 44 11.68 13.19 -30.37
CA ASP C 44 12.74 13.10 -31.40
C ASP C 44 12.59 14.35 -32.31
N ARG C 45 11.36 14.71 -32.60
CA ARG C 45 11.04 15.84 -33.49
C ARG C 45 11.32 17.18 -32.81
N GLY C 46 11.03 17.22 -31.51
CA GLY C 46 11.32 18.35 -30.70
C GLY C 46 12.80 18.57 -30.66
N GLU C 47 13.57 17.50 -30.49
CA GLU C 47 15.05 17.63 -30.55
C GLU C 47 15.58 18.17 -31.87
N VAL C 48 14.97 17.75 -32.99
CA VAL C 48 15.46 18.09 -34.33
C VAL C 48 15.07 19.54 -34.61
N ALA C 49 13.88 19.93 -34.17
CA ALA C 49 13.40 21.30 -34.28
C ALA C 49 14.10 22.28 -33.34
N GLY C 50 14.92 21.81 -32.41
CA GLY C 50 15.54 22.68 -31.40
C GLY C 50 14.54 23.32 -30.46
N ALA C 51 13.47 22.61 -30.15
CA ALA C 51 12.45 23.10 -29.28
C ALA C 51 12.60 22.69 -27.80
N LEU C 52 13.63 21.91 -27.47
CA LEU C 52 13.85 21.40 -26.14
C LEU C 52 15.14 21.90 -25.52
N SER C 53 15.05 22.68 -24.46
CA SER C 53 16.27 23.24 -23.80
C SER C 53 16.99 22.33 -22.88
N PHE C 54 16.40 21.19 -22.48
CA PHE C 54 17.02 20.33 -21.48
C PHE C 54 17.95 19.29 -22.09
N THR C 55 17.92 19.13 -23.42
CA THR C 55 18.77 18.11 -24.07
C THR C 55 20.17 18.59 -24.26
N TYR C 56 21.12 17.67 -24.41
CA TYR C 56 22.51 18.04 -24.64
C TYR C 56 23.41 16.88 -25.03
N ASN C 57 24.59 17.20 -25.58
CA ASN C 57 25.46 16.18 -26.16
C ASN C 57 26.25 15.63 -25.05
N PRO C 58 26.77 14.40 -25.17
CA PRO C 58 27.59 13.87 -24.09
C PRO C 58 28.86 14.66 -23.86
N GLU C 59 29.38 14.65 -22.63
CA GLU C 59 30.60 15.37 -22.30
C GLU C 59 31.74 15.14 -23.32
N GLY C 60 32.38 16.21 -23.73
CA GLY C 60 33.41 16.13 -24.77
C GLY C 60 32.96 16.18 -26.22
N GLU C 61 31.73 15.81 -26.55
CA GLU C 61 31.35 15.59 -27.95
C GLU C 61 30.47 16.69 -28.47
N ASN C 62 30.38 16.78 -29.79
CA ASN C 62 29.65 17.88 -30.43
C ASN C 62 28.47 17.42 -31.25
N PHE C 63 28.12 16.15 -31.07
CA PHE C 63 26.82 15.65 -31.55
C PHE C 63 26.23 14.68 -30.52
N LEU C 64 24.96 14.38 -30.74
CA LEU C 64 24.26 13.36 -29.94
C LEU C 64 23.56 12.39 -30.91
N VAL C 65 23.84 11.11 -30.75
CA VAL C 65 23.14 10.14 -31.56
C VAL C 65 21.69 10.09 -31.08
N LEU C 66 20.77 10.32 -32.00
CA LEU C 66 19.36 10.21 -31.75
C LEU C 66 18.90 8.74 -31.57
N GLY C 67 17.68 8.63 -31.07
CA GLY C 67 16.91 7.41 -31.08
C GLY C 67 16.84 6.82 -29.69
N HIS C 68 15.64 6.72 -29.13
CA HIS C 68 15.52 6.01 -27.80
C HIS C 68 14.49 4.87 -27.74
N GLU C 69 13.58 4.84 -28.70
CA GLU C 69 12.63 3.75 -28.84
C GLU C 69 13.18 2.57 -29.66
N ALA C 70 14.06 1.77 -29.06
CA ALA C 70 14.89 0.81 -29.81
C ALA C 70 14.50 -0.67 -29.59
N LEU C 71 14.86 -1.47 -30.61
CA LEU C 71 14.91 -2.94 -30.58
C LEU C 71 16.24 -3.30 -31.20
N LEU C 72 17.06 -3.99 -30.44
CA LEU C 72 18.43 -4.21 -30.75
C LEU C 72 18.67 -5.71 -30.82
N GLN C 73 19.88 -6.07 -31.27
CA GLN C 73 20.31 -7.47 -31.33
C GLN C 73 21.68 -7.58 -30.77
N VAL C 74 21.87 -8.61 -29.96
CA VAL C 74 23.10 -8.78 -29.27
C VAL C 74 24.02 -9.41 -30.26
N LEU C 75 25.13 -8.74 -30.54
CA LEU C 75 26.12 -9.22 -31.48
C LEU C 75 27.10 -10.01 -30.68
N ASP C 76 27.65 -9.37 -29.66
CA ASP C 76 28.59 -10.03 -28.77
C ASP C 76 28.14 -9.77 -27.31
N VAL C 77 28.43 -10.68 -26.39
CA VAL C 77 28.07 -10.46 -24.99
C VAL C 77 28.97 -11.16 -23.99
N SER C 78 29.13 -10.54 -22.83
CA SER C 78 29.86 -11.12 -21.74
C SER C 78 29.22 -12.41 -21.25
N ASP C 79 29.89 -13.02 -20.28
CA ASP C 79 29.50 -14.30 -19.75
C ASP C 79 28.43 -14.14 -18.72
N ASN C 80 27.21 -14.62 -19.00
CA ASN C 80 26.05 -14.36 -18.14
C ASN C 80 24.94 -15.35 -18.40
N ASN C 81 24.02 -15.45 -17.46
CA ASN C 81 22.97 -16.43 -17.54
C ASN C 81 21.67 -15.89 -18.13
N TYR C 82 21.69 -14.72 -18.78
CA TYR C 82 20.42 -14.14 -19.19
C TYR C 82 20.30 -13.85 -20.66
N ILE C 83 21.39 -13.47 -21.32
CA ILE C 83 21.34 -13.24 -22.76
C ILE C 83 22.59 -13.67 -23.51
N LYS C 84 22.42 -13.92 -24.80
CA LYS C 84 23.51 -14.40 -25.64
C LYS C 84 23.42 -13.81 -27.01
N ARG C 85 24.51 -13.97 -27.76
CA ARG C 85 24.55 -13.59 -29.19
C ARG C 85 23.26 -14.01 -29.85
N GLY C 86 22.71 -13.14 -30.68
CA GLY C 86 21.48 -13.40 -31.42
C GLY C 86 20.19 -13.00 -30.75
N ASP C 87 20.21 -12.92 -29.41
CA ASP C 87 19.08 -12.42 -28.64
C ASP C 87 18.71 -11.00 -29.05
N PHE C 88 17.41 -10.75 -29.11
CA PHE C 88 16.85 -9.42 -29.33
C PHE C 88 16.54 -8.82 -27.94
N VAL C 89 16.90 -7.53 -27.79
CA VAL C 89 16.74 -6.81 -26.53
C VAL C 89 16.22 -5.39 -26.70
N VAL C 90 15.50 -4.90 -25.69
CA VAL C 90 15.16 -3.48 -25.62
C VAL C 90 16.08 -2.75 -24.61
N PRO C 91 16.78 -1.71 -25.06
CA PRO C 91 17.65 -1.03 -24.10
C PRO C 91 16.85 -0.02 -23.26
N LEU C 92 17.31 0.16 -22.05
CA LEU C 92 16.74 1.18 -21.18
C LEU C 92 17.07 2.59 -21.71
N VAL C 93 16.06 3.46 -21.74
CA VAL C 93 16.36 4.86 -22.03
C VAL C 93 17.08 5.49 -20.84
N ARG C 94 16.40 5.57 -19.70
CA ARG C 94 16.91 6.24 -18.52
C ARG C 94 17.86 5.41 -17.72
N ARG C 95 19.01 5.96 -17.47
CA ARG C 95 20.03 5.29 -16.71
C ARG C 95 20.16 5.97 -15.38
N PRO C 96 20.41 5.13 -14.29
CA PRO C 96 20.35 5.80 -12.98
C PRO C 96 21.51 6.71 -12.53
N GLY C 97 21.22 7.75 -11.74
CA GLY C 97 22.25 8.48 -11.01
C GLY C 97 22.53 7.85 -9.66
N LYS C 98 22.59 8.67 -8.60
CA LYS C 98 23.00 8.21 -7.22
C LYS C 98 21.92 8.38 -6.13
N CYS C 99 20.92 9.17 -6.39
CA CYS C 99 19.80 9.35 -5.45
C CYS C 99 19.13 8.07 -4.93
N VAL C 100 18.29 8.24 -3.94
CA VAL C 100 17.72 7.12 -3.23
C VAL C 100 16.81 6.29 -4.17
N ASN C 101 16.25 6.92 -5.17
CA ASN C 101 15.39 6.21 -6.09
C ASN C 101 16.23 5.57 -7.21
N CYS C 102 17.19 6.33 -7.75
CA CYS C 102 18.08 5.77 -8.80
C CYS C 102 18.79 4.53 -8.34
N ARG C 103 19.26 4.53 -7.11
CA ARG C 103 20.12 3.48 -6.68
C ARG C 103 19.34 2.18 -6.46
N ILE C 104 18.00 2.20 -6.48
CA ILE C 104 17.22 0.90 -6.49
C ILE C 104 16.55 0.61 -7.87
N GLY C 105 16.97 1.32 -8.93
CA GLY C 105 16.48 0.96 -10.26
C GLY C 105 15.19 1.67 -10.50
N ARG C 106 14.93 2.73 -9.75
CA ARG C 106 13.74 3.57 -10.08
C ARG C 106 14.15 4.99 -10.46
N GLN C 107 15.18 5.07 -11.29
CA GLN C 107 15.55 6.31 -11.92
C GLN C 107 14.38 7.04 -12.51
N ASP C 108 13.33 6.33 -12.86
CA ASP C 108 12.16 6.98 -13.35
C ASP C 108 11.53 7.89 -12.28
N ASN C 109 11.88 7.69 -11.04
CA ASN C 109 11.32 8.50 -9.94
C ASN C 109 12.46 9.29 -9.30
N CYS C 110 13.48 9.57 -10.12
CA CYS C 110 14.70 10.26 -9.68
C CYS C 110 14.31 11.44 -8.81
N SER C 111 14.93 11.53 -7.67
CA SER C 111 14.56 12.57 -6.67
C SER C 111 15.24 13.93 -7.05
N ILE C 112 16.21 13.92 -7.96
CA ILE C 112 17.03 15.13 -8.23
C ILE C 112 16.72 15.64 -9.59
N GLY C 113 16.52 14.75 -10.53
CA GLY C 113 16.36 15.13 -11.92
C GLY C 113 17.74 15.18 -12.57
N ASP C 114 17.83 15.95 -13.65
CA ASP C 114 19.08 16.14 -14.31
C ASP C 114 19.96 16.92 -13.34
N PRO C 115 21.25 16.60 -13.20
CA PRO C 115 22.06 15.63 -13.91
C PRO C 115 22.23 14.32 -13.15
N ASP C 116 21.29 13.94 -12.29
CA ASP C 116 21.49 12.70 -11.55
C ASP C 116 21.21 11.57 -12.53
N LYS C 117 19.99 11.51 -13.06
CA LYS C 117 19.67 10.58 -14.15
C LYS C 117 20.04 11.06 -15.57
N HIS C 118 20.24 10.09 -16.50
CA HIS C 118 20.46 10.41 -17.96
C HIS C 118 19.65 9.53 -18.91
N GLU C 119 19.28 10.10 -20.07
CA GLU C 119 18.45 9.43 -21.07
C GLU C 119 19.17 9.30 -22.44
N ALA C 120 19.32 8.06 -22.88
CA ALA C 120 19.88 7.76 -24.20
C ALA C 120 19.16 8.53 -25.29
N GLY C 121 19.94 9.19 -26.13
CA GLY C 121 19.36 9.96 -27.22
C GLY C 121 18.77 11.29 -26.86
N ILE C 122 18.87 11.67 -25.56
CA ILE C 122 18.21 12.85 -25.06
C ILE C 122 19.16 13.68 -24.19
N THR C 123 19.67 13.11 -23.10
CA THR C 123 20.47 13.92 -22.16
C THR C 123 21.83 13.36 -21.95
N GLY C 124 22.77 13.71 -22.81
CA GLY C 124 24.20 13.45 -22.54
C GLY C 124 24.65 12.04 -22.74
N LEU C 125 23.79 11.26 -23.40
CA LEU C 125 24.01 9.84 -23.67
C LEU C 125 23.57 9.54 -25.11
N HIS C 126 24.49 8.96 -25.88
CA HIS C 126 24.21 8.64 -27.25
C HIS C 126 23.06 7.70 -27.36
N GLY C 127 22.19 8.01 -28.31
CA GLY C 127 21.04 7.19 -28.62
C GLY C 127 21.42 5.96 -29.41
N PHE C 128 20.40 5.37 -30.05
CA PHE C 128 20.51 4.01 -30.60
C PHE C 128 20.42 3.98 -32.15
N MET C 129 20.25 5.13 -32.82
CA MET C 129 20.22 5.17 -34.29
C MET C 129 21.67 5.27 -34.83
N ARG C 130 22.44 4.20 -34.64
CA ARG C 130 23.84 4.06 -35.07
C ARG C 130 24.15 2.55 -35.20
N ASP C 131 25.18 2.18 -35.98
CA ASP C 131 25.45 0.76 -36.35
C ASP C 131 25.82 -0.05 -35.17
N VAL C 132 26.72 0.47 -34.37
CA VAL C 132 27.21 -0.28 -33.23
C VAL C 132 26.84 0.43 -31.91
N ILE C 133 26.42 -0.36 -30.90
CA ILE C 133 26.05 0.12 -29.57
C ILE C 133 26.66 -0.72 -28.47
N TYR C 134 27.41 -0.10 -27.56
CA TYR C 134 27.95 -0.79 -26.37
C TYR C 134 27.06 -0.55 -25.15
N ASP C 135 26.85 -1.59 -24.35
CA ASP C 135 26.04 -1.43 -23.15
C ASP C 135 26.36 -2.47 -22.12
N ASP C 136 25.86 -2.25 -20.89
CA ASP C 136 25.95 -3.25 -19.86
C ASP C 136 24.66 -4.04 -19.87
N ILE C 137 24.84 -5.29 -19.47
CA ILE C 137 23.79 -6.28 -19.50
C ILE C 137 22.58 -5.79 -18.75
N GLN C 138 22.80 -5.20 -17.57
CA GLN C 138 21.63 -4.86 -16.79
C GLN C 138 20.72 -3.81 -17.44
N ASN C 139 21.24 -3.04 -18.41
CA ASN C 139 20.40 -2.05 -19.15
C ASN C 139 19.67 -2.61 -20.33
N LEU C 140 19.68 -3.92 -20.45
CA LEU C 140 19.03 -4.58 -21.58
C LEU C 140 17.89 -5.41 -21.11
N VAL C 141 16.76 -5.27 -21.76
CA VAL C 141 15.65 -6.18 -21.48
C VAL C 141 15.36 -7.16 -22.63
N LYS C 142 15.53 -8.44 -22.34
CA LYS C 142 15.28 -9.50 -23.30
C LYS C 142 13.83 -9.65 -23.76
N VAL C 143 13.65 -9.61 -25.08
CA VAL C 143 12.44 -10.07 -25.73
C VAL C 143 12.44 -11.60 -25.68
N ASN C 144 11.37 -12.17 -25.15
CA ASN C 144 11.25 -13.59 -24.96
C ASN C 144 10.26 -14.28 -25.90
N ASP C 145 9.43 -13.51 -26.59
CA ASP C 145 8.47 -13.99 -27.56
C ASP C 145 9.05 -13.87 -28.98
N PRO C 146 9.30 -15.01 -29.59
CA PRO C 146 9.93 -14.99 -30.91
C PRO C 146 9.03 -14.49 -31.99
N ASP C 147 7.72 -14.55 -31.79
CA ASP C 147 6.78 -14.09 -32.82
C ASP C 147 6.54 -12.60 -32.82
N LEU C 148 7.19 -11.88 -31.92
CA LEU C 148 6.82 -10.48 -31.77
C LEU C 148 7.44 -9.71 -32.89
N GLY C 149 8.69 -10.05 -33.14
CA GLY C 149 9.49 -9.34 -34.13
C GLY C 149 9.50 -7.82 -33.95
N LYS C 150 9.19 -7.13 -35.03
CA LYS C 150 9.24 -5.69 -35.06
C LYS C 150 8.32 -5.04 -34.01
N ILE C 151 7.18 -5.68 -33.73
CA ILE C 151 6.19 -5.15 -32.77
C ILE C 151 6.88 -4.79 -31.42
N ALA C 152 7.95 -5.51 -31.10
CA ALA C 152 8.83 -5.27 -29.93
C ALA C 152 9.42 -3.90 -29.86
N VAL C 153 9.36 -3.16 -30.96
CA VAL C 153 9.84 -1.80 -30.99
C VAL C 153 8.86 -0.91 -30.17
N LEU C 154 7.63 -1.36 -29.98
CA LEU C 154 6.66 -0.59 -29.22
C LEU C 154 6.87 -0.65 -27.69
N THR C 155 7.81 -1.46 -27.23
CA THR C 155 8.08 -1.59 -25.80
C THR C 155 8.26 -0.21 -25.11
N GLU C 156 9.10 0.65 -25.67
CA GLU C 156 9.47 1.88 -25.01
C GLU C 156 8.25 2.75 -24.83
N PRO C 157 7.46 2.89 -25.86
CA PRO C 157 6.34 3.76 -25.64
C PRO C 157 5.41 3.11 -24.61
N LEU C 158 5.32 1.78 -24.63
CA LEU C 158 4.39 1.06 -23.78
C LEU C 158 4.81 1.02 -22.30
N LYS C 159 6.11 0.96 -22.01
CA LYS C 159 6.53 0.97 -20.63
C LYS C 159 6.04 2.22 -19.88
N ASN C 160 5.98 3.37 -20.56
CA ASN C 160 5.56 4.60 -19.93
C ASN C 160 4.16 4.46 -19.44
N VAL C 161 3.37 3.70 -20.20
CA VAL C 161 1.97 3.44 -19.88
C VAL C 161 1.87 2.52 -18.64
N MET C 162 2.71 1.50 -18.60
CA MET C 162 2.71 0.60 -17.49
C MET C 162 3.09 1.30 -16.14
N LYS C 163 4.08 2.20 -16.18
CA LYS C 163 4.44 2.99 -14.98
C LYS C 163 3.25 3.88 -14.60
N ALA C 164 2.64 4.55 -15.58
CA ALA C 164 1.53 5.38 -15.28
C ALA C 164 0.47 4.59 -14.55
N PHE C 165 0.26 3.36 -15.02
CA PHE C 165 -0.78 2.52 -14.40
C PHE C 165 -0.37 2.04 -13.01
N GLU C 166 0.93 1.84 -12.81
CA GLU C 166 1.48 1.65 -11.46
C GLU C 166 1.08 2.78 -10.47
N VAL C 167 1.25 4.01 -10.94
CA VAL C 167 0.96 5.18 -10.21
C VAL C 167 -0.54 5.18 -9.98
N PHE C 168 -1.30 4.76 -10.98
CA PHE C 168 -2.74 4.62 -10.81
C PHE C 168 -3.05 3.61 -9.70
N ASP C 169 -2.39 2.46 -9.74
CA ASP C 169 -2.65 1.47 -8.70
C ASP C 169 -2.26 2.01 -7.30
N VAL C 170 -1.23 2.83 -7.22
CA VAL C 170 -0.79 3.35 -5.93
C VAL C 170 -1.81 4.34 -5.32
N VAL C 171 -2.27 5.31 -6.10
CA VAL C 171 -2.99 6.45 -5.57
C VAL C 171 -4.46 6.10 -5.39
N SER C 172 -4.95 5.18 -6.23
CA SER C 172 -6.31 4.66 -6.13
C SER C 172 -6.56 3.84 -4.84
N LYS C 173 -5.49 3.50 -4.12
CA LYS C 173 -5.64 2.99 -2.78
C LYS C 173 -6.08 3.98 -1.69
N ARG C 174 -6.29 5.24 -2.03
CA ARG C 174 -6.86 6.10 -0.99
C ARG C 174 -8.32 5.80 -0.60
N SER C 175 -8.99 5.09 -1.47
CA SER C 175 -10.39 4.77 -1.18
C SER C 175 -10.67 3.46 -1.88
N ILE C 176 -11.84 2.92 -1.68
CA ILE C 176 -12.27 1.80 -2.50
C ILE C 176 -12.73 2.33 -3.87
N PHE C 177 -11.88 2.09 -4.84
CA PHE C 177 -12.09 2.56 -6.18
C PHE C 177 -13.04 1.61 -6.92
N GLN C 178 -13.12 0.34 -6.47
CA GLN C 178 -13.88 -0.68 -7.21
C GLN C 178 -15.34 -0.62 -6.88
N ASN C 179 -16.15 -1.39 -7.64
CA ASN C 179 -17.54 -1.61 -7.28
C ASN C 179 -17.60 -2.51 -6.06
N ASP C 180 -18.76 -2.53 -5.43
CA ASP C 180 -19.01 -3.36 -4.26
C ASP C 180 -19.04 -4.83 -4.65
N ASP C 181 -18.80 -5.16 -5.91
CA ASP C 181 -18.59 -6.59 -6.22
C ASP C 181 -17.13 -6.89 -6.41
N SER C 182 -16.28 -5.90 -6.10
CA SER C 182 -14.81 -5.99 -6.20
C SER C 182 -14.15 -5.72 -7.53
N THR C 183 -14.94 -5.50 -8.59
CA THR C 183 -14.38 -5.46 -9.95
C THR C 183 -14.35 -4.05 -10.39
N PHE C 184 -13.80 -3.84 -11.59
CA PHE C 184 -13.80 -2.57 -12.26
C PHE C 184 -14.90 -2.48 -13.34
N ILE C 185 -15.85 -3.43 -13.36
CA ILE C 185 -16.94 -3.46 -14.38
C ILE C 185 -17.73 -2.16 -14.46
N GLY C 186 -17.77 -1.58 -15.66
CA GLY C 186 -18.51 -0.39 -15.91
C GLY C 186 -17.77 0.82 -15.47
N LYS C 187 -16.64 0.64 -14.79
CA LYS C 187 -15.75 1.81 -14.52
C LYS C 187 -15.26 2.43 -15.83
N LYS C 188 -15.26 3.76 -15.90
CA LYS C 188 -15.10 4.50 -17.14
C LYS C 188 -13.76 5.19 -17.26
N MET C 189 -13.02 4.79 -18.28
CA MET C 189 -11.74 5.44 -18.59
C MET C 189 -11.93 6.35 -19.85
N VAL C 190 -11.29 7.52 -19.86
CA VAL C 190 -11.29 8.40 -21.01
C VAL C 190 -9.86 8.84 -21.28
N VAL C 191 -9.40 8.66 -22.54
CA VAL C 191 -8.06 9.03 -22.94
C VAL C 191 -8.11 10.23 -23.90
N ILE C 192 -7.53 11.33 -23.49
CA ILE C 192 -7.51 12.53 -24.30
C ILE C 192 -6.41 12.32 -25.30
N GLY C 193 -6.81 12.19 -26.56
CA GLY C 193 -5.88 11.92 -27.65
C GLY C 193 -6.07 10.55 -28.31
N SER C 194 -5.45 10.36 -29.47
CA SER C 194 -5.75 9.20 -30.34
C SER C 194 -4.55 8.80 -31.14
N GLY C 195 -3.37 9.21 -30.67
CA GLY C 195 -2.12 8.77 -31.21
C GLY C 195 -1.58 7.51 -30.57
N SER C 196 -0.30 7.30 -30.73
CA SER C 196 0.37 6.11 -30.32
C SER C 196 0.15 5.83 -28.78
N GLU C 197 0.55 6.80 -27.97
CA GLU C 197 0.47 6.66 -26.54
C GLU C 197 -1.00 6.42 -26.08
N ALA C 198 -1.93 7.20 -26.60
CA ALA C 198 -3.35 7.00 -26.27
C ALA C 198 -3.88 5.60 -26.57
N PHE C 199 -3.39 5.08 -27.70
CA PHE C 199 -3.73 3.74 -28.15
C PHE C 199 -3.27 2.73 -27.11
N LEU C 200 -2.01 2.92 -26.63
CA LEU C 200 -1.38 2.03 -25.68
C LEU C 200 -2.08 2.16 -24.29
N TYR C 201 -2.39 3.37 -23.87
CA TYR C 201 -3.21 3.60 -22.69
C TYR C 201 -4.52 2.88 -22.78
N SER C 202 -5.22 3.08 -23.90
CA SER C 202 -6.53 2.46 -24.04
C SER C 202 -6.50 0.93 -23.95
N PHE C 203 -5.45 0.31 -24.47
CA PHE C 203 -5.39 -1.15 -24.50
C PHE C 203 -5.15 -1.72 -23.10
N VAL C 204 -4.17 -1.15 -22.39
CA VAL C 204 -3.93 -1.56 -21.00
C VAL C 204 -5.20 -1.31 -20.20
N GLY C 205 -5.82 -0.15 -20.41
CA GLY C 205 -7.07 0.16 -19.70
C GLY C 205 -8.09 -0.95 -19.87
N LYS C 206 -8.22 -1.38 -21.12
CA LYS C 206 -9.09 -2.53 -21.44
C LYS C 206 -8.69 -3.80 -20.67
N ASP C 207 -7.42 -4.12 -20.67
CA ASP C 207 -6.96 -5.24 -19.87
C ASP C 207 -7.25 -5.08 -18.36
N ARG C 208 -7.17 -3.87 -17.79
CA ARG C 208 -7.50 -3.66 -16.35
C ARG C 208 -8.99 -3.63 -16.10
N GLY C 209 -9.78 -3.72 -17.17
CA GLY C 209 -11.22 -3.87 -17.00
C GLY C 209 -12.05 -2.62 -17.15
N PHE C 210 -11.47 -1.50 -17.50
CA PHE C 210 -12.31 -0.34 -17.68
C PHE C 210 -13.10 -0.42 -19.03
N ASP C 211 -14.25 0.28 -19.11
CA ASP C 211 -14.77 0.74 -20.41
C ASP C 211 -13.96 1.94 -20.83
N VAL C 212 -13.27 1.86 -21.95
CA VAL C 212 -12.44 2.94 -22.45
C VAL C 212 -13.10 3.74 -23.63
N THR C 213 -12.67 4.97 -23.81
CA THR C 213 -13.09 5.80 -24.90
C THR C 213 -11.99 6.80 -25.14
N MET C 214 -11.19 6.62 -26.22
CA MET C 214 -10.32 7.71 -26.72
C MET C 214 -11.14 8.93 -27.16
N VAL C 215 -10.54 10.11 -27.22
CA VAL C 215 -11.30 11.27 -27.64
C VAL C 215 -10.39 12.26 -28.35
N ASN C 216 -10.96 13.03 -29.26
CA ASN C 216 -10.23 14.10 -29.91
C ASN C 216 -11.18 15.22 -30.34
N ARG C 217 -10.59 16.29 -30.87
CA ARG C 217 -11.34 17.46 -31.33
C ARG C 217 -11.63 17.36 -32.83
N HIS C 218 -11.62 16.14 -33.37
CA HIS C 218 -11.98 15.88 -34.74
C HIS C 218 -12.40 14.43 -34.84
N ASP C 219 -13.14 14.10 -35.89
CA ASP C 219 -13.46 12.72 -36.18
C ASP C 219 -12.15 11.96 -36.40
N GLU C 220 -12.24 10.65 -36.57
CA GLU C 220 -11.03 9.87 -36.75
C GLU C 220 -11.03 9.05 -38.03
N THR C 221 -9.83 8.77 -38.54
CA THR C 221 -9.66 7.94 -39.73
C THR C 221 -10.32 6.57 -39.54
N GLU C 222 -10.81 5.98 -40.63
CA GLU C 222 -11.39 4.63 -40.60
C GLU C 222 -10.33 3.59 -40.23
N ASN C 223 -9.07 3.93 -40.49
CA ASN C 223 -7.99 3.11 -40.03
C ASN C 223 -8.14 3.02 -38.51
N LYS C 224 -7.97 4.15 -37.82
CA LYS C 224 -7.98 4.18 -36.36
C LYS C 224 -9.29 3.68 -35.79
N MET C 225 -10.39 4.08 -36.42
CA MET C 225 -11.71 3.69 -35.93
C MET C 225 -11.82 2.16 -35.83
N LYS C 226 -11.22 1.44 -36.78
CA LYS C 226 -11.39 -0.03 -36.83
C LYS C 226 -10.52 -0.71 -35.79
N MET C 227 -9.34 -0.15 -35.62
CA MET C 227 -8.41 -0.62 -34.59
C MET C 227 -9.03 -0.59 -33.20
N MET C 228 -9.65 0.53 -32.88
CA MET C 228 -10.31 0.72 -31.61
C MET C 228 -11.43 -0.31 -31.44
N ASP C 229 -12.21 -0.52 -32.50
CA ASP C 229 -13.31 -1.46 -32.39
C ASP C 229 -12.83 -2.88 -32.14
N ASP C 230 -11.71 -3.20 -32.78
CA ASP C 230 -11.06 -4.49 -32.62
C ASP C 230 -10.65 -4.76 -31.17
N PHE C 231 -10.39 -3.68 -30.41
CA PHE C 231 -10.06 -3.79 -28.98
C PHE C 231 -11.20 -3.37 -28.03
N GLY C 232 -12.42 -3.39 -28.51
CA GLY C 232 -13.50 -2.95 -27.68
C GLY C 232 -13.32 -1.53 -27.15
N VAL C 233 -12.64 -0.64 -27.87
CA VAL C 233 -12.45 0.73 -27.40
C VAL C 233 -13.30 1.71 -28.13
N GLY C 234 -14.22 2.40 -27.46
CA GLY C 234 -14.95 3.49 -28.10
C GLY C 234 -14.16 4.73 -28.51
N PHE C 235 -14.84 5.60 -29.23
CA PHE C 235 -14.29 6.86 -29.62
C PHE C 235 -15.34 7.93 -29.60
N SER C 236 -14.92 9.19 -29.46
CA SER C 236 -15.87 10.28 -29.54
C SER C 236 -15.18 11.57 -29.81
N ASN C 237 -15.76 12.35 -30.72
CA ASN C 237 -15.32 13.73 -30.94
C ASN C 237 -15.99 14.54 -29.87
N TYR C 238 -15.21 15.20 -29.04
CA TYR C 238 -15.83 15.82 -27.86
C TYR C 238 -16.54 17.11 -28.23
N LEU C 239 -16.17 17.71 -29.35
CA LEU C 239 -16.90 18.86 -29.86
C LEU C 239 -18.31 18.53 -30.29
N LYS C 240 -18.64 17.24 -30.48
CA LYS C 240 -20.01 16.82 -30.81
C LYS C 240 -20.67 15.95 -29.74
N ASP C 241 -19.88 15.14 -29.05
CA ASP C 241 -20.43 14.33 -27.95
C ASP C 241 -19.37 14.25 -26.82
N MET C 242 -19.63 15.00 -25.75
CA MET C 242 -18.72 15.11 -24.60
C MET C 242 -19.01 14.00 -23.59
N PRO C 243 -18.02 13.17 -23.29
CA PRO C 243 -18.29 12.15 -22.27
C PRO C 243 -18.42 12.81 -20.88
N ASP C 244 -19.20 12.22 -19.98
CA ASP C 244 -18.96 12.56 -18.58
C ASP C 244 -18.93 11.32 -17.67
N LYS C 245 -18.95 11.57 -16.38
CA LYS C 245 -18.93 10.52 -15.40
C LYS C 245 -17.69 9.68 -15.62
N ILE C 246 -16.52 10.30 -15.52
CA ILE C 246 -15.22 9.64 -15.79
C ILE C 246 -14.51 9.25 -14.48
N ASP C 247 -14.09 8.00 -14.44
CA ASP C 247 -13.40 7.45 -13.27
C ASP C 247 -11.91 7.51 -13.45
N LEU C 248 -11.43 7.27 -14.68
CA LEU C 248 -10.01 7.40 -14.99
C LEU C 248 -9.84 8.32 -16.21
N LEU C 249 -9.23 9.49 -16.02
CA LEU C 249 -8.92 10.41 -17.09
C LEU C 249 -7.40 10.29 -17.32
N VAL C 250 -6.99 10.05 -18.54
CA VAL C 250 -5.59 10.06 -18.92
C VAL C 250 -5.41 11.09 -20.05
N ASP C 251 -4.52 12.04 -19.85
CA ASP C 251 -4.19 13.01 -20.90
C ASP C 251 -2.86 12.78 -21.64
N THR C 252 -2.95 12.58 -22.97
CA THR C 252 -1.77 12.61 -23.88
C THR C 252 -1.65 13.93 -24.65
N SER C 253 -2.58 14.87 -24.45
CA SER C 253 -2.58 16.14 -25.21
C SER C 253 -1.56 17.13 -24.64
N GLY C 254 -1.59 17.34 -23.34
CA GLY C 254 -0.73 18.33 -22.73
C GLY C 254 -1.37 19.70 -22.74
N ASP C 255 -2.64 19.77 -23.15
CA ASP C 255 -3.33 21.06 -23.32
C ASP C 255 -4.21 21.38 -22.10
N PRO C 256 -3.84 22.42 -21.34
CA PRO C 256 -4.51 22.77 -20.10
C PRO C 256 -5.98 22.91 -20.27
N SER C 257 -6.38 23.52 -21.38
CA SER C 257 -7.77 23.85 -21.61
C SER C 257 -8.56 22.57 -21.71
N THR C 258 -7.99 21.60 -22.40
CA THR C 258 -8.68 20.31 -22.59
C THR C 258 -8.60 19.46 -21.27
N ILE C 259 -7.47 19.50 -20.62
CA ILE C 259 -7.37 18.71 -19.39
C ILE C 259 -8.43 19.15 -18.36
N PHE C 260 -8.47 20.44 -18.09
CA PHE C 260 -9.35 20.92 -17.06
C PHE C 260 -10.81 20.88 -17.43
N LYS C 261 -11.15 20.72 -18.72
CA LYS C 261 -12.59 20.65 -19.09
C LYS C 261 -13.08 19.24 -18.84
N PHE C 262 -12.23 18.26 -19.12
CA PHE C 262 -12.52 16.86 -18.75
C PHE C 262 -12.47 16.59 -17.21
N VAL C 263 -11.52 17.22 -16.49
CA VAL C 263 -11.44 17.09 -15.02
C VAL C 263 -12.80 17.35 -14.43
N LYS C 264 -13.48 18.41 -14.90
CA LYS C 264 -14.85 18.75 -14.43
C LYS C 264 -15.91 17.69 -14.75
N LYS C 265 -15.51 16.63 -15.44
CA LYS C 265 -16.41 15.48 -15.61
C LYS C 265 -16.06 14.28 -14.72
N VAL C 266 -15.06 14.45 -13.83
CA VAL C 266 -14.54 13.28 -13.14
C VAL C 266 -15.40 12.99 -11.92
N ASN C 267 -15.67 11.69 -11.74
CA ASN C 267 -16.40 11.22 -10.57
C ASN C 267 -15.67 11.37 -9.21
N ASN C 268 -16.41 11.19 -8.13
CA ASN C 268 -15.84 11.05 -6.81
C ASN C 268 -14.80 9.95 -6.84
N ASN C 269 -13.66 10.20 -6.18
CA ASN C 269 -12.51 9.27 -6.07
C ASN C 269 -11.86 8.98 -7.42
N GLY C 270 -12.12 9.83 -8.43
CA GLY C 270 -11.57 9.68 -9.77
C GLY C 270 -10.09 10.04 -9.79
N VAL C 271 -9.38 9.45 -10.72
CA VAL C 271 -7.96 9.69 -10.84
C VAL C 271 -7.71 10.28 -12.20
N VAL C 272 -6.82 11.28 -12.24
CA VAL C 272 -6.40 11.95 -13.43
C VAL C 272 -4.90 11.74 -13.65
N ILE C 273 -4.53 11.15 -14.78
CA ILE C 273 -3.11 10.98 -15.12
C ILE C 273 -2.61 12.04 -16.14
N LEU C 274 -1.63 12.86 -15.78
CA LEU C 274 -1.14 13.83 -16.73
C LEU C 274 0.09 13.19 -17.31
N PHE C 275 0.25 13.23 -18.64
CA PHE C 275 1.33 12.48 -19.28
C PHE C 275 1.93 13.26 -20.47
N GLY C 276 1.10 14.03 -21.17
CA GLY C 276 1.57 14.84 -22.30
C GLY C 276 2.35 16.12 -22.00
N PHE C 277 3.52 16.25 -22.61
CA PHE C 277 4.21 17.50 -22.75
C PHE C 277 3.50 18.31 -23.81
N ASN C 278 3.30 19.60 -23.61
CA ASN C 278 3.11 20.53 -24.69
C ASN C 278 3.53 21.91 -24.26
N GLY C 279 4.79 22.21 -24.36
CA GLY C 279 5.32 23.39 -23.73
C GLY C 279 4.72 24.69 -24.25
N LYS C 280 4.11 24.63 -25.41
CA LYS C 280 3.56 25.77 -26.13
C LYS C 280 2.05 25.86 -25.96
N ALA C 281 1.43 24.95 -25.24
CA ALA C 281 -0.05 24.99 -25.17
C ALA C 281 -0.53 26.27 -24.47
N PRO C 282 -1.68 26.83 -24.91
CA PRO C 282 -2.18 28.05 -24.30
C PRO C 282 -2.69 27.81 -22.89
N GLY C 283 -2.50 28.83 -22.05
CA GLY C 283 -2.95 28.86 -20.66
C GLY C 283 -4.44 28.83 -20.56
N TYR C 284 -5.01 28.05 -19.63
CA TYR C 284 -6.45 28.03 -19.35
C TYR C 284 -6.68 28.54 -17.93
N PRO C 285 -7.69 29.41 -17.74
CA PRO C 285 -7.87 30.03 -16.41
C PRO C 285 -8.57 29.09 -15.43
N VAL C 286 -7.83 28.61 -14.44
CA VAL C 286 -8.36 27.65 -13.48
C VAL C 286 -8.91 28.51 -12.34
N ASN C 287 -10.20 28.36 -12.06
CA ASN C 287 -10.86 29.20 -11.09
C ASN C 287 -11.15 28.46 -9.80
N GLY C 288 -11.66 29.18 -8.83
CA GLY C 288 -11.93 28.63 -7.50
C GLY C 288 -12.94 27.51 -7.48
N GLU C 289 -13.87 27.57 -8.42
CA GLU C 289 -14.86 26.55 -8.59
C GLU C 289 -14.20 25.24 -9.07
N ASP C 290 -13.16 25.35 -9.90
CA ASP C 290 -12.39 24.20 -10.34
C ASP C 290 -11.69 23.50 -9.16
N ILE C 291 -11.00 24.28 -8.37
CA ILE C 291 -10.37 23.77 -7.20
C ILE C 291 -11.39 23.07 -6.29
N ASP C 292 -12.46 23.78 -5.93
CA ASP C 292 -13.51 23.19 -5.14
C ASP C 292 -14.01 21.82 -5.64
N TYR C 293 -14.15 21.68 -6.95
CA TYR C 293 -14.65 20.48 -7.60
C TYR C 293 -13.68 19.30 -7.28
N ILE C 294 -12.36 19.56 -7.36
CA ILE C 294 -11.29 18.57 -7.11
C ILE C 294 -11.31 18.15 -5.65
N VAL C 295 -11.39 19.13 -4.78
CA VAL C 295 -11.37 18.89 -3.34
C VAL C 295 -12.58 18.09 -2.87
N GLU C 296 -13.79 18.55 -3.21
CA GLU C 296 -14.98 17.91 -2.68
C GLU C 296 -15.15 16.50 -3.20
N ARG C 297 -14.51 16.18 -4.32
CA ARG C 297 -14.57 14.88 -4.88
C ARG C 297 -13.40 13.96 -4.55
N ASN C 298 -12.44 14.38 -3.71
CA ASN C 298 -11.24 13.61 -3.39
C ASN C 298 -10.52 13.12 -4.66
N ILE C 299 -10.40 13.97 -5.69
CA ILE C 299 -9.78 13.59 -6.97
C ILE C 299 -8.30 13.70 -6.80
N THR C 300 -7.56 12.85 -7.50
CA THR C 300 -6.12 12.85 -7.43
C THR C 300 -5.68 13.09 -8.84
N ILE C 301 -4.79 14.06 -9.02
CA ILE C 301 -4.25 14.36 -10.35
C ILE C 301 -2.78 14.02 -10.28
N ALA C 302 -2.30 13.08 -11.07
CA ALA C 302 -0.93 12.63 -10.98
C ALA C 302 -0.14 12.70 -12.28
N GLY C 303 0.97 13.42 -12.22
CA GLY C 303 1.89 13.47 -13.36
C GLY C 303 2.78 12.25 -13.34
N SER C 304 3.01 11.64 -14.51
CA SER C 304 3.83 10.43 -14.67
C SER C 304 4.77 10.55 -15.84
N VAL C 305 6.03 10.25 -15.61
CA VAL C 305 7.05 10.31 -16.61
C VAL C 305 7.90 9.04 -16.52
N ASP C 306 8.22 8.47 -17.69
CA ASP C 306 9.13 7.38 -17.87
C ASP C 306 8.64 6.12 -17.15
N ALA C 307 9.57 5.22 -16.86
CA ALA C 307 9.25 4.01 -16.18
C ALA C 307 10.51 3.22 -15.84
N ALA C 308 10.33 2.21 -15.03
CA ALA C 308 11.39 1.32 -14.58
C ALA C 308 11.53 0.09 -15.49
N LYS C 309 12.71 -0.54 -15.45
CA LYS C 309 12.98 -1.81 -16.14
C LYS C 309 11.83 -2.80 -16.02
N ILE C 310 11.35 -3.04 -14.81
CA ILE C 310 10.23 -3.96 -14.65
C ILE C 310 9.06 -3.62 -15.58
N HIS C 311 8.80 -2.34 -15.77
CA HIS C 311 7.74 -1.94 -16.68
C HIS C 311 8.01 -2.27 -18.17
N TYR C 312 9.26 -2.42 -18.52
CA TYR C 312 9.59 -2.80 -19.86
C TYR C 312 9.22 -4.25 -20.02
N VAL C 313 9.64 -5.04 -19.04
CA VAL C 313 9.21 -6.45 -18.97
C VAL C 313 7.72 -6.55 -19.05
N GLN C 314 6.96 -5.84 -18.23
CA GLN C 314 5.54 -5.88 -18.34
C GLN C 314 5.10 -5.55 -19.73
N ALA C 315 5.78 -4.62 -20.41
CA ALA C 315 5.30 -4.11 -21.68
C ALA C 315 5.43 -5.17 -22.81
N LEU C 316 6.57 -5.85 -22.84
CA LEU C 316 6.83 -6.96 -23.72
C LEU C 316 5.75 -8.01 -23.55
N ASP C 317 5.40 -8.32 -22.30
CA ASP C 317 4.40 -9.37 -22.06
C ASP C 317 3.07 -8.98 -22.60
N SER C 318 2.70 -7.74 -22.40
CA SER C 318 1.45 -7.27 -22.96
C SER C 318 1.42 -7.24 -24.51
N LEU C 319 2.51 -6.81 -25.11
CA LEU C 319 2.62 -6.80 -26.57
C LEU C 319 2.39 -8.23 -27.10
N SER C 320 3.07 -9.24 -26.52
CA SER C 320 2.79 -10.65 -26.85
C SER C 320 1.31 -11.03 -26.80
N ASN C 321 0.66 -10.73 -25.68
CA ASN C 321 -0.68 -11.17 -25.51
C ASN C 321 -1.54 -10.48 -26.53
N TRP C 322 -1.39 -9.19 -26.67
CA TRP C 322 -2.21 -8.48 -27.64
C TRP C 322 -1.94 -8.95 -29.10
N TYR C 323 -0.69 -9.30 -29.40
CA TYR C 323 -0.28 -9.74 -30.70
C TYR C 323 -0.93 -11.10 -31.05
N HIS C 324 -0.92 -12.02 -30.10
CA HIS C 324 -1.54 -13.32 -30.26
C HIS C 324 -3.05 -13.27 -30.13
N ARG C 325 -3.65 -12.10 -30.05
CA ARG C 325 -5.09 -12.03 -30.09
C ARG C 325 -5.67 -11.08 -31.11
N HIS C 326 -4.96 -10.03 -31.40
CA HIS C 326 -5.39 -9.10 -32.43
C HIS C 326 -4.18 -8.71 -33.29
N PRO C 327 -3.57 -9.75 -34.03
CA PRO C 327 -2.32 -9.35 -34.69
C PRO C 327 -2.42 -8.27 -35.77
N GLN C 328 -3.56 -8.18 -36.42
CA GLN C 328 -3.73 -7.21 -37.48
C GLN C 328 -3.60 -5.82 -36.85
N THR C 329 -4.47 -5.56 -35.89
CA THR C 329 -4.51 -4.26 -35.26
C THR C 329 -3.16 -3.84 -34.66
N ILE C 330 -2.41 -4.79 -34.11
CA ILE C 330 -1.10 -4.52 -33.48
C ILE C 330 -0.08 -4.16 -34.52
N LYS C 331 -0.08 -4.89 -35.64
CA LYS C 331 0.78 -4.53 -36.78
C LYS C 331 0.45 -3.15 -37.29
N ASP C 332 -0.83 -2.82 -37.35
CA ASP C 332 -1.25 -1.53 -37.90
C ASP C 332 -0.90 -0.33 -37.04
N ILE C 333 -0.34 -0.56 -35.85
CA ILE C 333 0.16 0.55 -35.03
C ILE C 333 1.33 1.17 -35.76
N ILE C 334 2.21 0.32 -36.29
CA ILE C 334 3.36 0.81 -37.04
C ILE C 334 2.93 1.26 -38.44
N THR C 335 2.99 2.55 -38.73
CA THR C 335 2.47 3.08 -39.98
C THR C 335 3.45 3.48 -41.08
N TYR C 336 4.74 3.33 -40.86
CA TYR C 336 5.69 3.52 -41.93
C TYR C 336 6.95 2.93 -41.44
N GLU C 337 7.78 2.41 -42.31
CA GLU C 337 9.07 1.90 -41.88
C GLU C 337 9.99 2.63 -42.78
N ALA C 338 11.10 3.12 -42.27
CA ALA C 338 11.81 4.13 -42.96
C ALA C 338 13.26 3.80 -43.06
N LYS C 339 13.87 4.35 -44.11
CA LYS C 339 15.30 4.19 -44.33
C LYS C 339 15.96 5.21 -43.43
N PRO C 340 17.15 4.91 -42.91
CA PRO C 340 17.81 6.03 -42.16
C PRO C 340 18.03 7.33 -42.94
N GLU C 341 18.31 7.22 -44.23
CA GLU C 341 18.52 8.40 -45.07
C GLU C 341 17.30 9.27 -45.07
N GLU C 342 16.14 8.71 -44.75
CA GLU C 342 14.89 9.45 -44.82
C GLU C 342 14.69 10.42 -43.66
N THR C 343 15.67 11.27 -43.45
CA THR C 343 15.72 12.11 -42.25
C THR C 343 14.60 13.15 -42.20
N ASN C 344 13.88 13.32 -43.29
CA ASN C 344 12.69 14.18 -43.32
C ASN C 344 11.50 13.69 -42.44
N ILE C 345 11.55 12.44 -41.97
CA ILE C 345 10.52 11.95 -41.00
C ILE C 345 10.59 12.68 -39.63
N PHE C 346 11.76 13.19 -39.28
CA PHE C 346 11.90 13.97 -38.11
C PHE C 346 11.27 15.35 -38.29
N PHE C 347 11.00 15.80 -39.52
CA PHE C 347 10.43 17.14 -39.76
C PHE C 347 8.95 17.20 -40.08
N GLN C 348 8.41 16.15 -40.69
CA GLN C 348 6.96 16.09 -40.98
C GLN C 348 6.35 14.72 -40.69
N LYS C 349 5.07 14.73 -40.31
CA LYS C 349 4.32 13.54 -39.92
C LYS C 349 3.67 12.90 -41.12
N PRO C 350 4.07 11.66 -41.49
CA PRO C 350 3.39 11.06 -42.63
C PRO C 350 1.86 10.98 -42.51
N LYS C 351 1.20 10.66 -43.62
CA LYS C 351 -0.26 10.63 -43.65
C LYS C 351 -0.76 9.46 -42.82
N GLY C 352 -1.70 9.79 -41.92
CA GLY C 352 -2.32 8.83 -41.00
C GLY C 352 -1.41 8.19 -39.96
N GLU C 353 -0.23 8.78 -39.73
CA GLU C 353 0.75 8.19 -38.82
C GLU C 353 0.13 7.80 -37.45
N ILE C 354 0.58 6.67 -36.93
CA ILE C 354 0.39 6.32 -35.54
C ILE C 354 1.77 6.23 -34.90
N LYS C 355 2.53 5.23 -35.30
CA LYS C 355 3.92 5.11 -34.93
C LYS C 355 4.77 4.88 -36.17
N THR C 356 5.70 5.80 -36.44
CA THR C 356 6.66 5.58 -37.51
C THR C 356 7.93 5.05 -36.96
N VAL C 357 8.54 4.10 -37.65
CA VAL C 357 9.80 3.53 -37.21
C VAL C 357 10.81 3.63 -38.32
N ILE C 358 12.04 3.37 -37.95
CA ILE C 358 13.16 3.32 -38.84
C ILE C 358 13.65 1.89 -38.86
N LYS C 359 13.54 1.24 -40.03
CA LYS C 359 14.22 -0.04 -40.22
C LYS C 359 15.69 0.23 -40.49
N TRP C 360 16.56 -0.39 -39.70
CA TRP C 360 17.99 -0.20 -39.89
C TRP C 360 18.47 -1.24 -40.88
N PRO C 361 19.48 -0.90 -41.70
CA PRO C 361 20.12 -1.91 -42.54
C PRO C 361 21.01 -2.82 -41.74
N SER D 2 -39.91 -28.54 -10.09
CA SER D 2 -39.48 -29.35 -11.27
C SER D 2 -38.54 -30.44 -10.83
N THR D 3 -38.63 -31.60 -11.46
CA THR D 3 -37.67 -32.65 -11.25
C THR D 3 -36.48 -32.42 -12.17
N ILE D 4 -35.27 -32.67 -11.67
CA ILE D 4 -34.08 -32.55 -12.53
C ILE D 4 -33.00 -33.55 -12.15
N ASN D 5 -32.04 -33.72 -13.06
CA ASN D 5 -30.85 -34.51 -12.78
C ASN D 5 -29.76 -33.67 -12.09
N ALA D 6 -29.08 -34.28 -11.12
CA ALA D 6 -28.12 -33.59 -10.31
C ALA D 6 -27.32 -34.62 -9.56
N ILE D 7 -26.03 -34.39 -9.40
CA ILE D 7 -25.27 -35.25 -8.50
C ILE D 7 -25.18 -34.56 -7.16
N VAL D 8 -25.51 -35.32 -6.12
CA VAL D 8 -25.66 -34.80 -4.79
C VAL D 8 -24.90 -35.69 -3.80
N THR D 9 -24.93 -35.28 -2.53
CA THR D 9 -24.15 -35.85 -1.43
C THR D 9 -24.94 -35.55 -0.17
N ASP D 10 -24.50 -36.09 0.96
CA ASP D 10 -25.16 -35.80 2.24
C ASP D 10 -24.16 -35.16 3.21
N ALA D 11 -24.02 -33.84 3.09
CA ALA D 11 -23.03 -33.11 3.87
C ALA D 11 -23.41 -33.03 5.39
N PRO D 12 -22.43 -33.34 6.28
CA PRO D 12 -21.05 -33.73 5.97
C PRO D 12 -20.80 -35.22 5.73
N LYS D 13 -21.75 -36.06 6.16
CA LYS D 13 -21.55 -37.53 6.24
C LYS D 13 -20.85 -38.14 5.00
N GLY D 14 -21.44 -38.06 3.80
CA GLY D 14 -20.71 -38.52 2.58
C GLY D 14 -21.50 -39.05 1.40
N GLY D 15 -20.84 -39.88 0.57
CA GLY D 15 -21.47 -40.55 -0.57
C GLY D 15 -21.95 -39.64 -1.71
N VAL D 16 -22.27 -40.24 -2.87
CA VAL D 16 -22.83 -39.51 -4.03
C VAL D 16 -23.76 -40.35 -4.94
N LYS D 17 -24.85 -39.75 -5.39
CA LYS D 17 -25.75 -40.35 -6.39
C LYS D 17 -25.85 -39.40 -7.56
N TYR D 18 -25.85 -39.91 -8.79
CA TYR D 18 -26.39 -39.12 -9.93
C TYR D 18 -27.90 -39.39 -10.07
N THR D 19 -28.74 -38.49 -9.59
CA THR D 19 -30.16 -38.75 -9.46
C THR D 19 -31.05 -37.57 -9.85
N LYS D 20 -32.36 -37.77 -9.75
CA LYS D 20 -33.33 -36.70 -9.94
C LYS D 20 -33.53 -36.05 -8.57
N ILE D 21 -33.96 -34.79 -8.56
CA ILE D 21 -34.33 -34.07 -7.33
C ILE D 21 -35.40 -33.05 -7.73
N ASP D 22 -36.13 -32.52 -6.75
CA ASP D 22 -37.05 -31.43 -7.04
C ASP D 22 -36.37 -30.08 -6.84
N MET D 23 -36.15 -29.41 -7.97
CA MET D 23 -35.63 -28.06 -7.99
C MET D 23 -36.75 -27.14 -8.43
N PRO D 24 -37.49 -26.62 -7.45
CA PRO D 24 -38.51 -25.63 -7.83
C PRO D 24 -37.91 -24.36 -8.47
N GLU D 25 -38.76 -23.50 -9.02
CA GLU D 25 -38.35 -22.16 -9.40
C GLU D 25 -38.35 -21.26 -8.14
N PRO D 26 -37.18 -20.70 -7.72
CA PRO D 26 -37.09 -19.81 -6.53
C PRO D 26 -37.90 -18.50 -6.64
N GLU D 27 -38.37 -17.98 -5.49
CA GLU D 27 -39.29 -16.83 -5.48
C GLU D 27 -38.79 -15.62 -6.29
N LYS D 28 -37.53 -15.27 -6.13
CA LYS D 28 -36.94 -14.17 -6.86
C LYS D 28 -35.55 -14.62 -7.37
N TYR D 29 -35.24 -14.33 -8.63
CA TYR D 29 -33.91 -14.57 -9.21
C TYR D 29 -33.79 -13.79 -10.51
N GLU D 30 -32.59 -13.67 -11.03
CA GLU D 30 -32.40 -12.91 -12.25
C GLU D 30 -32.08 -13.79 -13.45
N ALA D 31 -31.46 -14.94 -13.21
CA ALA D 31 -30.99 -15.79 -14.29
C ALA D 31 -31.18 -17.28 -14.05
N LYS D 32 -31.44 -17.98 -15.17
CA LYS D 32 -31.65 -19.43 -15.26
C LYS D 32 -30.49 -19.97 -16.08
N LEU D 33 -29.84 -21.01 -15.59
CA LEU D 33 -28.62 -21.48 -16.24
C LEU D 33 -28.50 -22.98 -16.26
N LYS D 34 -27.74 -23.49 -17.22
CA LYS D 34 -27.30 -24.86 -17.12
C LYS D 34 -25.81 -24.90 -17.10
N PRO D 35 -25.25 -25.99 -16.55
CA PRO D 35 -23.86 -26.28 -16.67
C PRO D 35 -23.48 -26.75 -18.05
N VAL D 36 -22.21 -26.51 -18.39
CA VAL D 36 -21.61 -27.00 -19.60
C VAL D 36 -20.46 -27.93 -19.20
N TYR D 37 -19.66 -27.50 -18.24
CA TYR D 37 -18.60 -28.32 -17.69
C TYR D 37 -18.47 -28.06 -16.18
N ILE D 38 -18.00 -29.04 -15.44
CA ILE D 38 -17.73 -28.83 -14.01
C ILE D 38 -16.49 -29.59 -13.66
N GLY D 39 -15.48 -28.85 -13.13
CA GLY D 39 -14.22 -29.44 -12.64
C GLY D 39 -14.40 -30.07 -11.27
N ILE D 40 -13.47 -30.93 -10.87
CA ILE D 40 -13.48 -31.53 -9.53
C ILE D 40 -12.10 -31.46 -8.93
N CYS D 41 -12.04 -31.38 -7.59
CA CYS D 41 -10.77 -31.24 -6.86
C CYS D 41 -10.87 -32.04 -5.57
N GLY D 42 -9.80 -32.06 -4.79
CA GLY D 42 -9.78 -32.81 -3.54
C GLY D 42 -10.96 -32.52 -2.65
N THR D 43 -11.42 -31.28 -2.64
CA THR D 43 -12.46 -30.91 -1.70
C THR D 43 -13.73 -31.67 -2.03
N ASP D 44 -14.08 -31.77 -3.33
CA ASP D 44 -15.23 -32.57 -3.71
C ASP D 44 -15.00 -34.03 -3.24
N ARG D 45 -13.85 -34.58 -3.60
CA ARG D 45 -13.51 -35.93 -3.18
C ARG D 45 -13.47 -36.09 -1.64
N GLY D 46 -13.18 -35.02 -0.91
CA GLY D 46 -13.17 -35.07 0.53
C GLY D 46 -14.58 -35.05 1.09
N GLU D 47 -15.51 -34.34 0.42
CA GLU D 47 -16.93 -34.28 0.80
C GLU D 47 -17.62 -35.64 0.62
N VAL D 48 -17.24 -36.35 -0.45
CA VAL D 48 -17.82 -37.66 -0.79
C VAL D 48 -17.36 -38.70 0.22
N ALA D 49 -16.07 -38.67 0.52
CA ALA D 49 -15.46 -39.53 1.53
C ALA D 49 -15.95 -39.26 2.97
N GLY D 50 -16.83 -38.26 3.15
CA GLY D 50 -17.24 -37.81 4.50
C GLY D 50 -16.09 -37.30 5.37
N ALA D 51 -15.06 -36.72 4.73
CA ALA D 51 -13.81 -36.31 5.38
C ALA D 51 -13.76 -34.80 5.72
N LEU D 52 -14.90 -34.14 5.73
CA LEU D 52 -14.93 -32.72 6.03
C LEU D 52 -16.05 -32.45 7.02
N SER D 53 -15.66 -32.16 8.27
CA SER D 53 -16.62 -31.86 9.33
C SER D 53 -17.39 -30.57 9.10
N PHE D 54 -16.79 -29.62 8.41
CA PHE D 54 -17.37 -28.29 8.24
C PHE D 54 -18.48 -28.17 7.18
N THR D 55 -18.62 -29.13 6.28
CA THR D 55 -19.62 -28.99 5.24
C THR D 55 -21.01 -29.25 5.81
N TYR D 56 -22.05 -28.82 5.10
CA TYR D 56 -23.42 -29.08 5.54
C TYR D 56 -24.43 -28.75 4.45
N ASN D 57 -25.59 -29.40 4.52
CA ASN D 57 -26.62 -29.20 3.51
C ASN D 57 -27.35 -27.92 3.83
N PRO D 58 -28.00 -27.33 2.84
CA PRO D 58 -28.79 -26.11 3.08
C PRO D 58 -29.86 -26.24 4.15
N GLU D 59 -30.41 -25.13 4.60
CA GLU D 59 -31.28 -25.18 5.75
C GLU D 59 -32.52 -25.99 5.41
N GLY D 60 -32.82 -26.95 6.28
CA GLY D 60 -33.97 -27.84 6.10
C GLY D 60 -33.70 -29.06 5.25
N GLU D 61 -32.95 -28.89 4.16
CA GLU D 61 -32.76 -29.92 3.15
C GLU D 61 -31.86 -31.03 3.63
N ASN D 62 -31.94 -32.17 2.94
CA ASN D 62 -31.22 -33.41 3.29
C ASN D 62 -30.18 -33.76 2.23
N PHE D 63 -29.95 -32.89 1.26
CA PHE D 63 -28.96 -33.16 0.23
C PHE D 63 -28.23 -31.91 -0.20
N LEU D 64 -26.98 -32.11 -0.66
CA LEU D 64 -26.15 -31.05 -1.22
C LEU D 64 -25.71 -31.34 -2.66
N VAL D 65 -26.19 -30.54 -3.59
CA VAL D 65 -25.61 -30.58 -4.92
C VAL D 65 -24.11 -30.20 -4.86
N LEU D 66 -23.31 -31.07 -5.44
CA LEU D 66 -21.89 -30.84 -5.55
C LEU D 66 -21.59 -29.94 -6.71
N GLY D 67 -20.30 -29.57 -6.81
CA GLY D 67 -19.77 -28.85 -7.99
C GLY D 67 -19.64 -27.35 -7.73
N HIS D 68 -18.39 -26.91 -7.50
CA HIS D 68 -18.04 -25.49 -7.37
C HIS D 68 -17.13 -24.95 -8.51
N GLU D 69 -16.41 -25.85 -9.18
CA GLU D 69 -15.61 -25.46 -10.34
C GLU D 69 -16.38 -25.50 -11.65
N ALA D 70 -17.17 -24.48 -11.96
CA ALA D 70 -18.19 -24.60 -13.00
C ALA D 70 -17.94 -23.71 -14.19
N LEU D 71 -18.39 -24.19 -15.34
CA LEU D 71 -18.62 -23.35 -16.52
C LEU D 71 -20.08 -23.53 -16.91
N LEU D 72 -20.81 -22.45 -17.17
CA LEU D 72 -22.25 -22.53 -17.31
C LEU D 72 -22.68 -21.73 -18.48
N GLN D 73 -23.90 -22.02 -18.95
CA GLN D 73 -24.49 -21.26 -20.04
C GLN D 73 -25.81 -20.67 -19.59
N VAL D 74 -26.05 -19.43 -20.02
CA VAL D 74 -27.27 -18.71 -19.66
C VAL D 74 -28.47 -19.13 -20.54
N LEU D 75 -29.38 -19.92 -19.97
CA LEU D 75 -30.64 -20.29 -20.67
C LEU D 75 -31.50 -19.02 -20.78
N ASP D 76 -31.88 -18.46 -19.64
CA ASP D 76 -32.61 -17.18 -19.62
C ASP D 76 -32.10 -16.21 -18.55
N VAL D 77 -32.33 -14.91 -18.77
CA VAL D 77 -31.91 -13.83 -17.87
C VAL D 77 -32.60 -12.50 -18.19
N SER D 78 -33.14 -11.83 -17.19
CA SER D 78 -33.76 -10.52 -17.45
C SER D 78 -32.76 -9.55 -18.07
N ASP D 79 -33.29 -8.56 -18.77
CA ASP D 79 -32.48 -7.66 -19.57
C ASP D 79 -31.50 -6.95 -18.71
N ASN D 80 -30.24 -6.92 -19.13
CA ASN D 80 -29.23 -6.12 -18.46
C ASN D 80 -28.17 -5.78 -19.46
N ASN D 81 -27.22 -4.96 -19.06
CA ASN D 81 -26.14 -4.57 -19.94
C ASN D 81 -24.99 -5.58 -20.07
N TYR D 82 -24.99 -6.67 -19.32
CA TYR D 82 -23.78 -7.51 -19.21
C TYR D 82 -23.92 -8.91 -19.83
N ILE D 83 -25.02 -9.59 -19.54
CA ILE D 83 -25.16 -10.92 -20.10
C ILE D 83 -26.47 -11.13 -20.88
N LYS D 84 -26.37 -11.94 -21.93
CA LYS D 84 -27.50 -12.28 -22.79
C LYS D 84 -27.77 -13.77 -22.65
N ARG D 85 -28.97 -14.22 -23.05
CA ARG D 85 -29.25 -15.66 -23.20
C ARG D 85 -28.17 -16.27 -24.10
N GLY D 86 -27.72 -17.49 -23.79
CA GLY D 86 -26.62 -18.12 -24.52
C GLY D 86 -25.18 -17.86 -24.07
N ASP D 87 -24.92 -16.71 -23.44
CA ASP D 87 -23.58 -16.36 -22.96
C ASP D 87 -23.02 -17.46 -22.05
N PHE D 88 -21.69 -17.59 -22.00
CA PHE D 88 -21.04 -18.47 -21.03
C PHE D 88 -20.51 -17.70 -19.82
N VAL D 89 -20.71 -18.22 -18.62
CA VAL D 89 -20.30 -17.56 -17.38
C VAL D 89 -19.73 -18.58 -16.38
N VAL D 90 -18.83 -18.12 -15.52
CA VAL D 90 -18.36 -18.89 -14.34
C VAL D 90 -19.05 -18.25 -13.15
N PRO D 91 -19.65 -19.09 -12.30
CA PRO D 91 -20.32 -18.61 -11.15
C PRO D 91 -19.36 -18.51 -9.92
N LEU D 92 -19.64 -17.54 -9.06
CA LEU D 92 -18.90 -17.41 -7.79
C LEU D 92 -19.20 -18.58 -6.91
N VAL D 93 -18.16 -19.13 -6.31
CA VAL D 93 -18.30 -20.15 -5.33
C VAL D 93 -18.74 -19.55 -4.00
N ARG D 94 -17.96 -18.59 -3.46
CA ARG D 94 -18.28 -18.02 -2.14
C ARG D 94 -19.24 -16.87 -2.27
N ARG D 95 -20.29 -16.92 -1.48
CA ARG D 95 -21.32 -15.87 -1.48
C ARG D 95 -21.26 -15.00 -0.23
N PRO D 96 -21.49 -13.69 -0.36
CA PRO D 96 -21.32 -12.76 0.73
C PRO D 96 -22.33 -12.81 1.89
N GLY D 97 -21.81 -12.68 3.13
CA GLY D 97 -22.60 -12.32 4.29
C GLY D 97 -22.76 -10.84 4.49
N LYS D 98 -22.58 -10.39 5.72
CA LYS D 98 -22.83 -9.01 6.06
C LYS D 98 -21.66 -8.23 6.69
N CYS D 99 -20.56 -8.91 7.05
CA CYS D 99 -19.41 -8.23 7.59
C CYS D 99 -18.80 -7.19 6.65
N VAL D 100 -17.92 -6.36 7.23
CA VAL D 100 -17.27 -5.25 6.54
C VAL D 100 -16.53 -5.76 5.28
N ASN D 101 -16.00 -6.98 5.29
CA ASN D 101 -15.40 -7.45 4.06
C ASN D 101 -16.42 -8.05 3.02
N CYS D 102 -17.44 -8.80 3.50
CA CYS D 102 -18.43 -9.38 2.52
C CYS D 102 -19.18 -8.29 1.79
N ARG D 103 -19.55 -7.25 2.51
CA ARG D 103 -20.38 -6.22 1.91
C ARG D 103 -19.66 -5.47 0.80
N ILE D 104 -18.34 -5.67 0.64
CA ILE D 104 -17.62 -4.93 -0.42
C ILE D 104 -17.22 -5.88 -1.54
N GLY D 105 -17.74 -7.11 -1.48
CA GLY D 105 -17.36 -8.12 -2.48
C GLY D 105 -16.07 -8.83 -2.15
N ARG D 106 -15.71 -8.81 -0.87
CA ARG D 106 -14.53 -9.51 -0.50
C ARG D 106 -14.81 -10.49 0.58
N GLN D 107 -15.83 -11.29 0.35
CA GLN D 107 -16.23 -12.41 1.20
C GLN D 107 -15.15 -13.47 1.31
N ASP D 108 -14.28 -13.54 0.32
CA ASP D 108 -13.05 -14.33 0.48
C ASP D 108 -12.26 -13.89 1.70
N ASN D 109 -12.35 -12.61 2.06
CA ASN D 109 -11.71 -12.17 3.30
C ASN D 109 -12.74 -11.97 4.41
N CYS D 110 -13.79 -12.79 4.41
CA CYS D 110 -14.84 -12.67 5.46
C CYS D 110 -14.18 -12.54 6.86
N SER D 111 -14.68 -11.59 7.62
CA SER D 111 -14.15 -11.29 9.02
C SER D 111 -14.70 -12.24 10.10
N ILE D 112 -15.77 -12.97 9.77
CA ILE D 112 -16.51 -13.82 10.72
C ILE D 112 -16.32 -15.27 10.40
N GLY D 113 -16.41 -15.64 9.15
CA GLY D 113 -16.30 -17.06 8.81
C GLY D 113 -17.72 -17.56 8.63
N ASP D 114 -17.92 -18.88 8.66
CA ASP D 114 -19.28 -19.39 8.57
C ASP D 114 -19.94 -18.97 9.85
N PRO D 115 -21.23 -18.61 9.86
CA PRO D 115 -22.25 -18.63 8.81
C PRO D 115 -22.46 -17.33 8.08
N ASP D 116 -21.43 -16.48 7.98
CA ASP D 116 -21.59 -15.17 7.31
C ASP D 116 -21.47 -15.37 5.81
N LYS D 117 -20.36 -15.98 5.37
CA LYS D 117 -20.21 -16.40 3.98
C LYS D 117 -20.70 -17.83 3.85
N HIS D 118 -20.99 -18.25 2.62
CA HIS D 118 -21.41 -19.62 2.31
C HIS D 118 -20.82 -19.99 0.98
N GLU D 119 -20.47 -21.26 0.82
CA GLU D 119 -19.89 -21.71 -0.47
C GLU D 119 -20.75 -22.74 -1.23
N ALA D 120 -21.08 -22.42 -2.47
CA ALA D 120 -21.86 -23.33 -3.35
C ALA D 120 -21.17 -24.68 -3.44
N GLY D 121 -21.89 -25.74 -3.12
CA GLY D 121 -21.38 -27.09 -3.13
C GLY D 121 -20.68 -27.54 -1.87
N ILE D 122 -20.63 -26.66 -0.87
CA ILE D 122 -19.86 -26.92 0.33
C ILE D 122 -20.53 -26.58 1.65
N THR D 123 -21.02 -25.36 1.79
CA THR D 123 -21.50 -24.82 3.07
C THR D 123 -22.89 -24.17 3.01
N GLY D 124 -23.92 -24.98 3.01
CA GLY D 124 -25.30 -24.56 3.01
C GLY D 124 -25.87 -24.10 1.70
N LEU D 125 -25.19 -24.40 0.61
CA LEU D 125 -25.63 -23.88 -0.65
C LEU D 125 -25.40 -24.91 -1.73
N HIS D 126 -26.32 -24.94 -2.71
CA HIS D 126 -26.26 -25.96 -3.71
C HIS D 126 -25.20 -25.68 -4.76
N GLY D 127 -24.46 -26.73 -5.10
CA GLY D 127 -23.43 -26.68 -6.11
C GLY D 127 -24.04 -26.67 -7.49
N PHE D 128 -23.20 -26.85 -8.50
CA PHE D 128 -23.61 -26.54 -9.88
C PHE D 128 -23.82 -27.76 -10.79
N MET D 129 -23.68 -28.96 -10.22
CA MET D 129 -23.82 -30.21 -10.97
C MET D 129 -25.32 -30.66 -11.06
N ARG D 130 -26.14 -29.87 -11.75
CA ARG D 130 -27.57 -30.03 -11.77
C ARG D 130 -28.06 -29.40 -13.05
N ASP D 131 -29.12 -29.95 -13.63
CA ASP D 131 -29.53 -29.51 -14.95
C ASP D 131 -29.84 -28.05 -15.03
N VAL D 132 -30.55 -27.53 -14.03
CA VAL D 132 -30.96 -26.12 -14.00
C VAL D 132 -30.35 -25.43 -12.79
N ILE D 133 -29.92 -24.18 -13.00
CA ILE D 133 -29.36 -23.35 -11.94
C ILE D 133 -29.99 -21.98 -11.91
N TYR D 134 -30.36 -21.55 -10.72
CA TYR D 134 -30.85 -20.18 -10.52
C TYR D 134 -29.82 -19.32 -9.77
N ASP D 135 -29.78 -18.04 -10.13
CA ASP D 135 -28.74 -17.18 -9.62
C ASP D 135 -28.99 -15.73 -10.01
N ASP D 136 -28.25 -14.82 -9.38
CA ASP D 136 -28.28 -13.40 -9.74
C ASP D 136 -27.07 -13.07 -10.57
N ILE D 137 -27.19 -12.01 -11.35
CA ILE D 137 -26.25 -11.69 -12.42
C ILE D 137 -24.90 -11.34 -11.80
N GLN D 138 -24.99 -10.68 -10.64
CA GLN D 138 -23.84 -10.19 -9.87
C GLN D 138 -22.85 -11.33 -9.59
N ASN D 139 -23.36 -12.53 -9.31
CA ASN D 139 -22.57 -13.67 -8.98
C ASN D 139 -22.07 -14.47 -10.17
N LEU D 140 -22.22 -13.91 -11.36
CA LEU D 140 -21.76 -14.56 -12.57
C LEU D 140 -20.63 -13.82 -13.23
N VAL D 141 -19.64 -14.55 -13.68
CA VAL D 141 -18.52 -13.98 -14.41
C VAL D 141 -18.53 -14.42 -15.87
N LYS D 142 -18.79 -13.48 -16.77
CA LYS D 142 -18.85 -13.67 -18.20
C LYS D 142 -17.50 -13.99 -18.83
N VAL D 143 -17.49 -15.03 -19.67
CA VAL D 143 -16.36 -15.35 -20.50
C VAL D 143 -16.49 -14.43 -21.73
N ASN D 144 -15.42 -13.69 -22.03
CA ASN D 144 -15.39 -12.73 -23.10
C ASN D 144 -14.49 -13.22 -24.25
N ASP D 145 -13.93 -14.40 -24.09
CA ASP D 145 -13.12 -14.99 -25.11
C ASP D 145 -13.81 -16.28 -25.63
N PRO D 146 -14.39 -16.20 -26.85
CA PRO D 146 -15.23 -17.28 -27.38
C PRO D 146 -14.39 -18.44 -27.79
N ASP D 147 -13.12 -18.15 -28.06
CA ASP D 147 -12.12 -19.20 -28.28
C ASP D 147 -11.80 -20.12 -27.12
N LEU D 148 -12.15 -19.74 -25.91
CA LEU D 148 -11.62 -20.45 -24.72
C LEU D 148 -12.28 -21.81 -24.56
N GLY D 149 -13.60 -21.84 -24.73
CA GLY D 149 -14.32 -23.06 -24.65
C GLY D 149 -14.15 -23.69 -23.29
N LYS D 150 -13.89 -24.98 -23.27
CA LYS D 150 -13.82 -25.76 -22.03
C LYS D 150 -12.67 -25.32 -21.11
N ILE D 151 -11.71 -24.59 -21.67
CA ILE D 151 -10.61 -24.17 -20.87
C ILE D 151 -11.16 -23.29 -19.74
N ALA D 152 -12.21 -22.53 -20.02
CA ALA D 152 -12.83 -21.66 -19.04
C ALA D 152 -13.29 -22.31 -17.71
N VAL D 153 -13.31 -23.63 -17.63
CA VAL D 153 -13.73 -24.29 -16.43
C VAL D 153 -12.59 -24.26 -15.44
N LEU D 154 -11.39 -24.02 -15.94
CA LEU D 154 -10.21 -23.78 -15.08
C LEU D 154 -10.22 -22.42 -14.27
N THR D 155 -11.20 -21.54 -14.50
CA THR D 155 -11.25 -20.21 -13.89
C THR D 155 -11.31 -20.28 -12.36
N GLU D 156 -12.09 -21.23 -11.85
CA GLU D 156 -12.21 -21.43 -10.42
C GLU D 156 -10.88 -21.81 -9.79
N PRO D 157 -10.23 -22.86 -10.28
CA PRO D 157 -8.99 -23.15 -9.54
C PRO D 157 -7.93 -22.05 -9.70
N LEU D 158 -7.90 -21.38 -10.84
CA LEU D 158 -6.95 -20.28 -11.09
C LEU D 158 -7.23 -19.01 -10.22
N LYS D 159 -8.50 -18.72 -10.02
CA LYS D 159 -8.96 -17.62 -9.19
C LYS D 159 -8.26 -17.69 -7.85
N ASN D 160 -8.20 -18.88 -7.23
CA ASN D 160 -7.52 -18.98 -5.94
C ASN D 160 -6.06 -18.59 -5.97
N VAL D 161 -5.43 -18.93 -7.08
CA VAL D 161 -4.05 -18.59 -7.23
C VAL D 161 -3.94 -17.03 -7.39
N MET D 162 -4.89 -16.41 -8.08
CA MET D 162 -4.82 -14.96 -8.34
C MET D 162 -4.86 -14.18 -7.00
N LYS D 163 -5.73 -14.64 -6.10
CA LYS D 163 -5.90 -13.99 -4.82
C LYS D 163 -4.56 -14.15 -4.12
N ALA D 164 -3.99 -15.30 -4.19
CA ALA D 164 -2.82 -15.53 -3.43
C ALA D 164 -1.68 -14.66 -3.91
N PHE D 165 -1.60 -14.39 -5.21
CA PHE D 165 -0.57 -13.49 -5.70
C PHE D 165 -0.86 -12.03 -5.24
N GLU D 166 -2.15 -11.70 -5.03
CA GLU D 166 -2.59 -10.41 -4.48
C GLU D 166 -2.02 -10.33 -3.06
N VAL D 167 -2.12 -11.41 -2.29
CA VAL D 167 -1.72 -11.43 -0.91
C VAL D 167 -0.20 -11.23 -0.86
N PHE D 168 0.53 -11.91 -1.76
CA PHE D 168 1.96 -11.75 -1.96
C PHE D 168 2.29 -10.29 -2.35
N ASP D 169 1.51 -9.70 -3.24
CA ASP D 169 1.83 -8.31 -3.60
C ASP D 169 1.62 -7.34 -2.38
N VAL D 170 0.64 -7.65 -1.52
CA VAL D 170 0.42 -6.84 -0.35
C VAL D 170 1.54 -6.95 0.68
N VAL D 171 1.81 -8.18 1.12
CA VAL D 171 2.78 -8.45 2.21
C VAL D 171 4.21 -8.21 1.82
N SER D 172 4.53 -8.47 0.57
CA SER D 172 5.87 -8.16 0.05
C SER D 172 6.19 -6.61 -0.03
N LYS D 173 5.21 -5.75 0.24
CA LYS D 173 5.48 -4.35 0.36
C LYS D 173 6.22 -4.06 1.64
N ARG D 174 6.42 -5.02 2.57
CA ARG D 174 7.11 -4.66 3.80
C ARG D 174 8.59 -4.25 3.59
N SER D 175 9.15 -4.55 2.42
CA SER D 175 10.53 -4.21 2.16
C SER D 175 10.70 -4.21 0.66
N ILE D 176 11.89 -3.93 0.15
CA ILE D 176 12.07 -3.98 -1.31
C ILE D 176 12.37 -5.43 -1.67
N PHE D 177 11.42 -6.06 -2.36
CA PHE D 177 11.56 -7.47 -2.67
C PHE D 177 12.37 -7.60 -3.95
N GLN D 178 12.29 -6.61 -4.83
CA GLN D 178 12.90 -6.70 -6.17
C GLN D 178 14.41 -6.51 -6.12
N ASN D 179 15.07 -6.84 -7.24
CA ASN D 179 16.51 -6.56 -7.37
C ASN D 179 16.69 -5.05 -7.50
N ASP D 180 17.91 -4.60 -7.35
CA ASP D 180 18.23 -3.21 -7.48
C ASP D 180 18.10 -2.66 -8.89
N ASP D 181 17.65 -3.48 -9.85
CA ASP D 181 17.16 -2.97 -11.16
C ASP D 181 15.71 -2.92 -11.21
N SER D 182 15.03 -3.15 -10.07
CA SER D 182 13.55 -3.10 -9.99
C SER D 182 12.75 -4.34 -10.47
N THR D 183 13.43 -5.35 -11.00
CA THR D 183 12.79 -6.53 -11.59
C THR D 183 12.79 -7.66 -10.62
N PHE D 184 12.17 -8.77 -11.03
CA PHE D 184 12.21 -10.02 -10.33
C PHE D 184 13.19 -10.99 -10.98
N ILE D 185 14.06 -10.52 -11.86
CA ILE D 185 14.89 -11.48 -12.62
C ILE D 185 15.72 -12.37 -11.67
N GLY D 186 15.56 -13.70 -11.76
CA GLY D 186 16.30 -14.64 -10.90
C GLY D 186 15.83 -14.80 -9.48
N LYS D 187 14.71 -14.17 -9.13
CA LYS D 187 14.05 -14.46 -7.89
C LYS D 187 13.50 -15.86 -7.98
N LYS D 188 13.68 -16.61 -6.93
CA LYS D 188 13.35 -18.05 -6.94
C LYS D 188 11.99 -18.40 -6.27
N MET D 189 11.03 -18.88 -7.09
CA MET D 189 9.77 -19.45 -6.58
C MET D 189 9.81 -20.99 -6.60
N VAL D 190 9.48 -21.57 -5.45
CA VAL D 190 9.38 -22.98 -5.27
C VAL D 190 7.98 -23.30 -4.84
N VAL D 191 7.33 -24.20 -5.60
CA VAL D 191 5.97 -24.65 -5.34
C VAL D 191 6.00 -26.13 -4.89
N ILE D 192 5.51 -26.39 -3.70
CA ILE D 192 5.44 -27.73 -3.18
C ILE D 192 4.26 -28.41 -3.84
N GLY D 193 4.55 -29.36 -4.73
CA GLY D 193 3.50 -30.05 -5.43
C GLY D 193 3.51 -29.93 -6.93
N SER D 194 2.77 -30.86 -7.54
CA SER D 194 2.74 -31.05 -8.97
C SER D 194 1.36 -31.32 -9.50
N GLY D 195 0.35 -30.96 -8.70
CA GLY D 195 -1.05 -30.98 -9.13
C GLY D 195 -1.52 -29.78 -9.91
N SER D 196 -2.83 -29.72 -10.12
CA SER D 196 -3.45 -28.69 -10.90
C SER D 196 -3.13 -27.29 -10.30
N GLU D 197 -3.26 -27.15 -8.99
CA GLU D 197 -3.02 -25.84 -8.37
C GLU D 197 -1.53 -25.43 -8.49
N ALA D 198 -0.63 -26.39 -8.27
CA ALA D 198 0.77 -26.17 -8.47
C ALA D 198 1.04 -25.62 -9.81
N PHE D 199 0.52 -26.27 -10.84
CA PHE D 199 0.82 -25.85 -12.20
C PHE D 199 0.31 -24.44 -12.39
N LEU D 200 -0.86 -24.18 -11.82
CA LEU D 200 -1.46 -22.86 -12.02
C LEU D 200 -0.61 -21.74 -11.29
N TYR D 201 -0.16 -22.02 -10.07
CA TYR D 201 0.79 -21.18 -9.35
C TYR D 201 2.02 -20.99 -10.18
N SER D 202 2.52 -22.08 -10.75
CA SER D 202 3.81 -22.05 -11.45
C SER D 202 3.72 -21.15 -12.68
N PHE D 203 2.61 -21.24 -13.39
CA PHE D 203 2.45 -20.49 -14.61
C PHE D 203 2.33 -18.97 -14.32
N VAL D 204 1.60 -18.63 -13.26
CA VAL D 204 1.46 -17.28 -12.80
C VAL D 204 2.82 -16.77 -12.27
N GLY D 205 3.49 -17.60 -11.50
CA GLY D 205 4.86 -17.36 -11.10
C GLY D 205 5.63 -16.88 -12.28
N LYS D 206 5.54 -17.61 -13.38
CA LYS D 206 6.30 -17.29 -14.57
C LYS D 206 5.84 -15.94 -15.15
N ASP D 207 4.55 -15.70 -15.16
CA ASP D 207 4.10 -14.41 -15.69
C ASP D 207 4.62 -13.28 -14.81
N ARG D 208 4.83 -13.53 -13.52
CA ARG D 208 5.38 -12.50 -12.61
C ARG D 208 6.91 -12.33 -12.72
N GLY D 209 7.59 -13.13 -13.52
CA GLY D 209 9.06 -12.97 -13.64
C GLY D 209 9.95 -13.88 -12.82
N PHE D 210 9.32 -14.75 -12.07
CA PHE D 210 10.12 -15.63 -11.25
C PHE D 210 10.82 -16.76 -12.09
N ASP D 211 11.94 -17.29 -11.57
CA ASP D 211 12.36 -18.66 -11.89
C ASP D 211 11.61 -19.65 -10.99
N VAL D 212 10.85 -20.55 -11.62
CA VAL D 212 9.92 -21.41 -10.89
C VAL D 212 10.34 -22.87 -11.02
N THR D 213 10.23 -23.57 -9.90
CA THR D 213 10.46 -25.00 -9.78
C THR D 213 9.35 -25.59 -8.93
N MET D 214 8.62 -26.54 -9.52
CA MET D 214 7.74 -27.42 -8.78
C MET D 214 8.54 -28.56 -8.11
N VAL D 215 8.07 -29.02 -7.01
CA VAL D 215 8.79 -30.07 -6.32
C VAL D 215 7.82 -31.07 -5.77
N ASN D 216 8.37 -32.27 -5.55
CA ASN D 216 7.64 -33.41 -4.95
C ASN D 216 8.60 -34.45 -4.35
N ARG D 217 8.04 -35.39 -3.61
CA ARG D 217 8.80 -36.51 -3.03
C ARG D 217 8.89 -37.72 -4.00
N HIS D 218 8.78 -37.50 -5.30
CA HIS D 218 8.78 -38.57 -6.31
C HIS D 218 8.82 -37.99 -7.74
N ASP D 219 9.20 -38.82 -8.71
CA ASP D 219 9.45 -38.30 -10.04
C ASP D 219 8.11 -38.03 -10.64
N GLU D 220 8.07 -37.36 -11.77
CA GLU D 220 6.77 -37.09 -12.34
C GLU D 220 6.58 -37.61 -13.78
N THR D 221 5.34 -37.95 -14.12
CA THR D 221 4.98 -38.49 -15.42
C THR D 221 5.39 -37.54 -16.53
N GLU D 222 5.88 -38.09 -17.63
CA GLU D 222 6.39 -37.29 -18.72
C GLU D 222 5.33 -36.43 -19.43
N ASN D 223 4.04 -36.70 -19.26
CA ASN D 223 3.08 -35.68 -19.69
C ASN D 223 3.32 -34.38 -18.88
N LYS D 224 3.55 -34.51 -17.58
CA LYS D 224 3.80 -33.36 -16.70
C LYS D 224 5.10 -32.62 -17.00
N MET D 225 6.16 -33.38 -17.23
CA MET D 225 7.45 -32.81 -17.57
C MET D 225 7.46 -32.04 -18.89
N LYS D 226 6.65 -32.46 -19.86
CA LYS D 226 6.56 -31.73 -21.15
C LYS D 226 5.81 -30.43 -20.94
N MET D 227 4.75 -30.48 -20.13
CA MET D 227 4.01 -29.27 -19.81
C MET D 227 4.92 -28.27 -19.09
N MET D 228 5.57 -28.72 -17.99
CA MET D 228 6.54 -27.90 -17.26
C MET D 228 7.55 -27.29 -18.22
N ASP D 229 8.34 -28.14 -18.85
CA ASP D 229 9.33 -27.65 -19.81
C ASP D 229 8.73 -26.65 -20.83
N ASP D 230 7.52 -26.90 -21.29
CA ASP D 230 6.85 -26.01 -22.23
C ASP D 230 6.65 -24.58 -21.75
N PHE D 231 6.44 -24.39 -20.45
CA PHE D 231 6.24 -23.05 -19.91
C PHE D 231 7.50 -22.49 -19.25
N GLY D 232 8.55 -23.31 -19.17
CA GLY D 232 9.81 -22.89 -18.64
C GLY D 232 9.94 -23.12 -17.16
N VAL D 233 9.14 -24.07 -16.66
CA VAL D 233 9.10 -24.39 -15.26
C VAL D 233 9.90 -25.64 -15.01
N GLY D 234 10.78 -25.58 -14.04
CA GLY D 234 11.58 -26.70 -13.68
C GLY D 234 10.86 -27.62 -12.69
N PHE D 235 11.43 -28.80 -12.50
CA PHE D 235 10.91 -29.75 -11.52
C PHE D 235 12.06 -30.33 -10.81
N SER D 236 11.87 -30.71 -9.56
CA SER D 236 12.92 -31.38 -8.84
C SER D 236 12.23 -32.27 -7.83
N ASN D 237 12.81 -33.44 -7.57
CA ASN D 237 12.34 -34.41 -6.56
C ASN D 237 13.24 -34.13 -5.38
N TYR D 238 12.67 -33.68 -4.26
CA TYR D 238 13.52 -33.11 -3.20
C TYR D 238 14.16 -34.19 -2.39
N LEU D 239 13.80 -35.43 -2.66
CA LEU D 239 14.53 -36.53 -2.00
C LEU D 239 15.88 -36.82 -2.66
N LYS D 240 16.03 -36.43 -3.92
CA LYS D 240 17.28 -36.44 -4.63
C LYS D 240 17.90 -35.03 -4.76
N ASP D 241 17.09 -33.98 -4.93
CA ASP D 241 17.64 -32.61 -5.05
C ASP D 241 16.80 -31.49 -4.38
N MET D 242 17.23 -31.08 -3.19
CA MET D 242 16.55 -30.11 -2.35
C MET D 242 16.91 -28.71 -2.84
N PRO D 243 15.96 -28.00 -3.45
CA PRO D 243 16.23 -26.58 -3.75
C PRO D 243 16.52 -25.84 -2.43
N ASP D 244 17.35 -24.83 -2.55
CA ASP D 244 17.79 -24.00 -1.48
C ASP D 244 17.67 -22.53 -2.00
N LYS D 245 17.69 -21.56 -1.07
CA LYS D 245 17.65 -20.13 -1.40
C LYS D 245 16.35 -19.62 -2.06
N ILE D 246 15.26 -19.83 -1.35
CA ILE D 246 13.97 -19.57 -1.97
C ILE D 246 13.49 -18.17 -1.58
N ASP D 247 12.92 -17.43 -2.54
CA ASP D 247 12.32 -16.07 -2.31
C ASP D 247 10.80 -16.09 -2.11
N LEU D 248 10.11 -16.93 -2.88
CA LEU D 248 8.67 -17.19 -2.73
C LEU D 248 8.38 -18.70 -2.71
N LEU D 249 7.98 -19.20 -1.53
CA LEU D 249 7.61 -20.58 -1.29
C LEU D 249 6.08 -20.68 -1.21
N VAL D 250 5.43 -21.42 -2.12
CA VAL D 250 3.97 -21.67 -2.04
C VAL D 250 3.77 -23.16 -1.78
N ASP D 251 3.06 -23.51 -0.74
CA ASP D 251 2.71 -24.91 -0.48
C ASP D 251 1.30 -25.25 -0.94
N THR D 252 1.20 -26.31 -1.75
CA THR D 252 -0.08 -26.92 -2.16
C THR D 252 -0.27 -28.33 -1.53
N SER D 253 0.59 -28.72 -0.59
CA SER D 253 0.58 -30.03 0.02
C SER D 253 -0.20 -30.06 1.31
N GLY D 254 -0.03 -29.06 2.15
CA GLY D 254 -0.76 -29.03 3.40
C GLY D 254 -0.04 -29.86 4.43
N ASP D 255 1.20 -30.25 4.11
CA ASP D 255 1.98 -31.13 4.97
C ASP D 255 3.03 -30.36 5.77
N PRO D 256 2.82 -30.27 7.07
CA PRO D 256 3.71 -29.54 7.95
C PRO D 256 5.16 -29.80 7.73
N SER D 257 5.56 -31.06 7.70
CA SER D 257 6.99 -31.29 7.84
C SER D 257 7.63 -30.79 6.57
N THR D 258 6.94 -30.90 5.46
CA THR D 258 7.48 -30.51 4.18
C THR D 258 7.50 -28.97 4.10
N ILE D 259 6.43 -28.38 4.59
CA ILE D 259 6.35 -26.95 4.76
C ILE D 259 7.59 -26.37 5.46
N PHE D 260 7.76 -26.78 6.72
CA PHE D 260 8.78 -26.21 7.58
C PHE D 260 10.17 -26.57 7.16
N LYS D 261 10.35 -27.64 6.38
CA LYS D 261 11.72 -27.92 5.90
C LYS D 261 11.98 -27.02 4.74
N PHE D 262 10.97 -26.65 3.96
CA PHE D 262 11.22 -25.71 2.87
C PHE D 262 11.38 -24.22 3.34
N VAL D 263 10.77 -23.90 4.48
CA VAL D 263 10.84 -22.57 5.11
C VAL D 263 12.28 -22.27 5.48
N LYS D 264 13.02 -23.29 5.93
CA LYS D 264 14.44 -23.13 6.26
C LYS D 264 15.37 -22.96 5.08
N LYS D 265 14.87 -22.95 3.87
CA LYS D 265 15.65 -22.60 2.72
C LYS D 265 15.25 -21.18 2.21
N VAL D 266 14.38 -20.49 2.94
CA VAL D 266 13.83 -19.19 2.47
C VAL D 266 14.75 -18.05 2.87
N ASN D 267 14.94 -17.15 1.93
CA ASN D 267 15.87 -16.05 2.10
C ASN D 267 15.28 -14.93 2.91
N ASN D 268 16.10 -13.96 3.22
CA ASN D 268 15.70 -12.77 3.87
C ASN D 268 14.64 -12.15 3.04
N ASN D 269 13.62 -11.65 3.74
CA ASN D 269 12.42 -11.03 3.14
C ASN D 269 11.65 -11.99 2.25
N GLY D 270 11.85 -13.27 2.43
CA GLY D 270 11.04 -14.28 1.72
C GLY D 270 9.61 -14.31 2.22
N VAL D 271 8.74 -14.70 1.31
CA VAL D 271 7.33 -14.91 1.57
C VAL D 271 6.92 -16.39 1.42
N VAL D 272 6.12 -16.87 2.34
CA VAL D 272 5.69 -18.27 2.34
C VAL D 272 4.17 -18.15 2.27
N ILE D 273 3.56 -18.67 1.19
CA ILE D 273 2.10 -18.74 1.01
C ILE D 273 1.62 -20.14 1.44
N LEU D 274 0.72 -20.21 2.40
CA LEU D 274 0.14 -21.46 2.80
C LEU D 274 -1.22 -21.53 2.11
N PHE D 275 -1.44 -22.59 1.34
CA PHE D 275 -2.62 -22.72 0.49
C PHE D 275 -3.30 -24.07 0.61
N GLY D 276 -2.51 -25.11 0.49
CA GLY D 276 -2.99 -26.44 0.66
C GLY D 276 -3.35 -26.78 2.06
N PHE D 277 -4.29 -27.67 2.24
CA PHE D 277 -4.61 -28.16 3.55
C PHE D 277 -5.00 -29.63 3.53
N ASN D 278 -4.62 -30.25 4.62
CA ASN D 278 -4.84 -31.64 4.85
C ASN D 278 -4.96 -31.83 6.35
N GLY D 279 -6.19 -31.94 6.84
CA GLY D 279 -6.41 -32.23 8.24
C GLY D 279 -5.81 -33.54 8.73
N LYS D 280 -5.48 -34.46 7.84
CA LYS D 280 -4.92 -35.75 8.24
C LYS D 280 -3.42 -35.68 8.43
N ALA D 281 -2.76 -34.64 7.88
CA ALA D 281 -1.26 -34.61 7.91
C ALA D 281 -0.67 -34.65 9.31
N PRO D 282 0.43 -35.40 9.50
CA PRO D 282 0.99 -35.53 10.85
C PRO D 282 1.81 -34.29 11.27
N GLY D 283 2.03 -34.17 12.57
CA GLY D 283 2.64 -33.01 13.17
C GLY D 283 4.15 -32.99 13.01
N TYR D 284 4.71 -31.83 12.65
CA TYR D 284 6.11 -31.63 12.65
C TYR D 284 6.41 -30.69 13.83
N PRO D 285 7.49 -30.99 14.53
CA PRO D 285 7.80 -30.31 15.77
C PRO D 285 8.61 -29.05 15.47
N VAL D 286 7.93 -27.90 15.46
CA VAL D 286 8.58 -26.62 15.20
C VAL D 286 9.32 -26.15 16.44
N ASN D 287 10.62 -25.94 16.33
CA ASN D 287 11.43 -25.57 17.48
C ASN D 287 11.89 -24.10 17.48
N GLY D 288 12.61 -23.76 18.56
CA GLY D 288 13.10 -22.42 18.84
C GLY D 288 13.89 -21.79 17.72
N GLU D 289 14.64 -22.65 17.03
CA GLU D 289 15.43 -22.26 15.93
C GLU D 289 14.59 -22.02 14.73
N ASP D 290 13.56 -22.83 14.52
CA ASP D 290 12.73 -22.62 13.34
C ASP D 290 12.13 -21.19 13.35
N ILE D 291 11.75 -20.73 14.53
CA ILE D 291 11.11 -19.46 14.74
C ILE D 291 12.16 -18.37 14.54
N ASP D 292 13.29 -18.57 15.20
CA ASP D 292 14.43 -17.67 15.09
C ASP D 292 14.80 -17.43 13.62
N TYR D 293 14.77 -18.50 12.83
CA TYR D 293 15.04 -18.43 11.41
C TYR D 293 14.05 -17.44 10.74
N ILE D 294 12.78 -17.54 11.11
CA ILE D 294 11.74 -16.69 10.54
C ILE D 294 11.91 -15.25 10.96
N VAL D 295 12.04 -15.04 12.25
CA VAL D 295 12.25 -13.71 12.78
C VAL D 295 13.46 -12.95 12.22
N GLU D 296 14.63 -13.52 12.30
CA GLU D 296 15.84 -12.82 11.82
C GLU D 296 15.82 -12.53 10.36
N ARG D 297 15.00 -13.23 9.57
CA ARG D 297 15.00 -12.97 8.13
C ARG D 297 13.83 -12.17 7.68
N ASN D 298 13.00 -11.71 8.62
CA ASN D 298 11.81 -10.95 8.25
C ASN D 298 10.97 -11.67 7.24
N ILE D 299 10.84 -12.99 7.41
CA ILE D 299 9.94 -13.79 6.56
C ILE D 299 8.47 -13.54 6.93
N THR D 300 7.61 -13.61 5.93
CA THR D 300 6.17 -13.53 6.12
C THR D 300 5.53 -14.86 5.66
N ILE D 301 4.77 -15.49 6.56
CA ILE D 301 4.03 -16.69 6.29
C ILE D 301 2.54 -16.31 6.25
N ALA D 302 1.96 -16.38 5.07
CA ALA D 302 0.63 -15.98 4.85
C ALA D 302 -0.28 -17.12 4.30
N GLY D 303 -1.32 -17.43 5.07
CA GLY D 303 -2.40 -18.29 4.65
C GLY D 303 -3.37 -17.56 3.71
N SER D 304 -3.77 -18.23 2.62
CA SER D 304 -4.69 -17.69 1.64
C SER D 304 -5.81 -18.65 1.26
N VAL D 305 -7.03 -18.19 1.31
CA VAL D 305 -8.19 -18.98 0.98
C VAL D 305 -9.13 -18.21 0.05
N ASP D 306 -9.59 -18.89 -1.01
CA ASP D 306 -10.61 -18.42 -1.92
C ASP D 306 -10.18 -17.24 -2.73
N ALA D 307 -11.13 -16.50 -3.27
CA ALA D 307 -10.86 -15.27 -3.95
C ALA D 307 -12.07 -14.44 -4.18
N ALA D 308 -11.86 -13.24 -4.68
CA ALA D 308 -12.89 -12.33 -5.06
C ALA D 308 -13.21 -12.42 -6.55
N LYS D 309 -14.40 -11.98 -6.88
CA LYS D 309 -14.86 -11.87 -8.23
C LYS D 309 -13.81 -11.30 -9.18
N ILE D 310 -13.11 -10.25 -8.74
CA ILE D 310 -12.15 -9.65 -9.64
C ILE D 310 -11.07 -10.69 -10.08
N HIS D 311 -10.74 -11.59 -9.17
CA HIS D 311 -9.72 -12.59 -9.47
C HIS D 311 -10.23 -13.64 -10.47
N TYR D 312 -11.56 -13.78 -10.54
CA TYR D 312 -12.12 -14.67 -11.55
C TYR D 312 -11.87 -14.03 -12.90
N VAL D 313 -12.12 -12.73 -12.96
CA VAL D 313 -11.89 -11.99 -14.16
C VAL D 313 -10.43 -12.07 -14.64
N GLN D 314 -9.46 -12.06 -13.70
CA GLN D 314 -8.03 -12.07 -14.06
C GLN D 314 -7.67 -13.47 -14.48
N ALA D 315 -8.13 -14.49 -13.74
CA ALA D 315 -7.96 -15.92 -14.07
C ALA D 315 -8.36 -16.21 -15.56
N LEU D 316 -9.56 -15.77 -15.91
CA LEU D 316 -10.05 -15.86 -17.26
C LEU D 316 -9.15 -15.11 -18.23
N ASP D 317 -8.64 -13.94 -17.83
CA ASP D 317 -7.72 -13.22 -18.74
C ASP D 317 -6.40 -13.95 -18.91
N SER D 318 -5.92 -14.58 -17.85
CA SER D 318 -4.65 -15.29 -18.00
C SER D 318 -4.74 -16.52 -18.92
N LEU D 319 -5.76 -17.33 -18.68
CA LEU D 319 -6.13 -18.46 -19.56
C LEU D 319 -6.21 -18.02 -21.04
N SER D 320 -6.98 -16.97 -21.34
CA SER D 320 -6.93 -16.37 -22.69
C SER D 320 -5.53 -16.13 -23.20
N ASN D 321 -4.70 -15.47 -22.40
CA ASN D 321 -3.32 -15.25 -22.83
C ASN D 321 -2.60 -16.51 -23.06
N TRP D 322 -2.67 -17.41 -22.06
CA TRP D 322 -1.96 -18.68 -22.11
C TRP D 322 -2.39 -19.57 -23.29
N TYR D 323 -3.70 -19.60 -23.54
CA TYR D 323 -4.28 -20.37 -24.63
C TYR D 323 -3.83 -19.92 -26.02
N HIS D 324 -3.75 -18.61 -26.27
CA HIS D 324 -3.29 -18.13 -27.54
C HIS D 324 -1.79 -18.15 -27.64
N ARG D 325 -1.10 -18.56 -26.60
CA ARG D 325 0.36 -18.64 -26.68
C ARG D 325 0.74 -20.08 -26.78
N HIS D 326 0.17 -20.91 -25.89
CA HIS D 326 0.55 -22.31 -25.76
C HIS D 326 -0.70 -23.16 -25.73
N PRO D 327 -1.43 -23.22 -26.86
CA PRO D 327 -2.76 -23.81 -26.85
C PRO D 327 -2.69 -25.25 -26.43
N GLN D 328 -1.65 -25.95 -26.84
CA GLN D 328 -1.64 -27.36 -26.57
C GLN D 328 -1.39 -27.68 -25.11
N THR D 329 -0.40 -27.03 -24.48
CA THR D 329 -0.09 -27.32 -23.07
C THR D 329 -1.29 -26.98 -22.16
N ILE D 330 -2.03 -25.93 -22.51
CA ILE D 330 -3.17 -25.49 -21.71
C ILE D 330 -4.33 -26.48 -21.90
N LYS D 331 -4.58 -26.89 -23.15
CA LYS D 331 -5.49 -27.99 -23.39
C LYS D 331 -5.04 -29.21 -22.58
N ASP D 332 -3.73 -29.47 -22.51
CA ASP D 332 -3.25 -30.71 -21.91
C ASP D 332 -3.52 -30.79 -20.42
N ILE D 333 -4.02 -29.71 -19.84
CA ILE D 333 -4.30 -29.66 -18.42
C ILE D 333 -5.54 -30.50 -18.15
N ILE D 334 -6.52 -30.42 -19.06
CA ILE D 334 -7.76 -31.10 -18.79
C ILE D 334 -7.54 -32.51 -19.27
N THR D 335 -7.24 -33.41 -18.33
CA THR D 335 -6.87 -34.80 -18.58
C THR D 335 -8.01 -35.80 -18.70
N TYR D 336 -9.24 -35.41 -18.38
CA TYR D 336 -10.35 -36.31 -18.48
C TYR D 336 -11.68 -35.54 -18.51
N GLU D 337 -12.57 -35.93 -19.42
CA GLU D 337 -13.95 -35.41 -19.49
C GLU D 337 -14.91 -36.56 -19.19
N ALA D 338 -15.15 -36.82 -17.90
CA ALA D 338 -16.04 -37.86 -17.40
C ALA D 338 -17.50 -37.45 -17.49
N LYS D 339 -18.41 -38.43 -17.32
CA LYS D 339 -19.86 -38.24 -17.53
C LYS D 339 -20.58 -38.22 -16.21
N PRO D 340 -21.69 -37.45 -16.12
CA PRO D 340 -22.36 -37.35 -14.82
C PRO D 340 -22.47 -38.69 -14.14
N GLU D 341 -22.71 -39.70 -14.95
CA GLU D 341 -22.95 -41.08 -14.54
C GLU D 341 -21.74 -41.63 -13.84
N GLU D 342 -20.55 -41.24 -14.30
CA GLU D 342 -19.32 -41.85 -13.83
C GLU D 342 -18.97 -41.24 -12.49
N THR D 343 -19.75 -41.61 -11.48
CA THR D 343 -19.60 -41.08 -10.10
C THR D 343 -18.46 -41.82 -9.39
N ASN D 344 -17.58 -42.42 -10.18
CA ASN D 344 -16.42 -43.11 -9.64
C ASN D 344 -15.27 -42.15 -9.54
N ILE D 345 -15.26 -41.11 -10.40
CA ILE D 345 -14.19 -40.09 -10.39
C ILE D 345 -14.01 -39.60 -8.97
N PHE D 346 -15.14 -39.38 -8.29
CA PHE D 346 -15.11 -38.90 -6.90
C PHE D 346 -14.29 -39.79 -5.99
N PHE D 347 -14.09 -41.04 -6.40
CA PHE D 347 -13.43 -42.05 -5.59
C PHE D 347 -12.03 -42.40 -6.13
N GLN D 348 -11.95 -42.63 -7.43
CA GLN D 348 -10.70 -43.05 -8.04
C GLN D 348 -10.18 -41.92 -8.90
N LYS D 349 -8.87 -41.88 -9.10
CA LYS D 349 -8.34 -40.87 -9.99
C LYS D 349 -7.94 -41.44 -11.36
N PRO D 350 -8.57 -40.92 -12.46
CA PRO D 350 -8.00 -41.26 -13.76
C PRO D 350 -6.49 -41.23 -13.76
N LYS D 351 -5.89 -42.25 -14.36
CA LYS D 351 -4.44 -42.42 -14.33
C LYS D 351 -3.70 -41.15 -14.87
N GLY D 352 -2.74 -40.63 -14.09
CA GLY D 352 -2.10 -39.34 -14.41
C GLY D 352 -3.04 -38.14 -14.64
N GLU D 353 -4.04 -37.98 -13.79
CA GLU D 353 -4.93 -36.81 -13.85
C GLU D 353 -4.19 -35.53 -13.42
N ILE D 354 -4.50 -34.47 -14.14
CA ILE D 354 -4.22 -33.13 -13.72
C ILE D 354 -5.56 -32.55 -13.31
N LYS D 355 -6.40 -32.21 -14.28
CA LYS D 355 -7.73 -31.80 -13.93
C LYS D 355 -8.78 -32.69 -14.61
N THR D 356 -9.64 -33.30 -13.77
CA THR D 356 -10.82 -34.02 -14.23
C THR D 356 -12.04 -33.15 -14.25
N VAL D 357 -12.72 -33.14 -15.39
CA VAL D 357 -13.92 -32.36 -15.59
C VAL D 357 -15.09 -33.29 -15.88
N ILE D 358 -16.29 -32.75 -15.79
CA ILE D 358 -17.49 -33.41 -16.23
C ILE D 358 -18.18 -32.63 -17.37
N LYS D 359 -18.31 -33.27 -18.54
CA LYS D 359 -19.13 -32.72 -19.60
C LYS D 359 -20.56 -33.01 -19.16
N TRP D 360 -21.37 -31.98 -19.08
CA TRP D 360 -22.74 -32.13 -18.66
C TRP D 360 -23.61 -32.22 -19.90
N PRO D 361 -24.55 -33.16 -19.92
CA PRO D 361 -25.37 -33.39 -21.10
C PRO D 361 -26.13 -32.18 -21.60
ZN ZN E . -21.52 7.08 -0.05
PA NAP F . -9.49 30.49 7.37
O1A NAP F . -9.02 30.64 8.74
O2A NAP F . -10.27 31.58 6.76
O5B NAP F . -8.20 30.21 6.49
C5B NAP F . -7.96 30.80 5.24
C4B NAP F . -6.51 31.24 5.27
O4B NAP F . -6.07 31.47 3.96
C3B NAP F . -6.35 32.55 5.99
O3B NAP F . -5.14 32.47 6.68
C2B NAP F . -6.23 33.56 4.88
O2B NAP F . -5.61 34.78 5.31
C1B NAP F . -5.45 32.73 3.88
N9A NAP F . -5.44 33.19 2.48
C8A NAP F . -6.48 33.59 1.75
N7A NAP F . -6.08 33.93 0.54
C5A NAP F . -4.76 33.75 0.49
C6A NAP F . -3.71 33.92 -0.49
N6A NAP F . -3.98 34.37 -1.72
N1A NAP F . -2.47 33.62 -0.14
C2A NAP F . -2.18 33.16 1.07
N3A NAP F . -3.10 32.98 2.00
C4A NAP F . -4.36 33.26 1.78
O3 NAP F . -10.29 29.12 7.29
PN NAP F . -9.81 27.73 7.89
O1N NAP F . -10.85 27.30 8.83
O2N NAP F . -8.42 27.76 8.33
O5D NAP F . -9.94 26.77 6.62
C5D NAP F . -9.26 27.02 5.40
C4D NAP F . -10.00 26.57 4.14
O4D NAP F . -10.38 25.19 4.18
C3D NAP F . -11.27 27.32 3.82
O3D NAP F . -11.18 27.68 2.46
C2D NAP F . -12.38 26.32 3.88
O2D NAP F . -13.24 26.61 2.81
C1D NAP F . -11.68 25.01 3.67
N1N NAP F . -12.26 23.86 4.34
C2N NAP F . -12.00 22.67 3.83
C3N NAP F . -12.48 21.52 4.39
C7N NAP F . -12.19 20.18 3.80
O7N NAP F . -12.46 19.21 4.46
N7N NAP F . -11.63 20.07 2.62
C4N NAP F . -13.25 21.63 5.52
C5N NAP F . -13.49 22.88 6.04
C6N NAP F . -13.00 24.00 5.43
P2B NAP F . -6.43 36.11 5.61
O1X NAP F . -7.47 35.73 6.58
O2X NAP F . -5.38 37.01 6.10
O3X NAP F . -7.03 36.61 4.38
C1 PGO G . -27.54 14.25 15.18
C2 PGO G . -27.89 14.71 13.80
C3 PGO G . -26.56 14.51 13.06
O1 PGO G . -28.67 14.11 16.01
O2 PGO G . -28.30 16.09 13.75
OH2 1PE H . -9.72 2.70 19.73
C12 1PE H . -10.16 3.50 20.86
C22 1PE H . -10.82 4.75 20.27
OH3 1PE H . -11.76 5.51 21.10
C13 1PE H . -13.61 7.14 21.05
C23 1PE H . -12.37 6.53 20.36
OH4 1PE H . -14.72 6.27 21.07
C14 1PE H . -16.48 5.29 19.63
C24 1PE H . -15.59 6.52 19.96
OH5 1PE H . -17.83 5.65 19.88
C15 1PE H . -18.22 3.46 20.56
C25 1PE H . -18.16 4.94 21.06
OH6 1PE H . -18.09 3.31 19.13
C16 1PE H . -17.45 1.38 17.50
C26 1PE H . -18.15 1.87 18.80
OH7 1PE H . -17.40 -0.07 17.35
OH2 1PE I . -1.24 4.22 4.67
C12 1PE I . -2.62 4.31 5.16
C22 1PE I . -3.54 3.35 4.37
OH3 1PE I . -4.97 3.63 4.36
C13 1PE I . -6.90 4.04 2.90
C23 1PE I . -5.70 3.12 3.23
OH4 1PE I . -8.06 3.25 3.20
C14 1PE I . -10.41 2.50 2.73
C24 1PE I . -9.17 3.28 2.26
OH5 1PE I . -10.14 1.86 4.02
C15 1PE I . -10.48 2.00 6.60
C25 1PE I . -10.14 2.68 5.23
OH6 1PE I . -10.18 2.96 7.72
C16 1PE I . -7.71 3.14 7.46
C26 1PE I . -8.91 2.87 8.40
OH7 1PE I . -6.45 3.02 8.17
ZN ZN J . 21.89 -5.32 3.29
PA NAP K . 12.49 -10.54 28.32
O1A NAP K . 12.21 -9.43 29.30
O2A NAP K . 13.31 -11.77 28.72
O5B NAP K . 11.03 -11.01 27.81
C5B NAP K . 10.70 -12.36 27.47
C4B NAP K . 9.33 -12.63 28.09
O4B NAP K . 8.79 -13.89 27.69
C3B NAP K . 9.42 -12.61 29.60
O3B NAP K . 8.32 -11.84 30.02
C2B NAP K . 9.26 -14.08 29.98
O2B NAP K . 8.69 -14.36 31.24
C1B NAP K . 8.32 -14.50 28.91
N9A NAP K . 8.26 -15.92 28.64
C8A NAP K . 9.26 -16.82 28.53
N7A NAP K . 8.73 -18.01 28.17
C5A NAP K . 7.39 -17.83 28.05
C6A NAP K . 6.23 -18.64 27.72
N6A NAP K . 6.39 -19.95 27.44
N1A NAP K . 5.04 -18.06 27.73
C2A NAP K . 4.84 -16.76 27.98
N3A NAP K . 5.85 -15.95 28.29
C4A NAP K . 7.10 -16.45 28.34
O3 NAP K . 13.19 -9.92 26.98
PN NAP K . 12.87 -8.46 26.34
O1N NAP K . 14.10 -7.57 26.42
O2N NAP K . 11.48 -8.08 26.83
O5D NAP K . 12.81 -8.85 24.77
C5D NAP K . 11.91 -9.87 24.38
C4D NAP K . 12.45 -10.93 23.42
O4D NAP K . 12.74 -10.34 22.15
C3D NAP K . 13.66 -11.79 23.82
O3D NAP K . 13.28 -13.14 23.53
C2D NAP K . 14.75 -11.49 22.85
O2D NAP K . 15.33 -12.71 22.42
C1D NAP K . 13.97 -10.88 21.67
N1N NAP K . 14.49 -9.74 20.96
C2N NAP K . 14.16 -9.69 19.65
C3N NAP K . 14.54 -8.67 18.83
C7N NAP K . 14.15 -8.61 17.35
O7N NAP K . 13.48 -9.51 16.70
N7N NAP K . 14.50 -7.44 16.79
C4N NAP K . 15.27 -7.64 19.45
C5N NAP K . 15.56 -7.72 20.81
C6N NAP K . 15.14 -8.78 21.60
P2B NAP K . 9.70 -14.55 32.51
O1X NAP K . 10.78 -13.53 32.34
O2X NAP K . 8.85 -14.20 33.70
O3X NAP K . 10.23 -15.95 32.28
C1 PGO L . 30.40 3.48 16.85
C2 PGO L . 30.21 2.08 16.33
C3 PGO L . 28.77 1.70 16.44
O1 PGO L . 31.78 3.75 16.91
O2 PGO L . 30.99 1.12 17.07
OH2 1PE M . 6.36 0.76 4.36
C12 1PE M . 7.49 -0.20 4.40
C22 1PE M . 8.54 0.27 3.42
OH3 1PE M . 9.59 -0.68 3.10
C13 1PE M . 11.40 0.87 3.11
C23 1PE M . 10.57 -0.09 2.24
OH4 1PE M . 10.89 2.25 3.24
C14 1PE M . 11.43 4.41 4.51
C24 1PE M . 10.91 2.95 4.51
OH5 1PE M . 11.04 5.01 5.78
C15 1PE M . 8.82 3.95 6.49
C25 1PE M . 9.57 5.19 5.89
OH6 1PE M . 7.49 4.21 6.96
C16 1PE M . 6.52 4.32 9.28
C26 1PE M . 6.96 3.44 8.09
OH7 1PE M . 6.28 3.44 10.41
OH2 1PE N . 11.67 12.33 17.94
C12 1PE N . 12.97 11.88 17.63
C22 1PE N . 13.84 12.96 17.11
OH3 1PE N . 14.73 12.45 16.15
C13 1PE N . 16.02 13.27 14.10
C23 1PE N . 14.90 13.56 15.11
OH4 1PE N . 17.40 13.60 14.54
C14 1PE N . 18.99 12.69 12.89
C24 1PE N . 18.37 12.64 14.30
OH5 1PE N . 20.41 12.41 12.89
C15 1PE N . 21.40 13.69 11.19
C25 1PE N . 21.06 13.69 12.67
OH6 1PE N . 20.30 13.47 10.32
C16 1PE N . 19.38 13.17 7.99
C26 1PE N . 20.66 13.28 8.90
OH7 1PE N . 19.59 13.25 6.58
ZN ZN O . 18.35 10.09 -9.27
PA NAP P . 1.14 12.05 -30.59
O1A NAP P . 1.24 10.84 -31.40
O2A NAP P . 1.57 13.34 -31.15
O5B NAP P . -0.35 12.16 -30.13
C5B NAP P . -0.77 13.30 -29.42
C4B NAP P . -2.26 13.15 -29.32
O4B NAP P . -2.85 14.26 -28.65
C3B NAP P . -2.79 13.18 -30.72
O3B NAP P . -3.86 12.25 -30.79
C2B NAP P . -3.35 14.57 -30.86
O2B NAP P . -4.29 14.62 -31.94
C1B NAP P . -3.92 14.73 -29.45
N9A NAP P . -4.39 16.08 -29.08
C8A NAP P . -3.76 17.25 -29.22
N7A NAP P . -4.55 18.24 -28.78
C5A NAP P . -5.69 17.70 -28.35
C6A NAP P . -6.93 18.16 -27.76
N6A NAP P . -7.14 19.46 -27.52
N1A NAP P . -7.86 17.25 -27.48
C2A NAP P . -7.67 15.95 -27.71
N3A NAP P . -6.56 15.47 -28.22
C4A NAP P . -5.57 16.28 -28.57
O3 NAP P . 1.97 11.76 -29.28
PN NAP P . 2.12 10.31 -28.64
O1N NAP P . 3.33 9.63 -29.14
O2N NAP P . 0.80 9.68 -28.65
O5D NAP P . 2.43 10.71 -27.13
C5D NAP P . 1.58 11.61 -26.40
C4D NAP P . 2.32 12.62 -25.51
O4D NAP P . 3.11 12.00 -24.53
C3D NAP P . 3.23 13.57 -26.25
O3D NAP P . 2.85 14.90 -25.98
C2D NAP P . 4.57 13.44 -25.61
O2D NAP P . 4.88 14.79 -25.36
C1D NAP P . 4.28 12.73 -24.32
N1N NAP P . 5.30 11.83 -23.86
C2N NAP P . 5.38 11.69 -22.53
C3N NAP P . 6.28 10.86 -21.89
C7N NAP P . 6.31 10.77 -20.37
O7N NAP P . 7.03 9.96 -19.84
N7N NAP P . 5.55 11.55 -19.63
C4N NAP P . 7.14 10.16 -22.73
C5N NAP P . 7.06 10.33 -24.10
C6N NAP P . 6.12 11.17 -24.67
P2B NAP P . -3.89 15.11 -33.40
O1X NAP P . -4.93 14.42 -34.16
O2X NAP P . -4.06 16.58 -33.36
O3X NAP P . -2.51 14.70 -33.69
C1 PGO Q . 24.51 2.96 -25.27
C2 PGO Q . 24.32 4.18 -24.38
C3 PGO Q . 22.90 4.17 -23.82
O1 PGO Q . 25.77 2.99 -25.96
O2 PGO Q . 24.40 5.40 -25.14
OH2 1PE R . 8.92 -9.96 -20.87
C12 1PE R . 10.24 -9.29 -20.89
C22 1PE R . 11.43 -10.22 -20.65
OH3 1PE R . 12.46 -9.76 -19.77
C13 1PE R . 13.97 -10.51 -17.96
C23 1PE R . 12.72 -10.76 -18.77
OH4 1PE R . 15.15 -10.59 -18.80
C14 1PE R . 17.19 -9.25 -19.22
C24 1PE R . 15.65 -9.25 -19.13
OH5 1PE R . 17.78 -8.16 -18.45
C15 1PE R . 19.28 -7.86 -16.61
C25 1PE R . 19.08 -8.53 -17.96
OH6 1PE R . 20.24 -8.44 -15.73
C16 1PE R . 19.17 -8.38 -13.52
C26 1PE R . 19.69 -9.22 -14.69
OH7 1PE R . 19.36 -9.11 -12.29
OH2 1PE S . -1.08 -4.28 -4.61
C12 1PE S . -2.29 -5.03 -4.33
C22 1PE S . -3.36 -4.25 -3.55
OH3 1PE S . -4.55 -5.04 -3.28
C13 1PE S . -6.01 -6.08 -1.75
C23 1PE S . -5.22 -4.82 -2.01
OH4 1PE S . -6.78 -6.09 -0.50
C14 1PE S . -8.81 -5.20 0.68
C24 1PE S . -7.81 -5.08 -0.50
OH5 1PE S . -10.09 -4.76 0.30
C15 1PE S . -10.34 -4.73 -2.36
C25 1PE S . -10.62 -5.35 -0.97
OH6 1PE S . -11.45 -4.76 -3.37
C16 1PE S . -13.69 -4.06 -3.83
C26 1PE S . -12.27 -3.61 -3.36
OH7 1PE S . -14.96 -3.47 -3.34
OH2 1PE T . 0.58 -1.17 -6.18
C12 1PE T . 1.93 -1.29 -6.71
C22 1PE T . 2.90 -0.84 -5.61
OH3 1PE T . 4.20 -0.46 -6.13
C13 1PE T . 5.54 1.57 -6.38
C23 1PE T . 4.94 0.54 -5.41
OH4 1PE T . 6.95 1.72 -6.26
C14 1PE T . 8.78 2.80 -5.02
C24 1PE T . 7.44 2.07 -4.94
OH5 1PE T . 9.87 1.89 -4.94
C15 1PE T . 10.49 -0.53 -5.32
C25 1PE T . 9.70 0.72 -5.79
OH6 1PE T . 10.96 -1.40 -6.42
C16 1PE T . 13.39 -1.56 -6.92
C26 1PE T . 12.20 -2.04 -6.08
OH7 1PE T . 14.49 -2.37 -6.74
ZN ZN U . -18.32 -11.97 5.99
PA NAP V . -3.78 -32.03 -5.63
O1A NAP V . -3.83 -32.21 -7.09
O2A NAP V . -3.90 -33.18 -4.73
O5B NAP V . -2.41 -31.31 -5.27
C5B NAP V . -1.69 -31.74 -4.13
C4B NAP V . -0.25 -31.99 -4.47
O4B NAP V . 0.46 -32.17 -3.27
C3B NAP V . -0.06 -33.26 -5.24
O3B NAP V . 0.78 -32.97 -6.35
C2B NAP V . 0.68 -34.16 -4.27
O2B NAP V . 1.44 -35.20 -4.90
C1B NAP V . 1.46 -33.13 -3.50
N9A NAP V . 1.96 -33.60 -2.21
C8A NAP V . 1.28 -34.28 -1.34
N7A NAP V . 2.02 -34.57 -0.28
C5A NAP V . 3.22 -34.05 -0.46
C6A NAP V . 4.46 -33.97 0.30
N6A NAP V . 4.54 -34.55 1.49
N1A NAP V . 5.48 -33.35 -0.23
C2A NAP V . 5.38 -32.77 -1.42
N3A NAP V . 4.29 -32.79 -2.15
C4A NAP V . 3.18 -33.40 -1.74
O3 NAP V . -4.93 -31.01 -5.25
PN NAP V . -5.07 -29.60 -5.94
O1N NAP V . -6.38 -29.49 -6.62
O2N NAP V . -3.82 -29.33 -6.68
O5D NAP V . -5.13 -28.65 -4.67
C5D NAP V . -4.06 -28.58 -3.74
C4D NAP V . -4.53 -28.21 -2.34
O4D NAP V . -5.27 -27.03 -2.37
C3D NAP V . -5.43 -29.22 -1.70
O3D NAP V . -4.91 -29.54 -0.44
C2D NAP V . -6.72 -28.50 -1.42
O2D NAP V . -7.19 -28.91 -0.15
C1D NAP V . -6.24 -27.08 -1.38
N1N NAP V . -7.20 -26.11 -1.78
C2N NAP V . -7.12 -24.93 -1.19
C3N NAP V . -7.98 -23.90 -1.48
C7N NAP V . -7.84 -22.57 -0.77
O7N NAP V . -8.67 -21.72 -0.98
N7N NAP V . -6.85 -22.36 0.09
C4N NAP V . -8.93 -24.13 -2.45
C5N NAP V . -8.98 -25.37 -3.07
C6N NAP V . -8.10 -26.36 -2.71
P2B NAP V . 0.96 -36.72 -5.06
O1X NAP V . -0.31 -36.56 -5.79
O2X NAP V . 2.09 -37.35 -5.75
O3X NAP V . 0.68 -37.35 -3.76
C1 PGO W . -27.52 -21.05 -6.55
C2 PGO W . -26.30 -21.69 -5.94
C3 PGO W . -25.36 -22.08 -7.04
O1 PGO W . -27.17 -19.67 -6.63
O2 PGO W . -26.69 -22.79 -5.15
OH2 1PE X . -11.84 -11.66 -18.40
C12 1PE X . -12.91 -12.16 -17.58
C22 1PE X . -14.26 -11.54 -18.03
OH3 1PE X . -15.22 -11.28 -17.00
C13 1PE X . -16.79 -9.74 -16.00
C23 1PE X . -15.78 -9.94 -17.13
OH4 1PE X . -18.11 -10.28 -16.29
C14 1PE X . -19.82 -9.74 -14.52
C24 1PE X . -18.82 -10.72 -15.13
OH5 1PE X . -20.87 -10.41 -13.80
C15 1PE X . -22.00 -8.56 -12.87
C25 1PE X . -22.01 -9.58 -13.98
OH6 1PE X . -22.33 -7.27 -13.36
C16 1PE X . -22.16 -4.94 -12.45
C26 1PE X . -22.66 -6.38 -12.25
OH7 1PE X . -21.07 -4.70 -11.54
#